data_1UB8
# 
_entry.id   1UB8 
# 
_audit_conform.dict_name       mmcif_pdbx.dic 
_audit_conform.dict_version    5.383 
_audit_conform.dict_location   http://mmcif.pdb.org/dictionaries/ascii/mmcif_pdbx.dic 
# 
loop_
_database_2.database_id 
_database_2.database_code 
_database_2.pdbx_database_accession 
_database_2.pdbx_DOI 
PDB   1UB8         pdb_00001ub8 10.2210/pdb1ub8/pdb 
NDB   UD0027       ?            ?                   
RCSB  RCSB005643   ?            ?                   
WWPDB D_1000005643 ?            ?                   
# 
loop_
_pdbx_audit_revision_history.ordinal 
_pdbx_audit_revision_history.data_content_type 
_pdbx_audit_revision_history.major_revision 
_pdbx_audit_revision_history.minor_revision 
_pdbx_audit_revision_history.revision_date 
1 'Structure model' 1 0 2004-03-09 
2 'Structure model' 1 1 2008-04-27 
3 'Structure model' 1 2 2011-07-13 
4 'Structure model' 1 3 2023-12-27 
# 
_pdbx_audit_revision_details.ordinal             1 
_pdbx_audit_revision_details.revision_ordinal    1 
_pdbx_audit_revision_details.data_content_type   'Structure model' 
_pdbx_audit_revision_details.provider            repository 
_pdbx_audit_revision_details.type                'Initial release' 
_pdbx_audit_revision_details.description         ? 
_pdbx_audit_revision_details.details             ? 
# 
loop_
_pdbx_audit_revision_group.ordinal 
_pdbx_audit_revision_group.revision_ordinal 
_pdbx_audit_revision_group.data_content_type 
_pdbx_audit_revision_group.group 
1 2 'Structure model' 'Version format compliance' 
2 3 'Structure model' 'Version format compliance' 
3 4 'Structure model' 'Data collection'           
4 4 'Structure model' 'Database references'       
5 4 'Structure model' 'Derived calculations'      
# 
loop_
_pdbx_audit_revision_category.ordinal 
_pdbx_audit_revision_category.revision_ordinal 
_pdbx_audit_revision_category.data_content_type 
_pdbx_audit_revision_category.category 
1 4 'Structure model' chem_comp_atom 
2 4 'Structure model' chem_comp_bond 
3 4 'Structure model' database_2     
4 4 'Structure model' struct_site    
# 
loop_
_pdbx_audit_revision_item.ordinal 
_pdbx_audit_revision_item.revision_ordinal 
_pdbx_audit_revision_item.data_content_type 
_pdbx_audit_revision_item.item 
1 4 'Structure model' '_database_2.pdbx_DOI'                
2 4 'Structure model' '_database_2.pdbx_database_accession' 
3 4 'Structure model' '_struct_site.pdbx_auth_asym_id'      
4 4 'Structure model' '_struct_site.pdbx_auth_comp_id'      
5 4 'Structure model' '_struct_site.pdbx_auth_seq_id'       
# 
_pdbx_database_status.status_code                     REL 
_pdbx_database_status.entry_id                        1UB8 
_pdbx_database_status.recvd_initial_deposition_date   2003-03-31 
_pdbx_database_status.deposit_site                    PDBJ 
_pdbx_database_status.process_site                    PDBJ 
_pdbx_database_status.status_code_sf                  REL 
_pdbx_database_status.SG_entry                        . 
_pdbx_database_status.pdb_format_compatible           Y 
_pdbx_database_status.status_code_mr                  ? 
_pdbx_database_status.status_code_cs                  ? 
_pdbx_database_status.status_code_nmr_data            ? 
_pdbx_database_status.methods_development_category    ? 
# 
loop_
_audit_author.name 
_audit_author.pdbx_ordinal 
'Sunami, T.'   1 
'Kondo, J.'    2 
'Hirao, I.'    3 
'Watanabe, K.' 4 
'Miura, K.'    5 
'Takenaka, A.' 6 
# 
_citation.id                        primary 
_citation.title                     
;Structures of d(GCGAAGC) and d(GCGAAAGC) (tetragonal form): a switching of partners of the sheared G.A pairs to form a functional G.AxA.G crossing.
;
_citation.journal_abbrev            'Acta Crystallogr.,Sect.D' 
_citation.journal_volume            60 
_citation.page_first                422 
_citation.page_last                 431 
_citation.year                      2004 
_citation.journal_id_ASTM           ABCRE6 
_citation.country                   DK 
_citation.journal_id_ISSN           0907-4449 
_citation.journal_id_CSD            0766 
_citation.book_publisher            ? 
_citation.pdbx_database_id_PubMed   14993665 
_citation.pdbx_database_id_DOI      10.1107/S0907444903028415 
# 
loop_
_citation_author.citation_id 
_citation_author.name 
_citation_author.ordinal 
_citation_author.identifier_ORCID 
primary 'Sunami, T.'   1 ? 
primary 'Kondo, J.'    2 ? 
primary 'Hirao, I.'    3 ? 
primary 'Watanabe, K.' 4 ? 
primary 'Miura, K.'    5 ? 
primary 'Takenaka, A.' 6 ? 
# 
loop_
_entity.id 
_entity.type 
_entity.src_method 
_entity.pdbx_description 
_entity.formula_weight 
_entity.pdbx_number_of_molecules 
_entity.pdbx_ec 
_entity.pdbx_mutation 
_entity.pdbx_fragment 
_entity.details 
1 polymer     syn "5'-D(*GP*CP*GP*AP*AP*GP*C)-3'" 2147.437 6   ? ? ? ? 
2 non-polymer syn 'COBALT HEXAMMINE(III)'         161.116  9   ? ? ? ? 
3 water       nat water                           18.015   304 ? ? ? ? 
# 
_entity_poly.entity_id                      1 
_entity_poly.type                           polydeoxyribonucleotide 
_entity_poly.nstd_linkage                   no 
_entity_poly.nstd_monomer                   no 
_entity_poly.pdbx_seq_one_letter_code       '(DG)(DC)(DG)(DA)(DA)(DG)(DC)' 
_entity_poly.pdbx_seq_one_letter_code_can   GCGAAGC 
_entity_poly.pdbx_strand_id                 A,B,C,D,E,F 
_entity_poly.pdbx_target_identifier         ? 
# 
loop_
_pdbx_entity_nonpoly.entity_id 
_pdbx_entity_nonpoly.name 
_pdbx_entity_nonpoly.comp_id 
2 'COBALT HEXAMMINE(III)' NCO 
3 water                   HOH 
# 
loop_
_entity_poly_seq.entity_id 
_entity_poly_seq.num 
_entity_poly_seq.mon_id 
_entity_poly_seq.hetero 
1 1 DG n 
1 2 DC n 
1 3 DG n 
1 4 DA n 
1 5 DA n 
1 6 DG n 
1 7 DC n 
# 
_pdbx_entity_src_syn.entity_id              1 
_pdbx_entity_src_syn.pdbx_src_id            1 
_pdbx_entity_src_syn.pdbx_alt_source_flag   sample 
_pdbx_entity_src_syn.pdbx_beg_seq_num       ? 
_pdbx_entity_src_syn.pdbx_end_seq_num       ? 
_pdbx_entity_src_syn.organism_scientific    ? 
_pdbx_entity_src_syn.organism_common_name   ? 
_pdbx_entity_src_syn.ncbi_taxonomy_id       ? 
_pdbx_entity_src_syn.details                'chemically synthesized' 
# 
loop_
_chem_comp.id 
_chem_comp.type 
_chem_comp.mon_nstd_flag 
_chem_comp.name 
_chem_comp.pdbx_synonyms 
_chem_comp.formula 
_chem_comp.formula_weight 
DA  'DNA linking' y "2'-DEOXYADENOSINE-5'-MONOPHOSPHATE" ? 'C10 H14 N5 O6 P' 331.222 
DC  'DNA linking' y "2'-DEOXYCYTIDINE-5'-MONOPHOSPHATE"  ? 'C9 H14 N3 O7 P'  307.197 
DG  'DNA linking' y "2'-DEOXYGUANOSINE-5'-MONOPHOSPHATE" ? 'C10 H14 N5 O7 P' 347.221 
HOH non-polymer   . WATER                                ? 'H2 O'            18.015  
NCO non-polymer   . 'COBALT HEXAMMINE(III)'              ? 'Co H18 N6 3'     161.116 
# 
loop_
_pdbx_poly_seq_scheme.asym_id 
_pdbx_poly_seq_scheme.entity_id 
_pdbx_poly_seq_scheme.seq_id 
_pdbx_poly_seq_scheme.mon_id 
_pdbx_poly_seq_scheme.ndb_seq_num 
_pdbx_poly_seq_scheme.pdb_seq_num 
_pdbx_poly_seq_scheme.auth_seq_num 
_pdbx_poly_seq_scheme.pdb_mon_id 
_pdbx_poly_seq_scheme.auth_mon_id 
_pdbx_poly_seq_scheme.pdb_strand_id 
_pdbx_poly_seq_scheme.pdb_ins_code 
_pdbx_poly_seq_scheme.hetero 
A 1 1 DG 1 1 1 DG GUA A . n 
A 1 2 DC 2 2 2 DC CYT A . n 
A 1 3 DG 3 3 3 DG GUA A . n 
A 1 4 DA 4 4 4 DA ADE A . n 
A 1 5 DA 5 5 5 DA ADE A . n 
A 1 6 DG 6 6 6 DG GUA A . n 
A 1 7 DC 7 7 7 DC CYT A . n 
B 1 1 DG 1 1 1 DG GUA B . n 
B 1 2 DC 2 2 2 DC CYT B . n 
B 1 3 DG 3 3 3 DG GUA B . n 
B 1 4 DA 4 4 4 DA ADE B . n 
B 1 5 DA 5 5 5 DA ADE B . n 
B 1 6 DG 6 6 6 DG GUA B . n 
B 1 7 DC 7 7 7 DC CYT B . n 
C 1 1 DG 1 1 1 DG GUA C . n 
C 1 2 DC 2 2 2 DC CYT C . n 
C 1 3 DG 3 3 3 DG GUA C . n 
C 1 4 DA 4 4 4 DA ADE C . n 
C 1 5 DA 5 5 5 DA ADE C . n 
C 1 6 DG 6 6 6 DG GUA C . n 
C 1 7 DC 7 7 7 DC CYT C . n 
D 1 1 DG 1 1 1 DG GUA D . n 
D 1 2 DC 2 2 2 DC CYT D . n 
D 1 3 DG 3 3 3 DG GUA D . n 
D 1 4 DA 4 4 4 DA ADE D . n 
D 1 5 DA 5 5 5 DA ADE D . n 
D 1 6 DG 6 6 6 DG GUA D . n 
D 1 7 DC 7 7 7 DC CYT D . n 
E 1 1 DG 1 1 1 DG GUA E . n 
E 1 2 DC 2 2 2 DC CYT E . n 
E 1 3 DG 3 3 3 DG GUA E . n 
E 1 4 DA 4 4 4 DA ADE E . n 
E 1 5 DA 5 5 5 DA ADE E . n 
E 1 6 DG 6 6 6 DG GUA E . n 
E 1 7 DC 7 7 7 DC CYT E . n 
F 1 1 DG 1 1 1 DG GUA F . n 
F 1 2 DC 2 2 2 DC CYT F . n 
F 1 3 DG 3 3 3 DG GUA F . n 
F 1 4 DA 4 4 4 DA ADE F . n 
F 1 5 DA 5 5 5 DA ADE F . n 
F 1 6 DG 6 6 6 DG GUA F . n 
F 1 7 DC 7 7 7 DC CYT F . n 
# 
loop_
_pdbx_nonpoly_scheme.asym_id 
_pdbx_nonpoly_scheme.entity_id 
_pdbx_nonpoly_scheme.mon_id 
_pdbx_nonpoly_scheme.ndb_seq_num 
_pdbx_nonpoly_scheme.pdb_seq_num 
_pdbx_nonpoly_scheme.auth_seq_num 
_pdbx_nonpoly_scheme.pdb_mon_id 
_pdbx_nonpoly_scheme.auth_mon_id 
_pdbx_nonpoly_scheme.pdb_strand_id 
_pdbx_nonpoly_scheme.pdb_ins_code 
G 2 NCO 1  1401 401 NCO NCO A . 
H 2 NCO 1  404  404 NCO NCO B . 
I 2 NCO 1  406  406 NCO NCO B . 
J 2 NCO 1  407  407 NCO NCO C . 
K 2 NCO 1  408  408 NCO NCO C . 
L 2 NCO 1  400  400 NCO NCO D . 
M 2 NCO 1  402  402 NCO NCO D . 
N 2 NCO 1  403  403 NCO NCO E . 
O 2 NCO 1  405  405 NCO NCO F . 
P 3 HOH 1  1402 1   HOH TIP A . 
P 3 HOH 2  1403 2   HOH TIP A . 
P 3 HOH 3  1404 3   HOH TIP A . 
P 3 HOH 4  1405 4   HOH TIP A . 
P 3 HOH 5  1406 6   HOH TIP A . 
P 3 HOH 6  1407 7   HOH TIP A . 
P 3 HOH 7  1408 8   HOH TIP A . 
P 3 HOH 8  1409 9   HOH TIP A . 
P 3 HOH 9  1410 12  HOH TIP A . 
P 3 HOH 10 1411 13  HOH TIP A . 
P 3 HOH 11 1412 16  HOH TIP A . 
P 3 HOH 12 1413 17  HOH TIP A . 
P 3 HOH 13 1414 19  HOH TIP A . 
P 3 HOH 14 1415 20  HOH TIP A . 
P 3 HOH 15 1416 21  HOH TIP A . 
P 3 HOH 16 1417 23  HOH TIP A . 
P 3 HOH 17 1418 67  HOH TIP A . 
P 3 HOH 18 1419 115 HOH TIP A . 
P 3 HOH 19 1420 119 HOH TIP A . 
P 3 HOH 20 1421 122 HOH TIP A . 
P 3 HOH 21 1422 123 HOH TIP A . 
P 3 HOH 22 1423 127 HOH TIP A . 
P 3 HOH 23 1424 133 HOH TIP A . 
P 3 HOH 24 1425 139 HOH TIP A . 
P 3 HOH 25 1426 144 HOH TIP A . 
P 3 HOH 26 1427 145 HOH TIP A . 
P 3 HOH 27 1428 151 HOH TIP A . 
P 3 HOH 28 1429 161 HOH TIP A . 
P 3 HOH 29 1430 164 HOH TIP A . 
P 3 HOH 30 1431 176 HOH TIP A . 
P 3 HOH 31 1432 38  HOH TIP A . 
P 3 HOH 32 1433 42  HOH TIP A . 
P 3 HOH 33 1434 63  HOH TIP A . 
P 3 HOH 34 1435 183 HOH TIP A . 
P 3 HOH 35 1436 190 HOH TIP A . 
P 3 HOH 36 1437 206 HOH TIP A . 
P 3 HOH 37 1438 238 HOH TIP A . 
P 3 HOH 38 1439 243 HOH TIP A . 
P 3 HOH 39 1440 262 HOH TIP A . 
P 3 HOH 40 1441 263 HOH TIP A . 
P 3 HOH 41 1442 270 HOH TIP A . 
P 3 HOH 42 1443 272 HOH TIP A . 
P 3 HOH 43 1444 277 HOH TIP A . 
P 3 HOH 44 1445 282 HOH TIP A . 
P 3 HOH 45 1446 306 HOH TIP A . 
P 3 HOH 46 1447 307 HOH TIP A . 
P 3 HOH 47 1448 314 HOH TIP A . 
P 3 HOH 48 1449 318 HOH TIP A . 
P 3 HOH 49 1450 319 HOH TIP A . 
P 3 HOH 50 1451 326 HOH TIP A . 
P 3 HOH 51 1452 335 HOH TIP A . 
P 3 HOH 52 1453 337 HOH TIP A . 
P 3 HOH 53 1454 349 HOH TIP A . 
P 3 HOH 54 1455 356 HOH TIP A . 
P 3 HOH 55 1456 367 HOH TIP A . 
P 3 HOH 56 1457 368 HOH TIP A . 
P 3 HOH 57 1458 370 HOH TIP A . 
P 3 HOH 58 1459 371 HOH TIP A . 
P 3 HOH 59 1460 372 HOH TIP A . 
P 3 HOH 60 1461 374 HOH TIP A . 
P 3 HOH 61 1462 378 HOH TIP A . 
P 3 HOH 62 1463 385 HOH TIP A . 
P 3 HOH 63 1464 392 HOH TIP A . 
P 3 HOH 64 1465 398 HOH TIP A . 
Q 3 HOH 1  11   11  HOH TIP B . 
Q 3 HOH 2  25   25  HOH TIP B . 
Q 3 HOH 3  26   26  HOH TIP B . 
Q 3 HOH 4  27   27  HOH TIP B . 
Q 3 HOH 5  28   28  HOH TIP B . 
Q 3 HOH 6  29   29  HOH TIP B . 
Q 3 HOH 7  30   30  HOH TIP B . 
Q 3 HOH 8  32   32  HOH TIP B . 
Q 3 HOH 9  33   33  HOH TIP B . 
Q 3 HOH 10 34   34  HOH TIP B . 
Q 3 HOH 11 35   35  HOH TIP B . 
Q 3 HOH 12 36   36  HOH TIP B . 
Q 3 HOH 13 37   37  HOH TIP B . 
Q 3 HOH 14 40   40  HOH TIP B . 
Q 3 HOH 15 41   41  HOH TIP B . 
Q 3 HOH 16 43   43  HOH TIP B . 
Q 3 HOH 17 44   44  HOH TIP B . 
Q 3 HOH 18 45   45  HOH TIP B . 
Q 3 HOH 19 47   47  HOH TIP B . 
Q 3 HOH 20 48   48  HOH TIP B . 
Q 3 HOH 21 66   66  HOH TIP B . 
Q 3 HOH 22 90   90  HOH TIP B . 
Q 3 HOH 23 118  118 HOH TIP B . 
Q 3 HOH 24 124  124 HOH TIP B . 
Q 3 HOH 25 125  125 HOH TIP B . 
Q 3 HOH 26 126  126 HOH TIP B . 
Q 3 HOH 27 130  130 HOH TIP B . 
Q 3 HOH 28 134  134 HOH TIP B . 
Q 3 HOH 29 143  143 HOH TIP B . 
Q 3 HOH 30 147  147 HOH TIP B . 
Q 3 HOH 31 155  155 HOH TIP B . 
Q 3 HOH 32 157  157 HOH TIP B . 
Q 3 HOH 33 186  186 HOH TIP B . 
Q 3 HOH 34 196  196 HOH TIP B . 
Q 3 HOH 35 202  202 HOH TIP B . 
Q 3 HOH 36 203  203 HOH TIP B . 
Q 3 HOH 37 207  207 HOH TIP B . 
Q 3 HOH 38 213  213 HOH TIP B . 
Q 3 HOH 39 214  214 HOH TIP B . 
Q 3 HOH 40 219  219 HOH TIP B . 
Q 3 HOH 41 220  220 HOH TIP B . 
Q 3 HOH 42 224  224 HOH TIP B . 
Q 3 HOH 43 231  231 HOH TIP B . 
Q 3 HOH 44 241  241 HOH TIP B . 
Q 3 HOH 45 280  280 HOH TIP B . 
Q 3 HOH 46 287  287 HOH TIP B . 
Q 3 HOH 47 294  294 HOH TIP B . 
Q 3 HOH 48 298  298 HOH TIP B . 
Q 3 HOH 49 299  299 HOH TIP B . 
Q 3 HOH 50 303  303 HOH TIP B . 
Q 3 HOH 51 320  320 HOH TIP B . 
Q 3 HOH 52 323  323 HOH TIP B . 
Q 3 HOH 53 327  327 HOH TIP B . 
Q 3 HOH 54 334  334 HOH TIP B . 
Q 3 HOH 55 338  338 HOH TIP B . 
Q 3 HOH 56 348  348 HOH TIP B . 
Q 3 HOH 57 361  361 HOH TIP B . 
Q 3 HOH 58 376  376 HOH TIP B . 
Q 3 HOH 59 382  382 HOH TIP B . 
Q 3 HOH 60 383  383 HOH TIP B . 
Q 3 HOH 61 391  391 HOH TIP B . 
Q 3 HOH 62 401  401 HOH TIP B . 
Q 3 HOH 63 1184 184 HOH TIP B . 
R 3 HOH 1  51   51  HOH TIP C . 
R 3 HOH 2  52   52  HOH TIP C . 
R 3 HOH 3  53   53  HOH TIP C . 
R 3 HOH 4  54   54  HOH TIP C . 
R 3 HOH 5  55   55  HOH TIP C . 
R 3 HOH 6  148  148 HOH TIP C . 
R 3 HOH 7  168  168 HOH TIP C . 
R 3 HOH 8  171  171 HOH TIP C . 
R 3 HOH 9  174  174 HOH TIP C . 
R 3 HOH 10 175  175 HOH TIP C . 
R 3 HOH 11 194  194 HOH TIP C . 
R 3 HOH 12 242  242 HOH TIP C . 
R 3 HOH 13 244  244 HOH TIP C . 
R 3 HOH 14 253  253 HOH TIP C . 
R 3 HOH 15 254  254 HOH TIP C . 
R 3 HOH 16 264  264 HOH TIP C . 
R 3 HOH 17 274  274 HOH TIP C . 
R 3 HOH 18 281  281 HOH TIP C . 
R 3 HOH 19 291  291 HOH TIP C . 
R 3 HOH 20 300  300 HOH TIP C . 
R 3 HOH 21 315  315 HOH TIP C . 
R 3 HOH 22 344  344 HOH TIP C . 
R 3 HOH 23 366  366 HOH TIP C . 
S 3 HOH 1  10   10  HOH TIP D . 
S 3 HOH 2  57   57  HOH TIP D . 
S 3 HOH 3  58   58  HOH TIP D . 
S 3 HOH 4  59   59  HOH TIP D . 
S 3 HOH 5  60   60  HOH TIP D . 
S 3 HOH 6  61   61  HOH TIP D . 
S 3 HOH 7  64   64  HOH TIP D . 
S 3 HOH 8  65   65  HOH TIP D . 
S 3 HOH 9  68   68  HOH TIP D . 
S 3 HOH 10 69   69  HOH TIP D . 
S 3 HOH 11 73   73  HOH TIP D . 
S 3 HOH 12 75   75  HOH TIP D . 
S 3 HOH 13 121  121 HOH TIP D . 
S 3 HOH 14 136  136 HOH TIP D . 
S 3 HOH 15 137  137 HOH TIP D . 
S 3 HOH 16 153  153 HOH TIP D . 
S 3 HOH 17 154  154 HOH TIP D . 
S 3 HOH 18 156  156 HOH TIP D . 
S 3 HOH 19 159  159 HOH TIP D . 
S 3 HOH 20 160  160 HOH TIP D . 
S 3 HOH 21 165  165 HOH TIP D . 
S 3 HOH 22 166  166 HOH TIP D . 
S 3 HOH 23 167  167 HOH TIP D . 
S 3 HOH 24 184  184 HOH TIP D . 
S 3 HOH 25 189  189 HOH TIP D . 
S 3 HOH 26 199  199 HOH TIP D . 
S 3 HOH 27 201  201 HOH TIP D . 
S 3 HOH 28 209  209 HOH TIP D . 
S 3 HOH 29 210  210 HOH TIP D . 
S 3 HOH 30 215  215 HOH TIP D . 
S 3 HOH 31 229  229 HOH TIP D . 
S 3 HOH 32 261  261 HOH TIP D . 
S 3 HOH 33 289  289 HOH TIP D . 
S 3 HOH 34 295  295 HOH TIP D . 
S 3 HOH 35 316  316 HOH TIP D . 
S 3 HOH 36 341  341 HOH TIP D . 
S 3 HOH 37 377  377 HOH TIP D . 
S 3 HOH 38 393  393 HOH TIP D . 
T 3 HOH 1  31   31  HOH TIP E . 
T 3 HOH 2  39   39  HOH TIP E . 
T 3 HOH 3  81   81  HOH TIP E . 
T 3 HOH 4  82   82  HOH TIP E . 
T 3 HOH 5  83   83  HOH TIP E . 
T 3 HOH 6  85   85  HOH TIP E . 
T 3 HOH 7  86   86  HOH TIP E . 
T 3 HOH 8  87   87  HOH TIP E . 
T 3 HOH 9  88   88  HOH TIP E . 
T 3 HOH 10 89   89  HOH TIP E . 
T 3 HOH 11 92   92  HOH TIP E . 
T 3 HOH 12 93   93  HOH TIP E . 
T 3 HOH 13 94   94  HOH TIP E . 
T 3 HOH 14 95   95  HOH TIP E . 
T 3 HOH 15 96   96  HOH TIP E . 
T 3 HOH 16 97   97  HOH TIP E . 
T 3 HOH 17 98   98  HOH TIP E . 
T 3 HOH 18 100  100 HOH TIP E . 
T 3 HOH 19 101  101 HOH TIP E . 
T 3 HOH 20 128  128 HOH TIP E . 
T 3 HOH 21 129  129 HOH TIP E . 
T 3 HOH 22 131  131 HOH TIP E . 
T 3 HOH 23 138  138 HOH TIP E . 
T 3 HOH 24 141  141 HOH TIP E . 
T 3 HOH 25 142  142 HOH TIP E . 
T 3 HOH 26 146  146 HOH TIP E . 
T 3 HOH 27 152  152 HOH TIP E . 
T 3 HOH 28 158  158 HOH TIP E . 
T 3 HOH 29 169  169 HOH TIP E . 
T 3 HOH 30 170  170 HOH TIP E . 
T 3 HOH 31 173  173 HOH TIP E . 
T 3 HOH 32 177  177 HOH TIP E . 
T 3 HOH 33 185  185 HOH TIP E . 
T 3 HOH 34 192  192 HOH TIP E . 
T 3 HOH 35 204  204 HOH TIP E . 
T 3 HOH 36 205  205 HOH TIP E . 
T 3 HOH 37 211  211 HOH TIP E . 
T 3 HOH 38 212  212 HOH TIP E . 
T 3 HOH 39 217  217 HOH TIP E . 
T 3 HOH 40 218  218 HOH TIP E . 
T 3 HOH 41 221  221 HOH TIP E . 
T 3 HOH 42 222  222 HOH TIP E . 
T 3 HOH 43 230  230 HOH TIP E . 
T 3 HOH 44 232  232 HOH TIP E . 
T 3 HOH 45 234  234 HOH TIP E . 
T 3 HOH 46 237  237 HOH TIP E . 
T 3 HOH 47 239  239 HOH TIP E . 
T 3 HOH 48 245  245 HOH TIP E . 
T 3 HOH 49 246  246 HOH TIP E . 
T 3 HOH 50 247  247 HOH TIP E . 
T 3 HOH 51 256  256 HOH TIP E . 
T 3 HOH 52 258  258 HOH TIP E . 
T 3 HOH 53 265  265 HOH TIP E . 
T 3 HOH 54 269  269 HOH TIP E . 
T 3 HOH 55 275  275 HOH TIP E . 
T 3 HOH 56 278  278 HOH TIP E . 
T 3 HOH 57 283  283 HOH TIP E . 
T 3 HOH 58 285  285 HOH TIP E . 
T 3 HOH 59 292  292 HOH TIP E . 
T 3 HOH 60 293  293 HOH TIP E . 
T 3 HOH 61 296  296 HOH TIP E . 
T 3 HOH 62 301  301 HOH TIP E . 
T 3 HOH 63 302  302 HOH TIP E . 
T 3 HOH 64 308  308 HOH TIP E . 
T 3 HOH 65 309  309 HOH TIP E . 
T 3 HOH 66 310  310 HOH TIP E . 
T 3 HOH 67 321  321 HOH TIP E . 
T 3 HOH 68 322  322 HOH TIP E . 
T 3 HOH 69 325  325 HOH TIP E . 
T 3 HOH 70 329  329 HOH TIP E . 
T 3 HOH 71 332  332 HOH TIP E . 
T 3 HOH 72 339  339 HOH TIP E . 
T 3 HOH 73 340  340 HOH TIP E . 
T 3 HOH 74 342  342 HOH TIP E . 
T 3 HOH 75 345  345 HOH TIP E . 
T 3 HOH 76 347  347 HOH TIP E . 
T 3 HOH 77 350  350 HOH TIP E . 
T 3 HOH 78 351  351 HOH TIP E . 
T 3 HOH 79 352  352 HOH TIP E . 
T 3 HOH 80 353  353 HOH TIP E . 
T 3 HOH 81 355  355 HOH TIP E . 
T 3 HOH 82 360  360 HOH TIP E . 
T 3 HOH 83 362  362 HOH TIP E . 
T 3 HOH 84 373  373 HOH TIP E . 
T 3 HOH 85 380  380 HOH TIP E . 
T 3 HOH 86 381  381 HOH TIP E . 
T 3 HOH 87 395  395 HOH TIP E . 
U 3 HOH 1  103  103 HOH TIP F . 
U 3 HOH 2  104  104 HOH TIP F . 
U 3 HOH 3  105  105 HOH TIP F . 
U 3 HOH 4  106  106 HOH TIP F . 
U 3 HOH 5  107  107 HOH TIP F . 
U 3 HOH 6  110  110 HOH TIP F . 
U 3 HOH 7  135  135 HOH TIP F . 
U 3 HOH 8  140  140 HOH TIP F . 
U 3 HOH 9  149  149 HOH TIP F . 
U 3 HOH 10 181  181 HOH TIP F . 
U 3 HOH 11 187  187 HOH TIP F . 
U 3 HOH 12 195  195 HOH TIP F . 
U 3 HOH 13 197  197 HOH TIP F . 
U 3 HOH 14 208  208 HOH TIP F . 
U 3 HOH 15 216  216 HOH TIP F . 
U 3 HOH 16 236  236 HOH TIP F . 
U 3 HOH 17 249  249 HOH TIP F . 
U 3 HOH 18 259  259 HOH TIP F . 
U 3 HOH 19 268  268 HOH TIP F . 
U 3 HOH 20 273  273 HOH TIP F . 
U 3 HOH 21 288  288 HOH TIP F . 
U 3 HOH 22 304  304 HOH TIP F . 
U 3 HOH 23 305  305 HOH TIP F . 
U 3 HOH 24 311  311 HOH TIP F . 
U 3 HOH 25 324  324 HOH TIP F . 
U 3 HOH 26 330  330 HOH TIP F . 
U 3 HOH 27 365  365 HOH TIP F . 
U 3 HOH 28 390  390 HOH TIP F . 
U 3 HOH 29 394  394 HOH TIP F . 
# 
loop_
_software.name 
_software.classification 
_software.version 
_software.citation_id 
_software.pdbx_ordinal 
MOSFLM 'data reduction' .         ? 1 
SCALA  'data scaling'   .         ? 2 
SOLVE  phasing          .         ? 3 
CNS    refinement       .         ? 4 
CCP4   'data scaling'   '(SCALA)' ? 5 
# 
_cell.entry_id           1UB8 
_cell.length_a           48.675 
_cell.length_b           48.856 
_cell.length_c           63.761 
_cell.angle_alpha        90.00 
_cell.angle_beta         90.00 
_cell.angle_gamma        90.00 
_cell.Z_PDB              24 
_cell.pdbx_unique_axis   ? 
# 
_symmetry.entry_id                         1UB8 
_symmetry.space_group_name_H-M             'P 21 21 21' 
_symmetry.pdbx_full_space_group_name_H-M   ? 
_symmetry.cell_setting                     ? 
_symmetry.Int_Tables_number                19 
# 
_exptl.entry_id          1UB8 
_exptl.method            'X-RAY DIFFRACTION' 
_exptl.crystals_number   1 
# 
_exptl_crystal.id                    1 
_exptl_crystal.density_meas          ? 
_exptl_crystal.density_Matthews      2.21 
_exptl_crystal.density_percent_sol   43.92 
_exptl_crystal.description           ? 
# 
_exptl_crystal_grow.crystal_id      1 
_exptl_crystal_grow.method          'VAPOR DIFFUSION, HANGING DROP' 
_exptl_crystal_grow.temp            277 
_exptl_crystal_grow.temp_details    ? 
_exptl_crystal_grow.pH              6 
_exptl_crystal_grow.pdbx_details    
;sodium cacodylate, sodium chloride, potassium chloride, hexaamminecobalt(III) chloride, MEGA-10, 2-methyl-2,4-pentanediol, pH 6, VAPOR DIFFUSION, HANGING DROP, temperature 277K
;
_exptl_crystal_grow.pdbx_pH_range   . 
# 
loop_
_exptl_crystal_grow_comp.crystal_id 
_exptl_crystal_grow_comp.id 
_exptl_crystal_grow_comp.sol_id 
_exptl_crystal_grow_comp.name 
_exptl_crystal_grow_comp.volume 
_exptl_crystal_grow_comp.conc 
_exptl_crystal_grow_comp.details 
1 1 1 'sodium cacodylate'              ? ? ? 
1 2 1 'sodium chloride'                ? ? ? 
1 3 1 'potassium chloride'             ? ? ? 
1 4 1 'hexaamminecobalt(III) chloride' ? ? ? 
1 5 1 MEGA-10                          ? ? ? 
1 6 1 2-methyl-2,4-pentanediol         ? ? ? 
1 7 2 'sodium cacodylate'              ? ? ? 
1 8 2 'sodium chloride'                ? ? ? 
1 9 2 'potassium chloride'             ? ? ? 
# 
_diffrn.id                     1 
_diffrn.ambient_temp           100 
_diffrn.ambient_temp_details   ? 
_diffrn.crystal_id             1 
# 
_diffrn_detector.diffrn_id              1 
_diffrn_detector.detector               CCD 
_diffrn_detector.type                   'ADSC QUANTUM 4' 
_diffrn_detector.pdbx_collection_date   2000-12-12 
_diffrn_detector.details                ? 
# 
_diffrn_radiation.diffrn_id                        1 
_diffrn_radiation.wavelength_id                    1 
_diffrn_radiation.pdbx_monochromatic_or_laue_m_l   M 
_diffrn_radiation.monochromator                    ? 
_diffrn_radiation.pdbx_diffrn_protocol             MAD 
_diffrn_radiation.pdbx_scattering_type             x-ray 
# 
_diffrn_radiation_wavelength.id           1 
_diffrn_radiation_wavelength.wavelength   1.0 
_diffrn_radiation_wavelength.wt           1.0 
# 
_diffrn_source.diffrn_id                   1 
_diffrn_source.source                      SYNCHROTRON 
_diffrn_source.type                        'PHOTON FACTORY BEAMLINE BL-18B' 
_diffrn_source.pdbx_synchrotron_site       'Photon Factory' 
_diffrn_source.pdbx_synchrotron_beamline   BL-18B 
_diffrn_source.pdbx_wavelength             ? 
_diffrn_source.pdbx_wavelength_list        1.0 
# 
_reflns.entry_id                     1UB8 
_reflns.observed_criterion_sigma_F   ? 
_reflns.observed_criterion_sigma_I   ? 
_reflns.d_resolution_high            1.6 
_reflns.d_resolution_low             24 
_reflns.number_all                   20712 
_reflns.number_obs                   20709 
_reflns.percent_possible_obs         100 
_reflns.pdbx_Rmerge_I_obs            0.067 
_reflns.pdbx_Rsym_value              ? 
_reflns.pdbx_netI_over_sigmaI        6.4 
_reflns.B_iso_Wilson_estimate        ? 
_reflns.pdbx_redundancy              ? 
_reflns.R_free_details               ? 
_reflns.pdbx_diffrn_id               1 
_reflns.pdbx_ordinal                 1 
# 
_reflns_shell.d_res_high             1.6 
_reflns_shell.d_res_low              1.69 
_reflns_shell.percent_possible_all   100 
_reflns_shell.Rmerge_I_obs           0.299 
_reflns_shell.pdbx_Rsym_value        ? 
_reflns_shell.meanI_over_sigI_obs    2.2 
_reflns_shell.pdbx_redundancy        ? 
_reflns_shell.percent_possible_obs   ? 
_reflns_shell.number_unique_all      ? 
_reflns_shell.pdbx_diffrn_id         ? 
_reflns_shell.pdbx_ordinal           1 
# 
_refine.entry_id                                 1UB8 
_refine.ls_d_res_high                            1.6 
_refine.ls_d_res_low                             24 
_refine.pdbx_ls_sigma_F                          3 
_refine.pdbx_ls_sigma_I                          ? 
_refine.ls_number_reflns_all                     20662 
_refine.ls_number_reflns_obs                     20173 
_refine.ls_number_reflns_R_free                  1999 
_refine.ls_percent_reflns_obs                    ? 
_refine.ls_R_factor_all                          ? 
_refine.ls_R_factor_obs                          ? 
_refine.ls_R_factor_R_work                       0.1942 
_refine.ls_R_factor_R_free                       0.2315 
_refine.ls_redundancy_reflns_obs                 ? 
_refine.pdbx_data_cutoff_high_absF               ? 
_refine.pdbx_data_cutoff_low_absF                ? 
_refine.ls_number_parameters                     ? 
_refine.ls_number_restraints                     ? 
_refine.ls_percent_reflns_R_free                 ? 
_refine.ls_R_factor_R_free_error                 ? 
_refine.ls_R_factor_R_free_error_details         ? 
_refine.pdbx_method_to_determine_struct          MAD 
_refine.pdbx_starting_model                      ? 
_refine.pdbx_ls_cross_valid_method               ? 
_refine.pdbx_R_Free_selection_details            RANDOM 
_refine.pdbx_stereochem_target_val_spec_case     ? 
_refine.pdbx_stereochemistry_target_values       ? 
_refine.solvent_model_details                    ? 
_refine.solvent_model_param_bsol                 ? 
_refine.solvent_model_param_ksol                 ? 
_refine.occupancy_max                            ? 
_refine.occupancy_min                            ? 
_refine.pdbx_isotropic_thermal_model             ? 
_refine.B_iso_mean                               ? 
_refine.aniso_B[1][1]                            ? 
_refine.aniso_B[1][2]                            ? 
_refine.aniso_B[1][3]                            ? 
_refine.aniso_B[2][2]                            ? 
_refine.aniso_B[2][3]                            ? 
_refine.aniso_B[3][3]                            ? 
_refine.details                                  ? 
_refine.correlation_coeff_Fo_to_Fc               ? 
_refine.correlation_coeff_Fo_to_Fc_free          ? 
_refine.pdbx_solvent_vdw_probe_radii             ? 
_refine.pdbx_solvent_ion_probe_radii             ? 
_refine.pdbx_solvent_shrinkage_radii             ? 
_refine.overall_SU_R_Cruickshank_DPI             ? 
_refine.overall_SU_R_free                        ? 
_refine.overall_SU_B                             ? 
_refine.overall_SU_ML                            ? 
_refine.pdbx_overall_ESU_R                       ? 
_refine.pdbx_overall_ESU_R_Free                  ? 
_refine.pdbx_data_cutoff_high_rms_absF           ? 
_refine.pdbx_refine_id                           'X-RAY DIFFRACTION' 
_refine.pdbx_diffrn_id                           1 
_refine.pdbx_TLS_residual_ADP_flag               ? 
_refine.pdbx_overall_phase_error                 ? 
_refine.pdbx_overall_SU_R_free_Cruickshank_DPI   ? 
_refine.pdbx_overall_SU_R_Blow_DPI               ? 
_refine.pdbx_overall_SU_R_free_Blow_DPI          ? 
# 
_refine_hist.pdbx_refine_id                   'X-RAY DIFFRACTION' 
_refine_hist.cycle_id                         LAST 
_refine_hist.pdbx_number_atoms_protein        0 
_refine_hist.pdbx_number_atoms_nucleic_acid   858 
_refine_hist.pdbx_number_atoms_ligand         63 
_refine_hist.number_atoms_solvent             304 
_refine_hist.number_atoms_total               1225 
_refine_hist.d_res_high                       1.6 
_refine_hist.d_res_low                        24 
# 
loop_
_refine_ls_restr.type 
_refine_ls_restr.dev_ideal 
_refine_ls_restr.dev_ideal_target 
_refine_ls_restr.weight 
_refine_ls_restr.number 
_refine_ls_restr.pdbx_refine_id 
_refine_ls_restr.pdbx_restraint_function 
c_angle_deg 0.7   ? ? ? 'X-RAY DIFFRACTION' ? 
c_bond_d    0.003 ? ? ? 'X-RAY DIFFRACTION' ? 
# 
_refine_ls_shell.pdbx_total_number_of_bins_used   ? 
_refine_ls_shell.d_res_high                       1.6 
_refine_ls_shell.d_res_low                        1.66 
_refine_ls_shell.number_reflns_R_work             ? 
_refine_ls_shell.R_factor_R_work                  0.2413 
_refine_ls_shell.percent_reflns_obs               ? 
_refine_ls_shell.R_factor_R_free                  0.2721 
_refine_ls_shell.R_factor_R_free_error            ? 
_refine_ls_shell.percent_reflns_R_free            ? 
_refine_ls_shell.number_reflns_R_free             195 
_refine_ls_shell.redundancy_reflns_obs            ? 
_refine_ls_shell.pdbx_refine_id                   'X-RAY DIFFRACTION' 
_refine_ls_shell.number_reflns_all                ? 
_refine_ls_shell.R_factor_all                     ? 
# 
_struct.entry_id                  1UB8 
_struct.title                     'Crystal structure of d(GCGAAGC), bending duplex with a bulge-in residue' 
_struct.pdbx_model_details        ? 
_struct.pdbx_CASP_flag            ? 
_struct.pdbx_model_type_details   ? 
# 
_struct_keywords.entry_id        1UB8 
_struct_keywords.pdbx_keywords   DNA 
_struct_keywords.text            'DNA, sheared G:A pair, bulge-in duplex, G:AxA:G crossing' 
# 
loop_
_struct_asym.id 
_struct_asym.pdbx_blank_PDB_chainid_flag 
_struct_asym.pdbx_modified 
_struct_asym.entity_id 
_struct_asym.details 
A N N 1 ? 
B N N 1 ? 
C N N 1 ? 
D N N 1 ? 
E N N 1 ? 
F N N 1 ? 
G N N 2 ? 
H N N 2 ? 
I N N 2 ? 
J N N 2 ? 
K N N 2 ? 
L N N 2 ? 
M N N 2 ? 
N N N 2 ? 
O N N 2 ? 
P N N 3 ? 
Q N N 3 ? 
R N N 3 ? 
S N N 3 ? 
T N N 3 ? 
U N N 3 ? 
# 
_struct_ref.id                         1 
_struct_ref.entity_id                  1 
_struct_ref.db_name                    PDB 
_struct_ref.db_code                    1UB8 
_struct_ref.pdbx_db_accession          1UB8 
_struct_ref.pdbx_db_isoform            ? 
_struct_ref.pdbx_seq_one_letter_code   ? 
_struct_ref.pdbx_align_begin           ? 
# 
loop_
_struct_ref_seq.align_id 
_struct_ref_seq.ref_id 
_struct_ref_seq.pdbx_PDB_id_code 
_struct_ref_seq.pdbx_strand_id 
_struct_ref_seq.seq_align_beg 
_struct_ref_seq.pdbx_seq_align_beg_ins_code 
_struct_ref_seq.seq_align_end 
_struct_ref_seq.pdbx_seq_align_end_ins_code 
_struct_ref_seq.pdbx_db_accession 
_struct_ref_seq.db_align_beg 
_struct_ref_seq.pdbx_db_align_beg_ins_code 
_struct_ref_seq.db_align_end 
_struct_ref_seq.pdbx_db_align_end_ins_code 
_struct_ref_seq.pdbx_auth_seq_align_beg 
_struct_ref_seq.pdbx_auth_seq_align_end 
1 1 1UB8 A 1 ? 7 ? 1UB8 1 ? 7 ? 1 7 
2 1 1UB8 B 1 ? 7 ? 1UB8 1 ? 7 ? 1 7 
3 1 1UB8 C 1 ? 7 ? 1UB8 1 ? 7 ? 1 7 
4 1 1UB8 D 1 ? 7 ? 1UB8 1 ? 7 ? 1 7 
5 1 1UB8 E 1 ? 7 ? 1UB8 1 ? 7 ? 1 7 
6 1 1UB8 F 1 ? 7 ? 1UB8 1 ? 7 ? 1 7 
# 
loop_
_pdbx_struct_assembly.id 
_pdbx_struct_assembly.details 
_pdbx_struct_assembly.method_details 
_pdbx_struct_assembly.oligomeric_details 
_pdbx_struct_assembly.oligomeric_count 
1 author_defined_assembly ? dimeric 2 
2 author_defined_assembly ? dimeric 2 
3 author_defined_assembly ? dimeric 2 
# 
loop_
_pdbx_struct_assembly_gen.assembly_id 
_pdbx_struct_assembly_gen.oper_expression 
_pdbx_struct_assembly_gen.asym_id_list 
1 1 A,B,G,H,I,P,Q   
2 1 C,D,J,K,L,M,R,S 
3 1 E,F,N,O,T,U     
# 
_pdbx_struct_oper_list.id                   1 
_pdbx_struct_oper_list.type                 'identity operation' 
_pdbx_struct_oper_list.name                 1_555 
_pdbx_struct_oper_list.symmetry_operation   x,y,z 
_pdbx_struct_oper_list.matrix[1][1]         1.0000000000 
_pdbx_struct_oper_list.matrix[1][2]         0.0000000000 
_pdbx_struct_oper_list.matrix[1][3]         0.0000000000 
_pdbx_struct_oper_list.vector[1]            0.0000000000 
_pdbx_struct_oper_list.matrix[2][1]         0.0000000000 
_pdbx_struct_oper_list.matrix[2][2]         1.0000000000 
_pdbx_struct_oper_list.matrix[2][3]         0.0000000000 
_pdbx_struct_oper_list.vector[2]            0.0000000000 
_pdbx_struct_oper_list.matrix[3][1]         0.0000000000 
_pdbx_struct_oper_list.matrix[3][2]         0.0000000000 
_pdbx_struct_oper_list.matrix[3][3]         1.0000000000 
_pdbx_struct_oper_list.vector[3]            0.0000000000 
# 
loop_
_struct_biol.id 
_struct_biol.pdbx_parent_biol_id 
_struct_biol.details 
1 ? ? 
2 ? ? 
3 ? ? 
# 
loop_
_struct_conn.id 
_struct_conn.conn_type_id 
_struct_conn.pdbx_leaving_atom_flag 
_struct_conn.pdbx_PDB_id 
_struct_conn.ptnr1_label_asym_id 
_struct_conn.ptnr1_label_comp_id 
_struct_conn.ptnr1_label_seq_id 
_struct_conn.ptnr1_label_atom_id 
_struct_conn.pdbx_ptnr1_label_alt_id 
_struct_conn.pdbx_ptnr1_PDB_ins_code 
_struct_conn.pdbx_ptnr1_standard_comp_id 
_struct_conn.ptnr1_symmetry 
_struct_conn.ptnr2_label_asym_id 
_struct_conn.ptnr2_label_comp_id 
_struct_conn.ptnr2_label_seq_id 
_struct_conn.ptnr2_label_atom_id 
_struct_conn.pdbx_ptnr2_label_alt_id 
_struct_conn.pdbx_ptnr2_PDB_ins_code 
_struct_conn.ptnr1_auth_asym_id 
_struct_conn.ptnr1_auth_comp_id 
_struct_conn.ptnr1_auth_seq_id 
_struct_conn.ptnr2_auth_asym_id 
_struct_conn.ptnr2_auth_comp_id 
_struct_conn.ptnr2_auth_seq_id 
_struct_conn.ptnr2_symmetry 
_struct_conn.pdbx_ptnr3_label_atom_id 
_struct_conn.pdbx_ptnr3_label_seq_id 
_struct_conn.pdbx_ptnr3_label_comp_id 
_struct_conn.pdbx_ptnr3_label_asym_id 
_struct_conn.pdbx_ptnr3_label_alt_id 
_struct_conn.pdbx_ptnr3_PDB_ins_code 
_struct_conn.details 
_struct_conn.pdbx_dist_value 
_struct_conn.pdbx_value_order 
_struct_conn.pdbx_role 
hydrog1  hydrog ? ? A DG 1 N1 ? ? ? 1_555 B DC 7 N3 ? ? A DG 1 B DC 7 1_555 ? ? ? ? ? ? WATSON-CRICK ? ? ? 
hydrog2  hydrog ? ? A DG 1 N2 ? ? ? 1_555 B DC 7 O2 ? ? A DG 1 B DC 7 1_555 ? ? ? ? ? ? WATSON-CRICK ? ? ? 
hydrog3  hydrog ? ? A DG 1 O6 ? ? ? 1_555 B DC 7 N4 ? ? A DG 1 B DC 7 1_555 ? ? ? ? ? ? WATSON-CRICK ? ? ? 
hydrog4  hydrog ? ? A DC 2 N3 ? ? ? 1_555 B DG 6 N1 ? ? A DC 2 B DG 6 1_555 ? ? ? ? ? ? WATSON-CRICK ? ? ? 
hydrog5  hydrog ? ? A DC 2 N4 ? ? ? 1_555 B DG 6 O6 ? ? A DC 2 B DG 6 1_555 ? ? ? ? ? ? WATSON-CRICK ? ? ? 
hydrog6  hydrog ? ? A DC 2 O2 ? ? ? 1_555 B DG 6 N2 ? ? A DC 2 B DG 6 1_555 ? ? ? ? ? ? WATSON-CRICK ? ? ? 
hydrog7  hydrog ? ? A DG 3 N2 ? ? ? 1_555 B DA 4 N7 ? ? A DG 3 B DA 4 1_555 ? ? ? ? ? ? TYPE_11_PAIR ? ? ? 
hydrog8  hydrog ? ? A DG 3 N3 ? ? ? 1_555 B DA 4 N6 ? ? A DG 3 B DA 4 1_555 ? ? ? ? ? ? TYPE_11_PAIR ? ? ? 
hydrog9  hydrog ? ? A DA 4 N6 ? ? ? 1_555 B DG 3 N3 ? ? A DA 4 B DG 3 1_555 ? ? ? ? ? ? TYPE_11_PAIR ? ? ? 
hydrog10 hydrog ? ? A DA 4 N7 ? ? ? 1_555 B DG 3 N2 ? ? A DA 4 B DG 3 1_555 ? ? ? ? ? ? TYPE_11_PAIR ? ? ? 
hydrog11 hydrog ? ? A DG 6 N1 ? ? ? 1_555 B DC 2 N3 ? ? A DG 6 B DC 2 1_555 ? ? ? ? ? ? WATSON-CRICK ? ? ? 
hydrog12 hydrog ? ? A DG 6 N2 ? ? ? 1_555 B DC 2 O2 ? ? A DG 6 B DC 2 1_555 ? ? ? ? ? ? WATSON-CRICK ? ? ? 
hydrog13 hydrog ? ? A DG 6 O6 ? ? ? 1_555 B DC 2 N4 ? ? A DG 6 B DC 2 1_555 ? ? ? ? ? ? WATSON-CRICK ? ? ? 
hydrog14 hydrog ? ? A DC 7 N3 ? ? ? 1_555 B DG 1 N1 ? ? A DC 7 B DG 1 1_555 ? ? ? ? ? ? WATSON-CRICK ? ? ? 
hydrog15 hydrog ? ? A DC 7 N4 ? ? ? 1_555 B DG 1 O6 ? ? A DC 7 B DG 1 1_555 ? ? ? ? ? ? WATSON-CRICK ? ? ? 
hydrog16 hydrog ? ? A DC 7 O2 ? ? ? 1_555 B DG 1 N2 ? ? A DC 7 B DG 1 1_555 ? ? ? ? ? ? WATSON-CRICK ? ? ? 
hydrog17 hydrog ? ? C DG 1 N1 ? ? ? 1_555 D DC 7 N3 ? ? C DG 1 D DC 7 1_555 ? ? ? ? ? ? WATSON-CRICK ? ? ? 
hydrog18 hydrog ? ? C DG 1 N2 ? ? ? 1_555 D DC 7 O2 ? ? C DG 1 D DC 7 1_555 ? ? ? ? ? ? WATSON-CRICK ? ? ? 
hydrog19 hydrog ? ? C DG 1 O6 ? ? ? 1_555 D DC 7 N4 ? ? C DG 1 D DC 7 1_555 ? ? ? ? ? ? WATSON-CRICK ? ? ? 
hydrog20 hydrog ? ? C DC 2 N3 ? ? ? 1_555 D DG 6 N1 ? ? C DC 2 D DG 6 1_555 ? ? ? ? ? ? WATSON-CRICK ? ? ? 
hydrog21 hydrog ? ? C DC 2 N4 ? ? ? 1_555 D DG 6 O6 ? ? C DC 2 D DG 6 1_555 ? ? ? ? ? ? WATSON-CRICK ? ? ? 
hydrog22 hydrog ? ? C DC 2 O2 ? ? ? 1_555 D DG 6 N2 ? ? C DC 2 D DG 6 1_555 ? ? ? ? ? ? WATSON-CRICK ? ? ? 
hydrog23 hydrog ? ? C DG 3 N2 ? ? ? 1_555 D DA 4 N7 ? ? C DG 3 D DA 4 1_555 ? ? ? ? ? ? TYPE_11_PAIR ? ? ? 
hydrog24 hydrog ? ? C DG 3 N3 ? ? ? 1_555 D DA 4 N6 ? ? C DG 3 D DA 4 1_555 ? ? ? ? ? ? TYPE_11_PAIR ? ? ? 
hydrog25 hydrog ? ? C DA 4 N6 ? ? ? 1_555 D DG 3 N3 ? ? C DA 4 D DG 3 1_555 ? ? ? ? ? ? TYPE_11_PAIR ? ? ? 
hydrog26 hydrog ? ? C DA 4 N7 ? ? ? 1_555 D DG 3 N2 ? ? C DA 4 D DG 3 1_555 ? ? ? ? ? ? TYPE_11_PAIR ? ? ? 
hydrog27 hydrog ? ? C DG 6 N1 ? ? ? 1_555 D DC 2 N3 ? ? C DG 6 D DC 2 1_555 ? ? ? ? ? ? WATSON-CRICK ? ? ? 
hydrog28 hydrog ? ? C DG 6 N2 ? ? ? 1_555 D DC 2 O2 ? ? C DG 6 D DC 2 1_555 ? ? ? ? ? ? WATSON-CRICK ? ? ? 
hydrog29 hydrog ? ? C DG 6 O6 ? ? ? 1_555 D DC 2 N4 ? ? C DG 6 D DC 2 1_555 ? ? ? ? ? ? WATSON-CRICK ? ? ? 
hydrog30 hydrog ? ? C DC 7 N3 ? ? ? 1_555 D DG 1 N1 ? ? C DC 7 D DG 1 1_555 ? ? ? ? ? ? WATSON-CRICK ? ? ? 
hydrog31 hydrog ? ? C DC 7 N4 ? ? ? 1_555 D DG 1 O6 ? ? C DC 7 D DG 1 1_555 ? ? ? ? ? ? WATSON-CRICK ? ? ? 
hydrog32 hydrog ? ? C DC 7 O2 ? ? ? 1_555 D DG 1 N2 ? ? C DC 7 D DG 1 1_555 ? ? ? ? ? ? WATSON-CRICK ? ? ? 
hydrog33 hydrog ? ? E DG 1 N1 ? ? ? 1_555 F DC 7 N3 ? ? E DG 1 F DC 7 1_555 ? ? ? ? ? ? WATSON-CRICK ? ? ? 
hydrog34 hydrog ? ? E DG 1 N2 ? ? ? 1_555 F DC 7 O2 ? ? E DG 1 F DC 7 1_555 ? ? ? ? ? ? WATSON-CRICK ? ? ? 
hydrog35 hydrog ? ? E DG 1 O6 ? ? ? 1_555 F DC 7 N4 ? ? E DG 1 F DC 7 1_555 ? ? ? ? ? ? WATSON-CRICK ? ? ? 
hydrog36 hydrog ? ? E DC 2 N3 ? ? ? 1_555 F DG 6 N1 ? ? E DC 2 F DG 6 1_555 ? ? ? ? ? ? WATSON-CRICK ? ? ? 
hydrog37 hydrog ? ? E DC 2 N4 ? ? ? 1_555 F DG 6 O6 ? ? E DC 2 F DG 6 1_555 ? ? ? ? ? ? WATSON-CRICK ? ? ? 
hydrog38 hydrog ? ? E DC 2 O2 ? ? ? 1_555 F DG 6 N2 ? ? E DC 2 F DG 6 1_555 ? ? ? ? ? ? WATSON-CRICK ? ? ? 
hydrog39 hydrog ? ? E DG 3 N2 ? ? ? 1_555 F DA 4 N7 ? ? E DG 3 F DA 4 1_555 ? ? ? ? ? ? TYPE_11_PAIR ? ? ? 
hydrog40 hydrog ? ? E DG 3 N3 ? ? ? 1_555 F DA 4 N6 ? ? E DG 3 F DA 4 1_555 ? ? ? ? ? ? TYPE_11_PAIR ? ? ? 
hydrog41 hydrog ? ? E DA 4 N6 ? ? ? 1_555 F DG 3 N3 ? ? E DA 4 F DG 3 1_555 ? ? ? ? ? ? TYPE_11_PAIR ? ? ? 
hydrog42 hydrog ? ? E DA 4 N7 ? ? ? 1_555 F DG 3 N2 ? ? E DA 4 F DG 3 1_555 ? ? ? ? ? ? TYPE_11_PAIR ? ? ? 
hydrog43 hydrog ? ? E DG 6 N1 ? ? ? 1_555 F DC 2 N3 ? ? E DG 6 F DC 2 1_555 ? ? ? ? ? ? WATSON-CRICK ? ? ? 
hydrog44 hydrog ? ? E DG 6 N2 ? ? ? 1_555 F DC 2 O2 ? ? E DG 6 F DC 2 1_555 ? ? ? ? ? ? WATSON-CRICK ? ? ? 
hydrog45 hydrog ? ? E DG 6 O6 ? ? ? 1_555 F DC 2 N4 ? ? E DG 6 F DC 2 1_555 ? ? ? ? ? ? WATSON-CRICK ? ? ? 
hydrog46 hydrog ? ? E DC 7 N3 ? ? ? 1_555 F DG 1 N1 ? ? E DC 7 F DG 1 1_555 ? ? ? ? ? ? WATSON-CRICK ? ? ? 
hydrog47 hydrog ? ? E DC 7 N4 ? ? ? 1_555 F DG 1 O6 ? ? E DC 7 F DG 1 1_555 ? ? ? ? ? ? WATSON-CRICK ? ? ? 
hydrog48 hydrog ? ? E DC 7 O2 ? ? ? 1_555 F DG 1 N2 ? ? E DC 7 F DG 1 1_555 ? ? ? ? ? ? WATSON-CRICK ? ? ? 
# 
_struct_conn_type.id          hydrog 
_struct_conn_type.criteria    ? 
_struct_conn_type.reference   ? 
# 
loop_
_struct_site.id 
_struct_site.pdbx_evidence_code 
_struct_site.pdbx_auth_asym_id 
_struct_site.pdbx_auth_comp_id 
_struct_site.pdbx_auth_seq_id 
_struct_site.pdbx_auth_ins_code 
_struct_site.pdbx_num_residues 
_struct_site.details 
AC1 Software D NCO 400  ? 8  'BINDING SITE FOR RESIDUE NCO D 400'  
AC2 Software A NCO 1401 ? 8  'BINDING SITE FOR RESIDUE NCO A 1401' 
AC3 Software D NCO 402  ? 12 'BINDING SITE FOR RESIDUE NCO D 402'  
AC4 Software E NCO 403  ? 11 'BINDING SITE FOR RESIDUE NCO E 403'  
AC5 Software B NCO 404  ? 11 'BINDING SITE FOR RESIDUE NCO B 404'  
AC6 Software F NCO 405  ? 7  'BINDING SITE FOR RESIDUE NCO F 405'  
AC7 Software B NCO 406  ? 7  'BINDING SITE FOR RESIDUE NCO B 406'  
AC8 Software C NCO 407  ? 5  'BINDING SITE FOR RESIDUE NCO C 407'  
AC9 Software C NCO 408  ? 5  'BINDING SITE FOR RESIDUE NCO C 408'  
# 
loop_
_struct_site_gen.id 
_struct_site_gen.site_id 
_struct_site_gen.pdbx_num_res 
_struct_site_gen.label_comp_id 
_struct_site_gen.label_asym_id 
_struct_site_gen.label_seq_id 
_struct_site_gen.pdbx_auth_ins_code 
_struct_site_gen.auth_comp_id 
_struct_site_gen.auth_asym_id 
_struct_site_gen.auth_seq_id 
_struct_site_gen.label_atom_id 
_struct_site_gen.label_alt_id 
_struct_site_gen.symmetry 
_struct_site_gen.details 
1  AC1 8  DA  A 5 ? DA  A 5    . ? 4_555 ? 
2  AC1 8  DG  A 6 ? DG  A 6    . ? 4_555 ? 
3  AC1 8  HOH P . ? HOH A 1430 . ? 4_555 ? 
4  AC1 8  HOH Q . ? HOH B 11   . ? 4_555 ? 
5  AC1 8  HOH Q . ? HOH B 37   . ? 4_555 ? 
6  AC1 8  DC  D 7 ? DC  D 7    . ? 4_555 ? 
7  AC1 8  HOH S . ? HOH D 10   . ? 4_555 ? 
8  AC1 8  HOH S . ? HOH D 393  . ? 4_555 ? 
9  AC2 8  DC  A 2 ? DC  A 2    . ? 1_555 ? 
10 AC2 8  DG  A 3 ? DG  A 3    . ? 1_555 ? 
11 AC2 8  HOH P . ? HOH A 1405 . ? 1_555 ? 
12 AC2 8  HOH P . ? HOH A 1433 . ? 1_555 ? 
13 AC2 8  HOH P . ? HOH A 1443 . ? 1_555 ? 
14 AC2 8  HOH P . ? HOH A 1456 . ? 1_555 ? 
15 AC2 8  DG  B 3 ? DG  B 3    . ? 1_555 ? 
16 AC2 8  DA  D 5 ? DA  D 5    . ? 1_555 ? 
17 AC3 12 DG  A 3 ? DG  A 3    . ? 1_555 ? 
18 AC3 12 DG  C 1 ? DG  C 1    . ? 1_555 ? 
19 AC3 12 DC  C 2 ? DC  C 2    . ? 1_555 ? 
20 AC3 12 DA  D 5 ? DA  D 5    . ? 1_555 ? 
21 AC3 12 DG  D 6 ? DG  D 6    . ? 1_555 ? 
22 AC3 12 DC  D 7 ? DC  D 7    . ? 1_555 ? 
23 AC3 12 HOH S . ? HOH D 59   . ? 1_555 ? 
24 AC3 12 HOH S . ? HOH D 65   . ? 1_555 ? 
25 AC3 12 HOH S . ? HOH D 68   . ? 1_555 ? 
26 AC3 12 HOH S . ? HOH D 159  . ? 4_455 ? 
27 AC3 12 HOH S . ? HOH D 209  . ? 1_555 ? 
28 AC3 12 HOH S . ? HOH D 377  . ? 1_555 ? 
29 AC4 11 DG  B 3 ? DG  B 3    . ? 1_555 ? 
30 AC4 11 HOH Q . ? HOH B 224  . ? 1_555 ? 
31 AC4 11 DA  E 5 ? DA  E 5    . ? 1_555 ? 
32 AC4 11 DG  E 6 ? DG  E 6    . ? 1_555 ? 
33 AC4 11 DC  E 7 ? DC  E 7    . ? 1_555 ? 
34 AC4 11 HOH T . ? HOH E 39   . ? 1_555 ? 
35 AC4 11 HOH T . ? HOH E 87   . ? 1_555 ? 
36 AC4 11 HOH T . ? HOH E 93   . ? 1_555 ? 
37 AC4 11 HOH T . ? HOH E 94   . ? 1_555 ? 
38 AC4 11 DG  F 1 ? DG  F 1    . ? 1_555 ? 
39 AC4 11 HOH U . ? HOH F 110  . ? 1_555 ? 
40 AC5 11 HOH P . ? HOH A 1406 . ? 1_555 ? 
41 AC5 11 DA  B 5 ? DA  B 5    . ? 1_555 ? 
42 AC5 11 DG  B 6 ? DG  B 6    . ? 1_555 ? 
43 AC5 11 DC  B 7 ? DC  B 7    . ? 1_555 ? 
44 AC5 11 HOH Q . ? HOH B 27   . ? 1_555 ? 
45 AC5 11 HOH Q . ? HOH B 30   . ? 3_445 ? 
46 AC5 11 HOH Q . ? HOH B 36   . ? 1_555 ? 
47 AC5 11 HOH Q . ? HOH B 157  . ? 1_555 ? 
48 AC5 11 DC  E 7 ? DC  E 7    . ? 1_555 ? 
49 AC5 11 HOH T . ? HOH E 89   . ? 4_456 ? 
50 AC5 11 HOH T . ? HOH E 129  . ? 4_456 ? 
51 AC6 7  DG  E 1 ? DG  E 1    . ? 4_456 ? 
52 AC6 7  HOH T . ? HOH E 395  . ? 4_456 ? 
53 AC6 7  DA  F 5 ? DA  F 5    . ? 4_456 ? 
54 AC6 7  DG  F 6 ? DG  F 6    . ? 4_456 ? 
55 AC6 7  DC  F 7 ? DC  F 7    . ? 4_456 ? 
56 AC6 7  HOH U . ? HOH F 187  . ? 1_555 ? 
57 AC6 7  HOH U . ? HOH F 268  . ? 4_456 ? 
58 AC7 7  DA  B 5 ? DA  B 5    . ? 1_555 ? 
59 AC7 7  HOH Q . ? HOH B 303  . ? 1_555 ? 
60 AC7 7  DC  E 2 ? DC  E 2    . ? 4_456 ? 
61 AC7 7  DG  E 3 ? DG  E 3    . ? 4_456 ? 
62 AC7 7  HOH T . ? HOH E 234  . ? 4_456 ? 
63 AC7 7  DG  F 3 ? DG  F 3    . ? 4_456 ? 
64 AC7 7  HOH U . ? HOH F 394  . ? 4_456 ? 
65 AC8 5  HOH P . ? HOH A 1465 . ? 4_555 ? 
66 AC8 5  DA  C 5 ? DA  C 5    . ? 1_555 ? 
67 AC8 5  DG  C 6 ? DG  C 6    . ? 1_555 ? 
68 AC8 5  HOH R . ? HOH C 174  . ? 1_555 ? 
69 AC8 5  DG  D 1 ? DG  D 1    . ? 1_555 ? 
70 AC9 5  DA  A 5 ? DA  A 5    . ? 4_555 ? 
71 AC9 5  DC  C 2 ? DC  C 2    . ? 1_555 ? 
72 AC9 5  DG  C 3 ? DG  C 3    . ? 1_555 ? 
73 AC9 5  HOH R . ? HOH C 291  . ? 1_555 ? 
74 AC9 5  DG  D 3 ? DG  D 3    . ? 1_555 ? 
# 
loop_
_chem_comp_atom.comp_id 
_chem_comp_atom.atom_id 
_chem_comp_atom.type_symbol 
_chem_comp_atom.pdbx_aromatic_flag 
_chem_comp_atom.pdbx_stereo_config 
_chem_comp_atom.pdbx_ordinal 
DA  OP3    O  N N 1   
DA  P      P  N N 2   
DA  OP1    O  N N 3   
DA  OP2    O  N N 4   
DA  "O5'"  O  N N 5   
DA  "C5'"  C  N N 6   
DA  "C4'"  C  N R 7   
DA  "O4'"  O  N N 8   
DA  "C3'"  C  N S 9   
DA  "O3'"  O  N N 10  
DA  "C2'"  C  N N 11  
DA  "C1'"  C  N R 12  
DA  N9     N  Y N 13  
DA  C8     C  Y N 14  
DA  N7     N  Y N 15  
DA  C5     C  Y N 16  
DA  C6     C  Y N 17  
DA  N6     N  N N 18  
DA  N1     N  Y N 19  
DA  C2     C  Y N 20  
DA  N3     N  Y N 21  
DA  C4     C  Y N 22  
DA  HOP3   H  N N 23  
DA  HOP2   H  N N 24  
DA  "H5'"  H  N N 25  
DA  "H5''" H  N N 26  
DA  "H4'"  H  N N 27  
DA  "H3'"  H  N N 28  
DA  "HO3'" H  N N 29  
DA  "H2'"  H  N N 30  
DA  "H2''" H  N N 31  
DA  "H1'"  H  N N 32  
DA  H8     H  N N 33  
DA  H61    H  N N 34  
DA  H62    H  N N 35  
DA  H2     H  N N 36  
DC  OP3    O  N N 37  
DC  P      P  N N 38  
DC  OP1    O  N N 39  
DC  OP2    O  N N 40  
DC  "O5'"  O  N N 41  
DC  "C5'"  C  N N 42  
DC  "C4'"  C  N R 43  
DC  "O4'"  O  N N 44  
DC  "C3'"  C  N S 45  
DC  "O3'"  O  N N 46  
DC  "C2'"  C  N N 47  
DC  "C1'"  C  N R 48  
DC  N1     N  N N 49  
DC  C2     C  N N 50  
DC  O2     O  N N 51  
DC  N3     N  N N 52  
DC  C4     C  N N 53  
DC  N4     N  N N 54  
DC  C5     C  N N 55  
DC  C6     C  N N 56  
DC  HOP3   H  N N 57  
DC  HOP2   H  N N 58  
DC  "H5'"  H  N N 59  
DC  "H5''" H  N N 60  
DC  "H4'"  H  N N 61  
DC  "H3'"  H  N N 62  
DC  "HO3'" H  N N 63  
DC  "H2'"  H  N N 64  
DC  "H2''" H  N N 65  
DC  "H1'"  H  N N 66  
DC  H41    H  N N 67  
DC  H42    H  N N 68  
DC  H5     H  N N 69  
DC  H6     H  N N 70  
DG  OP3    O  N N 71  
DG  P      P  N N 72  
DG  OP1    O  N N 73  
DG  OP2    O  N N 74  
DG  "O5'"  O  N N 75  
DG  "C5'"  C  N N 76  
DG  "C4'"  C  N R 77  
DG  "O4'"  O  N N 78  
DG  "C3'"  C  N S 79  
DG  "O3'"  O  N N 80  
DG  "C2'"  C  N N 81  
DG  "C1'"  C  N R 82  
DG  N9     N  Y N 83  
DG  C8     C  Y N 84  
DG  N7     N  Y N 85  
DG  C5     C  Y N 86  
DG  C6     C  N N 87  
DG  O6     O  N N 88  
DG  N1     N  N N 89  
DG  C2     C  N N 90  
DG  N2     N  N N 91  
DG  N3     N  N N 92  
DG  C4     C  Y N 93  
DG  HOP3   H  N N 94  
DG  HOP2   H  N N 95  
DG  "H5'"  H  N N 96  
DG  "H5''" H  N N 97  
DG  "H4'"  H  N N 98  
DG  "H3'"  H  N N 99  
DG  "HO3'" H  N N 100 
DG  "H2'"  H  N N 101 
DG  "H2''" H  N N 102 
DG  "H1'"  H  N N 103 
DG  H8     H  N N 104 
DG  H1     H  N N 105 
DG  H21    H  N N 106 
DG  H22    H  N N 107 
HOH O      O  N N 108 
HOH H1     H  N N 109 
HOH H2     H  N N 110 
NCO CO     CO N N 111 
NCO N1     N  N N 112 
NCO N2     N  N N 113 
NCO N3     N  N N 114 
NCO N4     N  N N 115 
NCO N5     N  N N 116 
NCO N6     N  N N 117 
NCO HN11   H  N N 118 
NCO HN12   H  N N 119 
NCO HN13   H  N N 120 
NCO HN21   H  N N 121 
NCO HN22   H  N N 122 
NCO HN23   H  N N 123 
NCO HN31   H  N N 124 
NCO HN32   H  N N 125 
NCO HN33   H  N N 126 
NCO HN41   H  N N 127 
NCO HN42   H  N N 128 
NCO HN43   H  N N 129 
NCO HN51   H  N N 130 
NCO HN52   H  N N 131 
NCO HN53   H  N N 132 
NCO HN61   H  N N 133 
NCO HN62   H  N N 134 
NCO HN63   H  N N 135 
# 
loop_
_chem_comp_bond.comp_id 
_chem_comp_bond.atom_id_1 
_chem_comp_bond.atom_id_2 
_chem_comp_bond.value_order 
_chem_comp_bond.pdbx_aromatic_flag 
_chem_comp_bond.pdbx_stereo_config 
_chem_comp_bond.pdbx_ordinal 
DA  OP3   P      sing N N 1   
DA  OP3   HOP3   sing N N 2   
DA  P     OP1    doub N N 3   
DA  P     OP2    sing N N 4   
DA  P     "O5'"  sing N N 5   
DA  OP2   HOP2   sing N N 6   
DA  "O5'" "C5'"  sing N N 7   
DA  "C5'" "C4'"  sing N N 8   
DA  "C5'" "H5'"  sing N N 9   
DA  "C5'" "H5''" sing N N 10  
DA  "C4'" "O4'"  sing N N 11  
DA  "C4'" "C3'"  sing N N 12  
DA  "C4'" "H4'"  sing N N 13  
DA  "O4'" "C1'"  sing N N 14  
DA  "C3'" "O3'"  sing N N 15  
DA  "C3'" "C2'"  sing N N 16  
DA  "C3'" "H3'"  sing N N 17  
DA  "O3'" "HO3'" sing N N 18  
DA  "C2'" "C1'"  sing N N 19  
DA  "C2'" "H2'"  sing N N 20  
DA  "C2'" "H2''" sing N N 21  
DA  "C1'" N9     sing N N 22  
DA  "C1'" "H1'"  sing N N 23  
DA  N9    C8     sing Y N 24  
DA  N9    C4     sing Y N 25  
DA  C8    N7     doub Y N 26  
DA  C8    H8     sing N N 27  
DA  N7    C5     sing Y N 28  
DA  C5    C6     sing Y N 29  
DA  C5    C4     doub Y N 30  
DA  C6    N6     sing N N 31  
DA  C6    N1     doub Y N 32  
DA  N6    H61    sing N N 33  
DA  N6    H62    sing N N 34  
DA  N1    C2     sing Y N 35  
DA  C2    N3     doub Y N 36  
DA  C2    H2     sing N N 37  
DA  N3    C4     sing Y N 38  
DC  OP3   P      sing N N 39  
DC  OP3   HOP3   sing N N 40  
DC  P     OP1    doub N N 41  
DC  P     OP2    sing N N 42  
DC  P     "O5'"  sing N N 43  
DC  OP2   HOP2   sing N N 44  
DC  "O5'" "C5'"  sing N N 45  
DC  "C5'" "C4'"  sing N N 46  
DC  "C5'" "H5'"  sing N N 47  
DC  "C5'" "H5''" sing N N 48  
DC  "C4'" "O4'"  sing N N 49  
DC  "C4'" "C3'"  sing N N 50  
DC  "C4'" "H4'"  sing N N 51  
DC  "O4'" "C1'"  sing N N 52  
DC  "C3'" "O3'"  sing N N 53  
DC  "C3'" "C2'"  sing N N 54  
DC  "C3'" "H3'"  sing N N 55  
DC  "O3'" "HO3'" sing N N 56  
DC  "C2'" "C1'"  sing N N 57  
DC  "C2'" "H2'"  sing N N 58  
DC  "C2'" "H2''" sing N N 59  
DC  "C1'" N1     sing N N 60  
DC  "C1'" "H1'"  sing N N 61  
DC  N1    C2     sing N N 62  
DC  N1    C6     sing N N 63  
DC  C2    O2     doub N N 64  
DC  C2    N3     sing N N 65  
DC  N3    C4     doub N N 66  
DC  C4    N4     sing N N 67  
DC  C4    C5     sing N N 68  
DC  N4    H41    sing N N 69  
DC  N4    H42    sing N N 70  
DC  C5    C6     doub N N 71  
DC  C5    H5     sing N N 72  
DC  C6    H6     sing N N 73  
DG  OP3   P      sing N N 74  
DG  OP3   HOP3   sing N N 75  
DG  P     OP1    doub N N 76  
DG  P     OP2    sing N N 77  
DG  P     "O5'"  sing N N 78  
DG  OP2   HOP2   sing N N 79  
DG  "O5'" "C5'"  sing N N 80  
DG  "C5'" "C4'"  sing N N 81  
DG  "C5'" "H5'"  sing N N 82  
DG  "C5'" "H5''" sing N N 83  
DG  "C4'" "O4'"  sing N N 84  
DG  "C4'" "C3'"  sing N N 85  
DG  "C4'" "H4'"  sing N N 86  
DG  "O4'" "C1'"  sing N N 87  
DG  "C3'" "O3'"  sing N N 88  
DG  "C3'" "C2'"  sing N N 89  
DG  "C3'" "H3'"  sing N N 90  
DG  "O3'" "HO3'" sing N N 91  
DG  "C2'" "C1'"  sing N N 92  
DG  "C2'" "H2'"  sing N N 93  
DG  "C2'" "H2''" sing N N 94  
DG  "C1'" N9     sing N N 95  
DG  "C1'" "H1'"  sing N N 96  
DG  N9    C8     sing Y N 97  
DG  N9    C4     sing Y N 98  
DG  C8    N7     doub Y N 99  
DG  C8    H8     sing N N 100 
DG  N7    C5     sing Y N 101 
DG  C5    C6     sing N N 102 
DG  C5    C4     doub Y N 103 
DG  C6    O6     doub N N 104 
DG  C6    N1     sing N N 105 
DG  N1    C2     sing N N 106 
DG  N1    H1     sing N N 107 
DG  C2    N2     sing N N 108 
DG  C2    N3     doub N N 109 
DG  N2    H21    sing N N 110 
DG  N2    H22    sing N N 111 
DG  N3    C4     sing N N 112 
HOH O     H1     sing N N 113 
HOH O     H2     sing N N 114 
NCO CO    N1     sing N N 115 
NCO CO    N2     sing N N 116 
NCO CO    N3     sing N N 117 
NCO CO    N4     sing N N 118 
NCO CO    N5     sing N N 119 
NCO CO    N6     sing N N 120 
NCO N1    HN11   sing N N 121 
NCO N1    HN12   sing N N 122 
NCO N1    HN13   sing N N 123 
NCO N2    HN21   sing N N 124 
NCO N2    HN22   sing N N 125 
NCO N2    HN23   sing N N 126 
NCO N3    HN31   sing N N 127 
NCO N3    HN32   sing N N 128 
NCO N3    HN33   sing N N 129 
NCO N4    HN41   sing N N 130 
NCO N4    HN42   sing N N 131 
NCO N4    HN43   sing N N 132 
NCO N5    HN51   sing N N 133 
NCO N5    HN52   sing N N 134 
NCO N5    HN53   sing N N 135 
NCO N6    HN61   sing N N 136 
NCO N6    HN62   sing N N 137 
NCO N6    HN63   sing N N 138 
# 
loop_
_ndb_struct_conf_na.entry_id 
_ndb_struct_conf_na.feature 
1UB8 'double helix' 
1UB8 'bulge loop'   
# 
loop_
_ndb_struct_na_base_pair.model_number 
_ndb_struct_na_base_pair.i_label_asym_id 
_ndb_struct_na_base_pair.i_label_comp_id 
_ndb_struct_na_base_pair.i_label_seq_id 
_ndb_struct_na_base_pair.i_symmetry 
_ndb_struct_na_base_pair.j_label_asym_id 
_ndb_struct_na_base_pair.j_label_comp_id 
_ndb_struct_na_base_pair.j_label_seq_id 
_ndb_struct_na_base_pair.j_symmetry 
_ndb_struct_na_base_pair.shear 
_ndb_struct_na_base_pair.stretch 
_ndb_struct_na_base_pair.stagger 
_ndb_struct_na_base_pair.buckle 
_ndb_struct_na_base_pair.propeller 
_ndb_struct_na_base_pair.opening 
_ndb_struct_na_base_pair.pair_number 
_ndb_struct_na_base_pair.pair_name 
_ndb_struct_na_base_pair.i_auth_asym_id 
_ndb_struct_na_base_pair.i_auth_seq_id 
_ndb_struct_na_base_pair.i_PDB_ins_code 
_ndb_struct_na_base_pair.j_auth_asym_id 
_ndb_struct_na_base_pair.j_auth_seq_id 
_ndb_struct_na_base_pair.j_PDB_ins_code 
_ndb_struct_na_base_pair.hbond_type_28 
_ndb_struct_na_base_pair.hbond_type_12 
1 A DG 1 1_555 B DC 7 1_555 -0.187 -0.073 0.201  6.944   -1.877 0.798  1  A_DG1:DC7_B A 1 ? B 7 ? 19 1  
1 A DC 2 1_555 B DG 6 1_555 0.248  -0.161 -0.092 10.135  -2.960 -0.853 2  A_DC2:DG6_B A 2 ? B 6 ? 19 1  
1 A DG 3 1_555 B DA 4 1_555 6.718  -4.335 0.368  33.617  -5.499 -0.837 3  A_DG3:DA4_B A 3 ? B 4 ? 11 9  
1 A DA 4 1_555 B DG 3 1_555 -6.684 -4.230 0.120  -33.062 2.366  -2.400 4  A_DA4:DG3_B A 4 ? B 3 ? 11 9  
1 A DG 6 1_555 B DC 2 1_555 -0.334 -0.072 -0.055 -12.160 -1.291 2.399  5  A_DG6:DC2_B A 6 ? B 2 ? 19 1  
1 A DC 7 1_555 B DG 1 1_555 0.175  -0.069 0.231  -5.782  -0.772 1.344  6  A_DC7:DG1_B A 7 ? B 1 ? 19 1  
1 C DG 1 1_555 D DC 7 1_555 -0.170 -0.113 -0.095 -4.454  -0.568 -4.329 7  C_DG1:DC7_D C 1 ? D 7 ? 19 1  
1 C DC 2 1_555 D DG 6 1_555 0.345  -0.136 -0.190 14.527  -3.406 1.076  8  C_DC2:DG6_D C 2 ? D 6 ? 19 1  
1 C DG 3 1_555 D DA 4 1_555 6.783  -4.515 0.358  37.568  -2.464 -3.060 9  C_DG3:DA4_D C 3 ? D 4 ? 11 10 
1 C DA 4 1_555 D DG 3 1_555 -6.586 -4.400 0.204  -38.518 -0.859 -1.251 10 C_DA4:DG3_D C 4 ? D 3 ? 11 9  
1 C DG 6 1_555 D DC 2 1_555 -0.319 -0.033 -0.064 -16.140 -0.855 4.541  11 C_DG6:DC2_D C 6 ? D 2 ? 19 1  
1 C DC 7 1_555 D DG 1 1_555 0.314  -0.092 0.324  -8.785  -0.255 0.688  12 C_DC7:DG1_D C 7 ? D 1 ? 19 1  
1 E DG 1 1_555 F DC 7 1_555 -0.146 -0.108 0.051  -3.739  -2.019 -0.242 13 E_DG1:DC7_F E 1 ? F 7 ? 19 1  
1 E DC 2 1_555 F DG 6 1_555 0.401  -0.150 0.026  10.980  -0.978 0.856  14 E_DC2:DG6_F E 2 ? F 6 ? 19 1  
1 E DG 3 1_555 F DA 4 1_555 6.722  -4.303 0.246  36.796  -0.441 -1.142 15 E_DG3:DA4_F E 3 ? F 4 ? 11 9  
1 E DA 4 1_555 F DG 3 1_555 -6.713 -4.267 0.280  -37.180 -1.343 -2.592 16 E_DA4:DG3_F E 4 ? F 3 ? 11 9  
1 E DG 6 1_555 F DC 2 1_555 -0.224 -0.112 0.218  -5.788  -2.792 0.403  17 E_DG6:DC2_F E 6 ? F 2 ? 19 1  
1 E DC 7 1_555 F DG 1 1_555 0.432  -0.148 0.316  -5.913  0.585  1.774  18 E_DC7:DG1_F E 7 ? F 1 ? 19 1  
# 
loop_
_ndb_struct_na_base_pair_step.model_number 
_ndb_struct_na_base_pair_step.i_label_asym_id_1 
_ndb_struct_na_base_pair_step.i_label_comp_id_1 
_ndb_struct_na_base_pair_step.i_label_seq_id_1 
_ndb_struct_na_base_pair_step.i_symmetry_1 
_ndb_struct_na_base_pair_step.j_label_asym_id_1 
_ndb_struct_na_base_pair_step.j_label_comp_id_1 
_ndb_struct_na_base_pair_step.j_label_seq_id_1 
_ndb_struct_na_base_pair_step.j_symmetry_1 
_ndb_struct_na_base_pair_step.i_label_asym_id_2 
_ndb_struct_na_base_pair_step.i_label_comp_id_2 
_ndb_struct_na_base_pair_step.i_label_seq_id_2 
_ndb_struct_na_base_pair_step.i_symmetry_2 
_ndb_struct_na_base_pair_step.j_label_asym_id_2 
_ndb_struct_na_base_pair_step.j_label_comp_id_2 
_ndb_struct_na_base_pair_step.j_label_seq_id_2 
_ndb_struct_na_base_pair_step.j_symmetry_2 
_ndb_struct_na_base_pair_step.shift 
_ndb_struct_na_base_pair_step.slide 
_ndb_struct_na_base_pair_step.rise 
_ndb_struct_na_base_pair_step.tilt 
_ndb_struct_na_base_pair_step.roll 
_ndb_struct_na_base_pair_step.twist 
_ndb_struct_na_base_pair_step.x_displacement 
_ndb_struct_na_base_pair_step.y_displacement 
_ndb_struct_na_base_pair_step.helical_rise 
_ndb_struct_na_base_pair_step.inclination 
_ndb_struct_na_base_pair_step.tip 
_ndb_struct_na_base_pair_step.helical_twist 
_ndb_struct_na_base_pair_step.step_number 
_ndb_struct_na_base_pair_step.step_name 
_ndb_struct_na_base_pair_step.i_auth_asym_id_1 
_ndb_struct_na_base_pair_step.i_auth_seq_id_1 
_ndb_struct_na_base_pair_step.i_PDB_ins_code_1 
_ndb_struct_na_base_pair_step.j_auth_asym_id_1 
_ndb_struct_na_base_pair_step.j_auth_seq_id_1 
_ndb_struct_na_base_pair_step.j_PDB_ins_code_1 
_ndb_struct_na_base_pair_step.i_auth_asym_id_2 
_ndb_struct_na_base_pair_step.i_auth_seq_id_2 
_ndb_struct_na_base_pair_step.i_PDB_ins_code_2 
_ndb_struct_na_base_pair_step.j_auth_asym_id_2 
_ndb_struct_na_base_pair_step.j_auth_seq_id_2 
_ndb_struct_na_base_pair_step.j_PDB_ins_code_2 
1 A DG 1 1_555 B DC 7 1_555 A DC 2 1_555 B DG 6 1_555 0.451  -0.319 3.291 2.331   -0.907 30.650 -0.422 -0.388  3.323 -1.713  
-4.401  30.750 1  AA_DG1DC2:DG6DC7_BB A 1 ? B 7 ? A 2 ? B 6 ? 
1 A DC 2 1_555 B DG 6 1_555 A DG 3 1_555 B DA 4 1_555 1.017  1.928  5.210 -10.479 25.758 80.921 0.424  -1.164  5.395 19.342  7.868 
84.782 2  AA_DC2DG3:DA4DG6_BB A 2 ? B 6 ? A 3 ? B 4 ? 
1 A DG 3 1_555 B DA 4 1_555 A DA 4 1_555 B DG 3 1_555 -0.107 -0.537 4.735 -0.566  -0.310 -6.731 6.383  -4.249  4.680 2.634   
-4.804  -6.761 3  AA_DG3DA4:DG3DA4_BB A 3 ? B 4 ? A 4 ? B 3 ? 
1 A DA 4 1_555 B DG 3 1_555 A DG 6 1_555 B DC 2 1_555 -0.904 1.780  5.192 12.832  22.261 70.581 0.321  1.408   5.280 18.663  
-10.758 74.538 4  AA_DA4DG6:DC2DG3_BB A 4 ? B 3 ? A 6 ? B 2 ? 
1 A DG 6 1_555 B DC 2 1_555 A DC 7 1_555 B DG 1 1_555 -0.428 -0.232 3.292 -1.943  -2.305 31.385 0.008  0.422   3.320 -4.249  3.582 
31.526 5  AA_DG6DC7:DG1DC2_BB A 6 ? B 2 ? A 7 ? B 1 ? 
1 C DG 1 1_555 D DC 7 1_555 C DC 2 1_555 D DG 6 1_555 0.375  0.146  2.946 0.477   2.654  27.688 -0.271 -0.676  2.952 5.529   
-0.994  27.817 6  CC_DG1DC2:DG6DC7_DD C 1 ? D 7 ? C 2 ? D 6 ? 
1 C DC 2 1_555 D DG 6 1_555 C DG 3 1_555 D DA 4 1_555 1.063  1.284  5.153 -14.001 27.057 74.331 -0.193 -1.450  5.083 21.549  
11.150  79.490 7  CC_DC2DG3:DA4DG6_DD C 2 ? D 6 ? C 3 ? D 4 ? 
1 C DG 3 1_555 D DA 4 1_555 C DA 4 1_555 D DG 3 1_555 0.101  -1.029 4.975 0.657   1.567  -5.306 -4.209 7.243   5.015 -16.381 6.870 
-5.571 8  CC_DG3DA4:DG3DA4_DD C 3 ? D 4 ? C 4 ? D 3 ? 
1 C DA 4 1_555 D DG 3 1_555 C DG 6 1_555 D DC 2 1_555 -1.056 1.531  5.136 13.176  23.561 75.486 0.162  1.405   5.155 18.688  
-10.450 79.486 9  CC_DA4DG6:DC2DG3_DD C 4 ? D 3 ? C 6 ? D 2 ? 
1 C DG 6 1_555 D DC 2 1_555 C DC 7 1_555 D DG 1 1_555 -0.624 0.054  3.234 -3.501  -1.144 35.279 0.256  0.513   3.276 -1.881  5.756 
35.465 10 CC_DG6DC7:DG1DC2_DD C 6 ? D 2 ? C 7 ? D 1 ? 
1 E DG 1 1_555 F DC 7 1_555 E DC 2 1_555 F DG 6 1_555 0.421  -0.022 3.010 -0.044  1.610  29.441 -0.359 -0.836  3.004 3.164   0.086 
29.484 11 EE_DG1DC2:DG6DC7_FF E 1 ? F 7 ? E 2 ? F 6 ? 
1 E DC 2 1_555 F DG 6 1_555 E DG 3 1_555 F DA 4 1_555 1.198  1.446  5.058 -13.181 22.623 74.380 0.137  -1.538  5.031 18.182  
10.593  78.221 12 EE_DC2DG3:DA4DG6_FF E 2 ? F 6 ? E 3 ? F 4 ? 
1 E DG 3 1_555 F DA 4 1_555 E DA 4 1_555 F DG 3 1_555 -0.178 -0.792 4.948 -0.296  0.773  -3.036 -8.125 -11.882 4.951 -14.250 
-5.460  -3.147 13 EE_DG3DA4:DG3DA4_FF E 3 ? F 4 ? E 4 ? F 3 ? 
1 E DA 4 1_555 F DG 3 1_555 E DG 6 1_555 F DC 2 1_555 -1.064 1.765  4.901 14.620  22.118 74.355 0.435  1.479   4.947 17.768  
-11.745 78.293 14 EE_DA4DG6:DC2DG3_FF E 4 ? F 3 ? E 6 ? F 2 ? 
1 E DG 6 1_555 F DC 2 1_555 E DC 7 1_555 F DG 1 1_555 0.314  -0.351 3.414 -0.694  -3.232 32.499 -0.038 -0.685  3.425 -5.756  1.236 
32.662 15 EE_DG6DC7:DG1DC2_FF E 6 ? F 2 ? E 7 ? F 1 ? 
# 
_atom_sites.entry_id                    1UB8 
_atom_sites.fract_transf_matrix[1][1]   -0.01674114 
_atom_sites.fract_transf_matrix[1][2]   0.00095219 
_atom_sites.fract_transf_matrix[1][3]   0.01186944 
_atom_sites.fract_transf_matrix[2][1]   -0.00634721 
_atom_sites.fract_transf_matrix[2][2]   -0.01795039 
_atom_sites.fract_transf_matrix[2][3]   -0.00751235 
_atom_sites.fract_transf_matrix[3][1]   0.00768014 
_atom_sites.fract_transf_matrix[3][2]   -0.00750093 
_atom_sites.fract_transf_matrix[3][3]   0.01143413 
_atom_sites.fract_transf_vector[1]      -0.358035 
_atom_sites.fract_transf_vector[2]      0.257929 
_atom_sites.fract_transf_vector[3]      0.256969 
# 
loop_
_atom_type.symbol 
C  
CO 
N  
O  
P  
# 
loop_
_atom_site.group_PDB 
_atom_site.id 
_atom_site.type_symbol 
_atom_site.label_atom_id 
_atom_site.label_alt_id 
_atom_site.label_comp_id 
_atom_site.label_asym_id 
_atom_site.label_entity_id 
_atom_site.label_seq_id 
_atom_site.pdbx_PDB_ins_code 
_atom_site.Cartn_x 
_atom_site.Cartn_y 
_atom_site.Cartn_z 
_atom_site.occupancy 
_atom_site.B_iso_or_equiv 
_atom_site.pdbx_formal_charge 
_atom_site.auth_seq_id 
_atom_site.auth_comp_id 
_atom_site.auth_asym_id 
_atom_site.auth_atom_id 
_atom_site.pdbx_PDB_model_num 
ATOM   1    O  "O5'" . DG  A 1 1 ? 2.466   8.843   4.299   1.00 20.69 ? 1    DG  A "O5'" 1 
ATOM   2    C  "C5'" . DG  A 1 1 ? 2.095   7.744   3.460   1.00 16.72 ? 1    DG  A "C5'" 1 
ATOM   3    C  "C4'" . DG  A 1 1 ? 1.723   8.220   2.076   1.00 16.18 ? 1    DG  A "C4'" 1 
ATOM   4    O  "O4'" . DG  A 1 1 ? 2.864   8.855   1.454   1.00 15.41 ? 1    DG  A "O4'" 1 
ATOM   5    C  "C3'" . DG  A 1 1 ? 1.312   7.115   1.113   1.00 15.91 ? 1    DG  A "C3'" 1 
ATOM   6    O  "O3'" . DG  A 1 1 ? 0.425   7.661   0.135   1.00 17.48 ? 1    DG  A "O3'" 1 
ATOM   7    C  "C2'" . DG  A 1 1 ? 2.636   6.702   0.494   1.00 14.54 ? 1    DG  A "C2'" 1 
ATOM   8    C  "C1'" . DG  A 1 1 ? 3.426   8.008   0.461   1.00 14.00 ? 1    DG  A "C1'" 1 
ATOM   9    N  N9    . DG  A 1 1 ? 4.852   7.872   0.749   1.00 13.31 ? 1    DG  A N9    1 
ATOM   10   C  C8    . DG  A 1 1 ? 5.433   7.125   1.743   1.00 12.82 ? 1    DG  A C8    1 
ATOM   11   N  N7    . DG  A 1 1 ? 6.736   7.232   1.770   1.00 13.14 ? 1    DG  A N7    1 
ATOM   12   C  C5    . DG  A 1 1 ? 7.032   8.096   0.723   1.00 11.52 ? 1    DG  A C5    1 
ATOM   13   C  C6    . DG  A 1 1 ? 8.290   8.608   0.267   1.00 12.94 ? 1    DG  A C6    1 
ATOM   14   O  O6    . DG  A 1 1 ? 9.427   8.390   0.714   1.00 12.35 ? 1    DG  A O6    1 
ATOM   15   N  N1    . DG  A 1 1 ? 8.128   9.457   -0.825  1.00 13.52 ? 1    DG  A N1    1 
ATOM   16   C  C2    . DG  A 1 1 ? 6.924   9.777   -1.404  1.00 13.43 ? 1    DG  A C2    1 
ATOM   17   N  N2    . DG  A 1 1 ? 6.973   10.608  -2.457  1.00 12.23 ? 1    DG  A N2    1 
ATOM   18   N  N3    . DG  A 1 1 ? 5.753   9.317   -0.985  1.00 13.27 ? 1    DG  A N3    1 
ATOM   19   C  C4    . DG  A 1 1 ? 5.882   8.491   0.075   1.00 12.14 ? 1    DG  A C4    1 
ATOM   20   P  P     . DC  A 1 2 ? -0.324  6.691   -0.902  1.00 17.88 ? 2    DC  A P     1 
ATOM   21   O  OP1   . DC  A 1 2 ? -1.594  7.358   -1.307  1.00 18.91 ? 2    DC  A OP1   1 
ATOM   22   O  OP2   . DC  A 1 2 ? -0.366  5.324   -0.317  1.00 17.94 ? 2    DC  A OP2   1 
ATOM   23   O  "O5'" . DC  A 1 2 ? 0.658   6.673   -2.157  1.00 15.70 ? 2    DC  A "O5'" 1 
ATOM   24   C  "C5'" . DC  A 1 2 ? 0.899   7.867   -2.900  1.00 15.10 ? 2    DC  A "C5'" 1 
ATOM   25   C  "C4'" . DC  A 1 2 ? 2.103   7.703   -3.798  1.00 15.41 ? 2    DC  A "C4'" 1 
ATOM   26   O  "O4'" . DC  A 1 2 ? 3.302   7.556   -3.002  1.00 14.63 ? 2    DC  A "O4'" 1 
ATOM   27   C  "C3'" . DC  A 1 2 ? 2.076   6.498   -4.751  1.00 15.60 ? 2    DC  A "C3'" 1 
ATOM   28   O  "O3'" . DC  A 1 2 ? 2.323   6.950   -6.087  1.00 17.38 ? 2    DC  A "O3'" 1 
ATOM   29   C  "C2'" . DC  A 1 2 ? 3.249   5.648   -4.285  1.00 14.75 ? 2    DC  A "C2'" 1 
ATOM   30   C  "C1'" . DC  A 1 2 ? 4.163   6.721   -3.736  1.00 13.74 ? 2    DC  A "C1'" 1 
ATOM   31   N  N1    . DC  A 1 2 ? 5.243   6.267   -2.849  1.00 12.27 ? 2    DC  A N1    1 
ATOM   32   C  C2    . DC  A 1 2 ? 6.536   6.753   -3.083  1.00 12.31 ? 2    DC  A C2    1 
ATOM   33   O  O2    . DC  A 1 2 ? 6.710   7.575   -3.995  1.00 15.04 ? 2    DC  A O2    1 
ATOM   34   N  N3    . DC  A 1 2 ? 7.558   6.319   -2.313  1.00 11.74 ? 2    DC  A N3    1 
ATOM   35   C  C4    . DC  A 1 2 ? 7.328   5.441   -1.336  1.00 11.38 ? 2    DC  A C4    1 
ATOM   36   N  N4    . DC  A 1 2 ? 8.376   5.014   -0.624  1.00 11.85 ? 2    DC  A N4    1 
ATOM   37   C  C5    . DC  A 1 2 ? 6.017   4.952   -1.054  1.00 10.97 ? 2    DC  A C5    1 
ATOM   38   C  C6    . DC  A 1 2 ? 5.011   5.386   -1.831  1.00 12.11 ? 2    DC  A C6    1 
ATOM   39   P  P     . DG  A 1 3 ? 1.778   6.099   -7.340  1.00 18.68 ? 3    DG  A P     1 
ATOM   40   O  OP1   . DG  A 1 3 ? 1.675   7.030   -8.491  1.00 21.59 ? 3    DG  A OP1   1 
ATOM   41   O  OP2   . DG  A 1 3 ? 0.583   5.338   -6.898  1.00 19.50 ? 3    DG  A OP2   1 
ATOM   42   O  "O5'" . DG  A 1 3 ? 2.943   5.058   -7.655  1.00 17.65 ? 3    DG  A "O5'" 1 
ATOM   43   C  "C5'" . DG  A 1 3 ? 4.201   5.495   -8.153  1.00 16.60 ? 3    DG  A "C5'" 1 
ATOM   44   C  "C4'" . DG  A 1 3 ? 5.072   4.307   -8.495  1.00 15.92 ? 3    DG  A "C4'" 1 
ATOM   45   O  "O4'" . DG  A 1 3 ? 5.383   3.569   -7.290  1.00 14.91 ? 3    DG  A "O4'" 1 
ATOM   46   C  "C3'" . DG  A 1 3 ? 4.444   3.284   -9.435  1.00 15.33 ? 3    DG  A "C3'" 1 
ATOM   47   O  "O3'" . DG  A 1 3 ? 5.483   2.597   -10.139 1.00 18.95 ? 3    DG  A "O3'" 1 
ATOM   48   C  "C2'" . DG  A 1 3 ? 3.749   2.335   -8.478  1.00 14.70 ? 3    DG  A "C2'" 1 
ATOM   49   C  "C1'" . DG  A 1 3 ? 4.679   2.329   -7.269  1.00 15.21 ? 3    DG  A "C1'" 1 
ATOM   50   N  N9    . DG  A 1 3 ? 3.991   2.245   -5.987  1.00 13.35 ? 3    DG  A N9    1 
ATOM   51   C  C8    . DG  A 1 3 ? 2.643   2.377   -5.753  1.00 13.29 ? 3    DG  A C8    1 
ATOM   52   N  N7    . DG  A 1 3 ? 2.335   2.301   -4.488  1.00 14.73 ? 3    DG  A N7    1 
ATOM   53   C  C5    . DG  A 1 3 ? 3.550   2.103   -3.851  1.00 11.92 ? 3    DG  A C5    1 
ATOM   54   C  C6    . DG  A 1 3 ? 3.848   1.967   -2.476  1.00 11.60 ? 3    DG  A C6    1 
ATOM   55   O  O6    . DG  A 1 3 ? 3.078   2.020   -1.516  1.00 14.13 ? 3    DG  A O6    1 
ATOM   56   N  N1    . DG  A 1 3 ? 5.207   1.763   -2.265  1.00 11.97 ? 3    DG  A N1    1 
ATOM   57   C  C2    . DG  A 1 3 ? 6.160   1.715   -3.250  1.00 11.88 ? 3    DG  A C2    1 
ATOM   58   N  N2    . DG  A 1 3 ? 7.421   1.507   -2.845  1.00 12.97 ? 3    DG  A N2    1 
ATOM   59   N  N3    . DG  A 1 3 ? 5.896   1.859   -4.540  1.00 13.08 ? 3    DG  A N3    1 
ATOM   60   C  C4    . DG  A 1 3 ? 4.579   2.048   -4.765  1.00 11.50 ? 3    DG  A C4    1 
ATOM   61   P  P     . DA  A 1 4 ? 5.158   1.851   -11.524 1.00 22.28 ? 4    DA  A P     1 
ATOM   62   O  OP1   . DA  A 1 4 ? 4.603   2.840   -12.485 1.00 24.96 ? 4    DA  A OP1   1 
ATOM   63   O  OP2   . DA  A 1 4 ? 4.398   0.608   -11.232 1.00 23.20 ? 4    DA  A OP2   1 
ATOM   64   O  "O5'" . DA  A 1 4 ? 6.594   1.405   -12.036 1.00 21.02 ? 4    DA  A "O5'" 1 
ATOM   65   C  "C5'" . DA  A 1 4 ? 7.595   2.363   -12.363 1.00 21.49 ? 4    DA  A "C5'" 1 
ATOM   66   C  "C4'" . DA  A 1 4 ? 8.943   1.688   -12.361 1.00 21.97 ? 4    DA  A "C4'" 1 
ATOM   67   O  "O4'" . DA  A 1 4 ? 9.330   1.478   -10.987 1.00 21.53 ? 4    DA  A "O4'" 1 
ATOM   68   C  "C3'" . DA  A 1 4 ? 8.883   0.309   -13.014 1.00 24.45 ? 4    DA  A "C3'" 1 
ATOM   69   O  "O3'" . DA  A 1 4 ? 9.530   0.320   -14.285 1.00 26.93 ? 4    DA  A "O3'" 1 
ATOM   70   C  "C2'" . DA  A 1 4 ? 9.610   -0.622  -12.060 1.00 23.59 ? 4    DA  A "C2'" 1 
ATOM   71   C  "C1'" . DA  A 1 4 ? 9.800   0.161   -10.776 1.00 21.03 ? 4    DA  A "C1'" 1 
ATOM   72   N  N9    . DA  A 1 4 ? 9.096   -0.382  -9.617  1.00 16.08 ? 4    DA  A N9    1 
ATOM   73   C  C8    . DA  A 1 4 ? 7.855   -0.044  -9.134  1.00 15.93 ? 4    DA  A C8    1 
ATOM   74   N  N7    . DA  A 1 4 ? 7.542   -0.653  -8.017  1.00 13.62 ? 4    DA  A N7    1 
ATOM   75   C  C5    . DA  A 1 4 ? 8.642   -1.460  -7.761  1.00 11.24 ? 4    DA  A C5    1 
ATOM   76   C  C6    . DA  A 1 4 ? 8.940   -2.347  -6.714  1.00 11.99 ? 4    DA  A C6    1 
ATOM   77   N  N6    . DA  A 1 4 ? 8.126   -2.569  -5.677  1.00 13.78 ? 4    DA  A N6    1 
ATOM   78   N  N1    . DA  A 1 4 ? 10.119  -3.003  -6.764  1.00 15.53 ? 4    DA  A N1    1 
ATOM   79   C  C2    . DA  A 1 4 ? 10.938  -2.771  -7.797  1.00 13.46 ? 4    DA  A C2    1 
ATOM   80   N  N3    . DA  A 1 4 ? 10.773  -1.957  -8.834  1.00 14.70 ? 4    DA  A N3    1 
ATOM   81   C  C4    . DA  A 1 4 ? 9.593   -1.321  -8.751  1.00 14.05 ? 4    DA  A C4    1 
ATOM   82   P  P     . DA  A 1 5 ? 9.218   -0.855  -15.337 1.00 27.46 ? 5    DA  A P     1 
ATOM   83   O  OP1   . DA  A 1 5 ? 9.974   -0.574  -16.581 1.00 30.21 ? 5    DA  A OP1   1 
ATOM   84   O  OP2   . DA  A 1 5 ? 7.745   -1.028  -15.391 1.00 28.49 ? 5    DA  A OP2   1 
ATOM   85   O  "O5'" . DA  A 1 5 ? 9.841   -2.148  -14.651 1.00 26.13 ? 5    DA  A "O5'" 1 
ATOM   86   C  "C5'" . DA  A 1 5 ? 11.237  -2.234  -14.391 1.00 22.92 ? 5    DA  A "C5'" 1 
ATOM   87   C  "C4'" . DA  A 1 5 ? 11.570  -3.586  -13.806 1.00 22.36 ? 5    DA  A "C4'" 1 
ATOM   88   O  "O4'" . DA  A 1 5 ? 10.975  -3.715  -12.492 1.00 19.83 ? 5    DA  A "O4'" 1 
ATOM   89   C  "C3'" . DA  A 1 5 ? 11.057  -4.768  -14.627 1.00 22.31 ? 5    DA  A "C3'" 1 
ATOM   90   O  "O3'" . DA  A 1 5 ? 12.070  -5.774  -14.687 1.00 24.72 ? 5    DA  A "O3'" 1 
ATOM   91   C  "C2'" . DA  A 1 5 ? 9.833   -5.245  -13.860 1.00 20.97 ? 5    DA  A "C2'" 1 
ATOM   92   C  "C1'" . DA  A 1 5 ? 10.161  -4.876  -12.423 1.00 19.02 ? 5    DA  A "C1'" 1 
ATOM   93   N  N9    . DA  A 1 5 ? 9.003   -4.549  -11.587 1.00 16.12 ? 5    DA  A N9    1 
ATOM   94   C  C8    . DA  A 1 5 ? 7.905   -3.793  -11.916 1.00 14.75 ? 5    DA  A C8    1 
ATOM   95   N  N7    . DA  A 1 5 ? 7.055   -3.640  -10.929 1.00 14.53 ? 5    DA  A N7    1 
ATOM   96   C  C5    . DA  A 1 5 ? 7.626   -4.352  -9.884  1.00 13.69 ? 5    DA  A C5    1 
ATOM   97   C  C6    . DA  A 1 5 ? 7.226   -4.564  -8.553  1.00 12.12 ? 5    DA  A C6    1 
ATOM   98   N  N6    . DA  A 1 5 ? 6.119   -4.044  -8.017  1.00 13.50 ? 5    DA  A N6    1 
ATOM   99   N  N1    . DA  A 1 5 ? 8.021   -5.336  -7.774  1.00 13.40 ? 5    DA  A N1    1 
ATOM   100  C  C2    . DA  A 1 5 ? 9.141   -5.833  -8.303  1.00 13.00 ? 5    DA  A C2    1 
ATOM   101  N  N3    . DA  A 1 5 ? 9.632   -5.691  -9.531  1.00 15.32 ? 5    DA  A N3    1 
ATOM   102  C  C4    . DA  A 1 5 ? 8.817   -4.929  -10.281 1.00 14.15 ? 5    DA  A C4    1 
ATOM   103  P  P     . DG  A 1 6 ? 11.874  -7.050  -15.643 1.00 25.71 ? 6    DG  A P     1 
ATOM   104  O  OP1   . DG  A 1 6 ? 13.215  -7.501  -16.089 1.00 28.19 ? 6    DG  A OP1   1 
ATOM   105  O  OP2   . DG  A 1 6 ? 10.835  -6.732  -16.650 1.00 24.79 ? 6    DG  A OP2   1 
ATOM   106  O  "O5'" . DG  A 1 6 ? 11.290  -8.146  -14.652 1.00 23.83 ? 6    DG  A "O5'" 1 
ATOM   107  C  "C5'" . DG  A 1 6 ? 11.962  -8.441  -13.437 1.00 21.07 ? 6    DG  A "C5'" 1 
ATOM   108  C  "C4'" . DG  A 1 6 ? 11.040  -9.188  -12.506 1.00 19.92 ? 6    DG  A "C4'" 1 
ATOM   109  O  "O4'" . DG  A 1 6 ? 9.968   -8.327  -12.070 1.00 18.84 ? 6    DG  A "O4'" 1 
ATOM   110  C  "C3'" . DG  A 1 6 ? 10.373  -10.419 -13.125 1.00 21.16 ? 6    DG  A "C3'" 1 
ATOM   111  O  "O3'" . DG  A 1 6 ? 10.922  -11.576 -12.489 1.00 24.53 ? 6    DG  A "O3'" 1 
ATOM   112  C  "C2'" . DG  A 1 6 ? 8.887   -10.237 -12.828 1.00 19.86 ? 6    DG  A "C2'" 1 
ATOM   113  C  "C1'" . DG  A 1 6 ? 8.869   -9.150  -11.764 1.00 17.96 ? 6    DG  A "C1'" 1 
ATOM   114  N  N9    . DG  A 1 6 ? 7.675   -8.307  -11.705 1.00 14.38 ? 6    DG  A N9    1 
ATOM   115  C  C8    . DG  A 1 6 ? 7.058   -7.638  -12.734 1.00 15.86 ? 6    DG  A C8    1 
ATOM   116  N  N7    . DG  A 1 6 ? 6.013   -6.953  -12.345 1.00 14.67 ? 6    DG  A N7    1 
ATOM   117  C  C5    . DG  A 1 6 ? 5.936   -7.192  -10.980 1.00 13.28 ? 6    DG  A C5    1 
ATOM   118  C  C6    . DG  A 1 6 ? 5.007   -6.721  -10.007 1.00 12.13 ? 6    DG  A C6    1 
ATOM   119  O  O6    . DG  A 1 6 ? 4.033   -5.972  -10.165 1.00 13.06 ? 6    DG  A O6    1 
ATOM   120  N  N1    . DG  A 1 6 ? 5.304   -7.211  -8.738  1.00 12.35 ? 6    DG  A N1    1 
ATOM   121  C  C2    . DG  A 1 6 ? 6.355   -8.040  -8.440  1.00 13.38 ? 6    DG  A C2    1 
ATOM   122  N  N2    . DG  A 1 6 ? 6.480   -8.400  -7.157  1.00 14.46 ? 6    DG  A N2    1 
ATOM   123  N  N3    . DG  A 1 6 ? 7.223   -8.486  -9.334  1.00 15.21 ? 6    DG  A N3    1 
ATOM   124  C  C4    . DG  A 1 6 ? 6.954   -8.026  -10.571 1.00 13.60 ? 6    DG  A C4    1 
ATOM   125  P  P     . DC  A 1 7 ? 10.590  -13.045 -13.043 1.00 22.76 ? 7    DC  A P     1 
ATOM   126  O  OP1   . DC  A 1 7 ? 11.879  -13.776 -13.143 1.00 26.81 ? 7    DC  A OP1   1 
ATOM   127  O  OP2   . DC  A 1 7 ? 9.725   -12.918 -14.243 1.00 21.68 ? 7    DC  A OP2   1 
ATOM   128  O  "O5'" . DC  A 1 7 ? 9.762   -13.682 -11.843 1.00 21.35 ? 7    DC  A "O5'" 1 
ATOM   129  C  "C5'" . DC  A 1 7 ? 10.325  -13.731 -10.531 1.00 21.29 ? 7    DC  A "C5'" 1 
ATOM   130  C  "C4'" . DC  A 1 7 ? 9.239   -13.679 -9.480  1.00 20.24 ? 7    DC  A "C4'" 1 
ATOM   131  O  "O4'" . DC  A 1 7 ? 8.498   -12.448 -9.556  1.00 18.29 ? 7    DC  A "O4'" 1 
ATOM   132  C  "C3'" . DC  A 1 7 ? 8.167   -14.754 -9.578  1.00 19.47 ? 7    DC  A "C3'" 1 
ATOM   133  O  "O3'" . DC  A 1 7 ? 8.638   -16.007 -9.058  1.00 20.46 ? 7    DC  A "O3'" 1 
ATOM   134  C  "C2'" . DC  A 1 7 ? 7.027   -14.152 -8.774  1.00 17.57 ? 7    DC  A "C2'" 1 
ATOM   135  C  "C1'" . DC  A 1 7 ? 7.289   -12.639 -8.832  1.00 17.05 ? 7    DC  A "C1'" 1 
ATOM   136  N  N1    . DC  A 1 7 ? 6.229   -11.859 -9.493  1.00 14.16 ? 7    DC  A N1    1 
ATOM   137  C  C2    . DC  A 1 7 ? 5.236   -11.288 -8.698  1.00 12.85 ? 7    DC  A C2    1 
ATOM   138  O  O2    . DC  A 1 7 ? 5.275   -11.472 -7.474  1.00 14.39 ? 7    DC  A O2    1 
ATOM   139  N  N3    . DC  A 1 7 ? 4.258   -10.555 -9.283  1.00 12.30 ? 7    DC  A N3    1 
ATOM   140  C  C4    . DC  A 1 7 ? 4.250   -10.389 -10.607 1.00 9.19  ? 7    DC  A C4    1 
ATOM   141  N  N4    . DC  A 1 7 ? 3.268   -9.650  -11.142 1.00 10.79 ? 7    DC  A N4    1 
ATOM   142  C  C5    . DC  A 1 7 ? 5.248   -10.970 -11.446 1.00 11.77 ? 7    DC  A C5    1 
ATOM   143  C  C6    . DC  A 1 7 ? 6.210   -11.691 -10.850 1.00 14.01 ? 7    DC  A C6    1 
ATOM   144  O  "O5'" . DG  B 1 1 ? -4.323  -7.920  -3.955  1.00 19.17 ? 1    DG  B "O5'" 1 
ATOM   145  C  "C5'" . DG  B 1 1 ? -3.571  -6.799  -3.471  1.00 15.94 ? 1    DG  B "C5'" 1 
ATOM   146  C  "C4'" . DG  B 1 1 ? -2.440  -7.268  -2.585  1.00 15.01 ? 1    DG  B "C4'" 1 
ATOM   147  O  "O4'" . DG  B 1 1 ? -1.506  -8.035  -3.377  1.00 15.53 ? 1    DG  B "O4'" 1 
ATOM   148  C  "C3'" . DG  B 1 1 ? -1.608  -6.157  -1.956  1.00 14.94 ? 1    DG  B "C3'" 1 
ATOM   149  O  "O3'" . DG  B 1 1 ? -1.042  -6.651  -0.736  1.00 16.97 ? 1    DG  B "O3'" 1 
ATOM   150  C  "C2'" . DG  B 1 1 ? -0.542  -5.902  -3.010  1.00 14.97 ? 1    DG  B "C2'" 1 
ATOM   151  C  "C1'" . DG  B 1 1 ? -0.333  -7.279  -3.642  1.00 13.66 ? 1    DG  B "C1'" 1 
ATOM   152  N  N9    . DG  B 1 1 ? -0.129  -7.283  -5.088  1.00 12.73 ? 1    DG  B N9    1 
ATOM   153  C  C8    . DG  B 1 1 ? -0.855  -6.599  -6.033  1.00 13.06 ? 1    DG  B C8    1 
ATOM   154  N  N7    . DG  B 1 1 ? -0.455  -6.833  -7.254  1.00 11.79 ? 1    DG  B N7    1 
ATOM   155  C  C5    . DG  B 1 1 ? 0.607   -7.714  -7.107  1.00 12.43 ? 1    DG  B C5    1 
ATOM   156  C  C6    . DG  B 1 1 ? 1.436   -8.328  -8.085  1.00 12.73 ? 1    DG  B C6    1 
ATOM   157  O  O6    . DG  B 1 1 ? 1.400   -8.199  -9.315  1.00 12.28 ? 1    DG  B O6    1 
ATOM   158  N  N1    . DG  B 1 1 ? 2.385   -9.162  -7.500  1.00 11.84 ? 1    DG  B N1    1 
ATOM   159  C  C2    . DG  B 1 1 ? 2.518   -9.378  -6.147  1.00 13.12 ? 1    DG  B C2    1 
ATOM   160  N  N2    . DG  B 1 1 ? 3.497   -10.213 -5.773  1.00 15.22 ? 1    DG  B N2    1 
ATOM   161  N  N3    . DG  B 1 1 ? 1.751   -8.814  -5.231  1.00 12.94 ? 1    DG  B N3    1 
ATOM   162  C  C4    . DG  B 1 1 ? 0.823   -8.000  -5.777  1.00 13.06 ? 1    DG  B C4    1 
ATOM   163  P  P     . DC  B 1 2 ? -0.188  -5.673  0.212   1.00 19.85 ? 2    DC  B P     1 
ATOM   164  O  OP1   . DC  B 1 2 ? -0.296  -6.201  1.596   1.00 21.01 ? 2    DC  B OP1   1 
ATOM   165  O  OP2   . DC  B 1 2 ? -0.571  -4.272  -0.077  1.00 20.47 ? 2    DC  B OP2   1 
ATOM   166  O  "O5'" . DC  B 1 2 ? 1.302   -5.889  -0.287  1.00 16.93 ? 2    DC  B "O5'" 1 
ATOM   167  C  "C5'" . DC  B 1 2 ? 1.927   -7.155  -0.156  1.00 16.24 ? 2    DC  B "C5'" 1 
ATOM   168  C  "C4'" . DC  B 1 2 ? 3.235   -7.159  -0.905  1.00 14.22 ? 2    DC  B "C4'" 1 
ATOM   169  O  "O4'" . DC  B 1 2 ? 2.993   -7.068  -2.328  1.00 13.21 ? 2    DC  B "O4'" 1 
ATOM   170  C  "C3'" . DC  B 1 2 ? 4.166   -5.992  -0.560  1.00 13.40 ? 2    DC  B "C3'" 1 
ATOM   171  O  "O3'" . DC  B 1 2 ? 5.453   -6.522  -0.260  1.00 13.54 ? 2    DC  B "O3'" 1 
ATOM   172  C  "C2'" . DC  B 1 2 ? 4.217   -5.173  -1.843  1.00 13.90 ? 2    DC  B "C2'" 1 
ATOM   173  C  "C1'" . DC  B 1 2 ? 4.001   -6.254  -2.880  1.00 13.28 ? 2    DC  B "C1'" 1 
ATOM   174  N  N1    . DC  B 1 2 ? 3.547   -5.813  -4.206  1.00 11.70 ? 2    DC  B N1    1 
ATOM   175  C  C2    . DC  B 1 2 ? 4.146   -6.385  -5.326  1.00 13.37 ? 2    DC  B C2    1 
ATOM   176  O  O2    . DC  B 1 2 ? 5.032   -7.232  -5.158  1.00 15.65 ? 2    DC  B O2    1 
ATOM   177  N  N3    . DC  B 1 2 ? 3.748   -6.005  -6.560  1.00 12.71 ? 2    DC  B N3    1 
ATOM   178  C  C4    . DC  B 1 2 ? 2.784   -5.092  -6.695  1.00 12.03 ? 2    DC  B C4    1 
ATOM   179  N  N4    . DC  B 1 2 ? 2.425   -4.745  -7.934  1.00 12.41 ? 2    DC  B N4    1 
ATOM   180  C  C5    . DC  B 1 2 ? 2.147   -4.492  -5.565  1.00 10.88 ? 2    DC  B C5    1 
ATOM   181  C  C6    . DC  B 1 2 ? 2.562   -4.878  -4.348  1.00 12.61 ? 2    DC  B C6    1 
ATOM   182  P  P     . DG  B 1 3 ? 6.425   -5.731  0.743   1.00 16.12 ? 3    DG  B P     1 
ATOM   183  O  OP1   . DG  B 1 3 ? 7.449   -6.693  1.199   1.00 19.15 ? 3    DG  B OP1   1 
ATOM   184  O  OP2   . DG  B 1 3 ? 5.593   -5.008  1.730   1.00 18.03 ? 3    DG  B OP2   1 
ATOM   185  O  "O5'" . DG  B 1 3 ? 7.115   -4.647  -0.192  1.00 14.51 ? 3    DG  B "O5'" 1 
ATOM   186  C  "C5'" . DG  B 1 3 ? 8.019   -5.034  -1.214  1.00 11.88 ? 3    DG  B "C5'" 1 
ATOM   187  C  "C4'" . DG  B 1 3 ? 8.491   -3.809  -1.958  1.00 11.23 ? 3    DG  B "C4'" 1 
ATOM   188  O  "O4'" . DG  B 1 3 ? 7.395   -3.265  -2.732  1.00 11.79 ? 3    DG  B "O4'" 1 
ATOM   189  C  "C3'" . DG  B 1 3 ? 8.952   -2.686  -1.033  1.00 9.69  ? 3    DG  B "C3'" 1 
ATOM   190  O  "O3'" . DG  B 1 3 ? 10.068  -2.028  -1.623  1.00 10.60 ? 3    DG  B "O3'" 1 
ATOM   191  C  "C2'" . DG  B 1 3 ? 7.749   -1.762  -0.965  1.00 10.19 ? 3    DG  B "C2'" 1 
ATOM   192  C  "C1'" . DG  B 1 3 ? 7.141   -1.922  -2.346  1.00 10.64 ? 3    DG  B "C1'" 1 
ATOM   193  N  N9    . DG  B 1 3 ? 5.698   -1.716  -2.412  1.00 9.82  ? 3    DG  B N9    1 
ATOM   194  C  C8    . DG  B 1 3 ? 4.804   -1.708  -1.374  1.00 10.46 ? 3    DG  B C8    1 
ATOM   195  N  N7    . DG  B 1 3 ? 3.569   -1.512  -1.758  1.00 12.69 ? 3    DG  B N7    1 
ATOM   196  C  C5    . DG  B 1 3 ? 3.657   -1.381  -3.136  1.00 9.38  ? 3    DG  B C5    1 
ATOM   197  C  C6    . DG  B 1 3 ? 2.645   -1.149  -4.105  1.00 10.76 ? 3    DG  B C6    1 
ATOM   198  O  O6    . DG  B 1 3 ? 1.429   -1.008  -3.930  1.00 12.28 ? 3    DG  B O6    1 
ATOM   199  N  N1    . DG  B 1 3 ? 3.174   -1.080  -5.389  1.00 10.88 ? 3    DG  B N1    1 
ATOM   200  C  C2    . DG  B 1 3 ? 4.502   -1.208  -5.704  1.00 11.09 ? 3    DG  B C2    1 
ATOM   201  N  N2    . DG  B 1 3 ? 4.816   -1.091  -6.997  1.00 11.91 ? 3    DG  B N2    1 
ATOM   202  N  N3    . DG  B 1 3 ? 5.458   -1.430  -4.811  1.00 11.67 ? 3    DG  B N3    1 
ATOM   203  C  C4    . DG  B 1 3 ? 4.965   -1.501  -3.557  1.00 10.07 ? 3    DG  B C4    1 
ATOM   204  P  P     . DA  B 1 4 ? 11.205  -1.403  -0.685  1.00 11.44 ? 4    DA  B P     1 
ATOM   205  O  OP1   . DA  B 1 4 ? 11.539  -2.386  0.389   1.00 12.52 ? 4    DA  B OP1   1 
ATOM   206  O  OP2   . DA  B 1 4 ? 10.827  -0.018  -0.311  1.00 13.12 ? 4    DA  B OP2   1 
ATOM   207  O  "O5'" . DA  B 1 4 ? 12.445  -1.285  -1.666  1.00 11.87 ? 4    DA  B "O5'" 1 
ATOM   208  C  "C5'" . DA  B 1 4 ? 13.088  -2.444  -2.187  1.00 13.31 ? 4    DA  B "C5'" 1 
ATOM   209  C  "C4'" . DA  B 1 4 ? 13.636  -2.138  -3.558  1.00 12.38 ? 4    DA  B "C4'" 1 
ATOM   210  O  "O4'" . DA  B 1 4 ? 12.538  -2.044  -4.485  1.00 13.15 ? 4    DA  B "O4'" 1 
ATOM   211  C  "C3'" . DA  B 1 4 ? 14.345  -0.790  -3.626  1.00 13.64 ? 4    DA  B "C3'" 1 
ATOM   212  O  "O3'" . DA  B 1 4 ? 15.745  -0.976  -3.430  1.00 15.04 ? 4    DA  B "O3'" 1 
ATOM   213  C  "C2'" . DA  B 1 4 ? 14.053  -0.296  -5.030  1.00 14.72 ? 4    DA  B "C2'" 1 
ATOM   214  C  "C1'" . DA  B 1 4 ? 12.745  -0.984  -5.405  1.00 14.21 ? 4    DA  B "C1'" 1 
ATOM   215  N  N9    . DA  B 1 4 ? 11.547  -0.145  -5.385  1.00 12.19 ? 4    DA  B N9    1 
ATOM   216  C  C8    . DA  B 1 4 ? 10.535  -0.155  -4.458  1.00 13.83 ? 4    DA  B C8    1 
ATOM   217  N  N7    . DA  B 1 4 ? 9.538   0.638   -4.755  1.00 12.98 ? 4    DA  B N7    1 
ATOM   218  C  C5    . DA  B 1 4 ? 9.927   1.229   -5.947  1.00 12.47 ? 4    DA  B C5    1 
ATOM   219  C  C6    . DA  B 1 4 ? 9.297   2.162   -6.788  1.00 13.75 ? 4    DA  B C6    1 
ATOM   220  N  N6    . DA  B 1 4 ? 8.081   2.666   -6.559  1.00 14.57 ? 4    DA  B N6    1 
ATOM   221  N  N1    . DA  B 1 4 ? 9.964   2.561   -7.893  1.00 15.93 ? 4    DA  B N1    1 
ATOM   222  C  C2    . DA  B 1 4 ? 11.178  2.046   -8.129  1.00 15.16 ? 4    DA  B C2    1 
ATOM   223  N  N3    . DA  B 1 4 ? 11.869  1.155   -7.419  1.00 13.81 ? 4    DA  B N3    1 
ATOM   224  C  C4    . DA  B 1 4 ? 11.176  0.781   -6.330  1.00 10.53 ? 4    DA  B C4    1 
ATOM   225  P  P     . DA  B 1 5 ? 16.572  0.094   -2.563  1.00 17.75 ? 5    DA  B P     1 
ATOM   226  O  OP1   . DA  B 1 5 ? 17.932  -0.467  -2.342  1.00 18.78 ? 5    DA  B OP1   1 
ATOM   227  O  OP2   . DA  B 1 5 ? 15.734  0.471   -1.394  1.00 17.08 ? 5    DA  B OP2   1 
ATOM   228  O  "O5'" . DA  B 1 5 ? 16.681  1.343   -3.542  1.00 18.89 ? 5    DA  B "O5'" 1 
ATOM   229  C  "C5'" . DA  B 1 5 ? 17.266  1.195   -4.835  1.00 16.04 ? 5    DA  B "C5'" 1 
ATOM   230  C  "C4'" . DA  B 1 5 ? 17.107  2.463   -5.641  1.00 18.45 ? 5    DA  B "C4'" 1 
ATOM   231  O  "O4'" . DA  B 1 5 ? 15.704  2.717   -5.895  1.00 17.64 ? 5    DA  B "O4'" 1 
ATOM   232  C  "C3'" . DA  B 1 5 ? 17.652  3.733   -4.988  1.00 19.03 ? 5    DA  B "C3'" 1 
ATOM   233  O  "O3'" . DA  B 1 5 ? 18.202  4.575   -6.007  1.00 21.79 ? 5    DA  B "O3'" 1 
ATOM   234  C  "C2'" . DA  B 1 5 ? 16.414  4.357   -4.369  1.00 16.21 ? 5    DA  B "C2'" 1 
ATOM   235  C  "C1'" . DA  B 1 5 ? 15.324  3.977   -5.357  1.00 16.03 ? 5    DA  B "C1'" 1 
ATOM   236  N  N9    . DA  B 1 5 ? 14.001  3.818   -4.755  1.00 13.72 ? 5    DA  B N9    1 
ATOM   237  C  C8    . DA  B 1 5 ? 13.684  3.126   -3.617  1.00 12.92 ? 5    DA  B C8    1 
ATOM   238  N  N7    . DA  B 1 5 ? 12.408  3.157   -3.317  1.00 11.75 ? 5    DA  B N7    1 
ATOM   239  C  C5    . DA  B 1 5 ? 11.847  3.918   -4.331  1.00 11.08 ? 5    DA  B C5    1 
ATOM   240  C  C6    . DA  B 1 5 ? 10.528  4.325   -4.584  1.00 10.48 ? 5    DA  B C6    1 
ATOM   241  N  N6    . DA  B 1 5 ? 9.492   4.008   -3.794  1.00 11.65 ? 5    DA  B N6    1 
ATOM   242  N  N1    . DA  B 1 5 ? 10.302  5.079   -5.685  1.00 11.93 ? 5    DA  B N1    1 
ATOM   243  C  C2    . DA  B 1 5 ? 11.345  5.404   -6.462  1.00 12.33 ? 5    DA  B C2    1 
ATOM   244  N  N3    . DA  B 1 5 ? 12.634  5.087   -6.323  1.00 12.82 ? 5    DA  B N3    1 
ATOM   245  C  C4    . DA  B 1 5 ? 12.817  4.332   -5.224  1.00 11.95 ? 5    DA  B C4    1 
ATOM   246  P  P     . DG  B 1 6 ? 18.949  5.942   -5.605  1.00 21.95 ? 6    DG  B P     1 
ATOM   247  O  OP1   . DG  B 1 6 ? 19.987  6.190   -6.636  1.00 23.53 ? 6    DG  B OP1   1 
ATOM   248  O  OP2   . DG  B 1 6 ? 19.332  5.884   -4.172  1.00 22.56 ? 6    DG  B OP2   1 
ATOM   249  O  "O5'" . DG  B 1 6 ? 17.819  7.048   -5.775  1.00 19.43 ? 6    DG  B "O5'" 1 
ATOM   250  C  "C5'" . DG  B 1 6 ? 17.247  7.300   -7.054  1.00 17.99 ? 6    DG  B "C5'" 1 
ATOM   251  C  "C4'" . DG  B 1 6 ? 16.131  8.310   -6.939  1.00 14.42 ? 6    DG  B "C4'" 1 
ATOM   252  O  "O4'" . DG  B 1 6 ? 15.017  7.739   -6.218  1.00 15.06 ? 6    DG  B "O4'" 1 
ATOM   253  C  "C3'" . DG  B 1 6 ? 16.507  9.602   -6.211  1.00 15.28 ? 6    DG  B "C3'" 1 
ATOM   254  O  "O3'" . DG  B 1 6 ? 16.168  10.706  -7.050  1.00 16.93 ? 6    DG  B "O3'" 1 
ATOM   255  C  "C2'" . DG  B 1 6 ? 15.657  9.583   -4.949  1.00 14.24 ? 6    DG  B "C2'" 1 
ATOM   256  C  "C1'" . DG  B 1 6 ? 14.487  8.696   -5.329  1.00 14.14 ? 6    DG  B "C1'" 1 
ATOM   257  N  N9    . DG  B 1 6 ? 13.893  7.964   -4.216  1.00 11.77 ? 6    DG  B N9    1 
ATOM   258  C  C8    . DG  B 1 6 ? 14.559  7.286   -3.226  1.00 13.05 ? 6    DG  B C8    1 
ATOM   259  N  N7    . DG  B 1 6 ? 13.757  6.699   -2.382  1.00 11.56 ? 6    DG  B N7    1 
ATOM   260  C  C5    . DG  B 1 6 ? 12.486  7.018   -2.837  1.00 10.26 ? 6    DG  B C5    1 
ATOM   261  C  C6    . DG  B 1 6 ? 11.216  6.662   -2.324  1.00 10.38 ? 6    DG  B C6    1 
ATOM   262  O  O6    . DG  B 1 6 ? 10.953  5.968   -1.340  1.00 10.55 ? 6    DG  B O6    1 
ATOM   263  N  N1    . DG  B 1 6 ? 10.185  7.200   -3.085  1.00 10.98 ? 6    DG  B N1    1 
ATOM   264  C  C2    . DG  B 1 6 ? 10.354  7.978   -4.201  1.00 11.69 ? 6    DG  B C2    1 
ATOM   265  N  N2    . DG  B 1 6 ? 9.229   8.406   -4.790  1.00 13.73 ? 6    DG  B N2    1 
ATOM   266  N  N3    . DG  B 1 6 ? 11.537  8.312   -4.697  1.00 11.06 ? 6    DG  B N3    1 
ATOM   267  C  C4    . DG  B 1 6 ? 12.552  7.801   -3.966  1.00 10.73 ? 6    DG  B C4    1 
ATOM   268  P  P     . DC  B 1 7 ? 16.605  12.194  -6.637  1.00 17.42 ? 7    DC  B P     1 
ATOM   269  O  OP1   . DC  B 1 7 ? 17.140  12.839  -7.864  1.00 19.85 ? 7    DC  B OP1   1 
ATOM   270  O  OP2   . DC  B 1 7 ? 17.445  12.126  -5.420  1.00 16.21 ? 7    DC  B OP2   1 
ATOM   271  O  "O5'" . DC  B 1 7 ? 15.216  12.893  -6.286  1.00 15.90 ? 7    DC  B "O5'" 1 
ATOM   272  C  "C5'" . DC  B 1 7 ? 14.223  13.074  -7.301  1.00 16.59 ? 7    DC  B "C5'" 1 
ATOM   273  C  "C4'" . DC  B 1 7 ? 12.853  13.263  -6.691  1.00 16.82 ? 7    DC  B "C4'" 1 
ATOM   274  O  "O4'" . DC  B 1 7 ? 12.446  12.088  -5.967  1.00 16.01 ? 7    DC  B "O4'" 1 
ATOM   275  C  "C3'" . DC  B 1 7 ? 12.718  14.387  -5.674  1.00 16.85 ? 7    DC  B "C3'" 1 
ATOM   276  O  "O3'" . DC  B 1 7 ? 12.585  15.656  -6.328  1.00 19.04 ? 7    DC  B "O3'" 1 
ATOM   277  C  "C2'" . DC  B 1 7 ? 11.472  13.985  -4.904  1.00 15.19 ? 7    DC  B "C2'" 1 
ATOM   278  C  "C1'" . DC  B 1 7 ? 11.398  12.461  -5.081  1.00 13.49 ? 7    DC  B "C1'" 1 
ATOM   279  N  N1    . DC  B 1 7 ? 11.572  11.704  -3.833  1.00 12.24 ? 7    DC  B N1    1 
ATOM   280  C  C2    . DC  B 1 7 ? 10.436  11.264  -3.157  1.00 11.37 ? 7    DC  B C2    1 
ATOM   281  O  O2    . DC  B 1 7 ? 9.320   11.539  -3.615  1.00 13.20 ? 7    DC  B O2    1 
ATOM   282  N  N3    . DC  B 1 7 ? 10.580  10.547  -2.021  1.00 12.04 ? 7    DC  B N3    1 
ATOM   283  C  C4    . DC  B 1 7 ? 11.796  10.267  -1.558  1.00 10.51 ? 7    DC  B C4    1 
ATOM   284  N  N4    . DC  B 1 7 ? 11.883  9.539   -0.439  1.00 11.32 ? 7    DC  B N4    1 
ATOM   285  C  C5    . DC  B 1 7 ? 12.976  10.716  -2.219  1.00 10.70 ? 7    DC  B C5    1 
ATOM   286  C  C6    . DC  B 1 7 ? 12.818  11.427  -3.344  1.00 12.21 ? 7    DC  B C6    1 
ATOM   287  O  "O5'" . DG  C 1 1 ? -5.535  14.189  -15.888 1.00 42.44 ? 1    DG  C "O5'" 1 
ATOM   288  C  "C5'" . DG  C 1 1 ? -5.859  14.719  -17.176 1.00 39.99 ? 1    DG  C "C5'" 1 
ATOM   289  C  "C4'" . DG  C 1 1 ? -6.805  13.833  -17.953 1.00 39.81 ? 1    DG  C "C4'" 1 
ATOM   290  O  "O4'" . DG  C 1 1 ? -6.201  12.534  -18.156 1.00 38.63 ? 1    DG  C "O4'" 1 
ATOM   291  C  "C3'" . DG  C 1 1 ? -8.135  13.556  -17.261 1.00 39.49 ? 1    DG  C "C3'" 1 
ATOM   292  O  "O3'" . DG  C 1 1 ? -9.151  13.322  -18.241 1.00 40.83 ? 1    DG  C "O3'" 1 
ATOM   293  C  "C2'" . DG  C 1 1 ? -7.853  12.288  -16.478 1.00 38.58 ? 1    DG  C "C2'" 1 
ATOM   294  C  "C1'" . DG  C 1 1 ? -6.860  11.548  -17.366 1.00 36.82 ? 1    DG  C "C1'" 1 
ATOM   295  N  N9    . DG  C 1 1 ? -5.832  10.821  -16.628 1.00 33.80 ? 1    DG  C N9    1 
ATOM   296  C  C8    . DG  C 1 1 ? -5.131  11.264  -15.533 1.00 32.37 ? 1    DG  C C8    1 
ATOM   297  N  N7    . DG  C 1 1 ? -4.253  10.402  -15.102 1.00 31.64 ? 1    DG  C N7    1 
ATOM   298  C  C5    . DG  C 1 1 ? -4.386  9.319   -15.961 1.00 31.28 ? 1    DG  C C5    1 
ATOM   299  C  C6    . DG  C 1 1 ? -3.689  8.087   -15.995 1.00 29.53 ? 1    DG  C C6    1 
ATOM   300  O  O6    . DG  C 1 1 ? -2.779  7.698   -15.257 1.00 30.08 ? 1    DG  C O6    1 
ATOM   301  N  N1    . DG  C 1 1 ? -4.142  7.272   -17.027 1.00 28.60 ? 1    DG  C N1    1 
ATOM   302  C  C2    . DG  C 1 1 ? -5.132  7.601   -17.918 1.00 29.72 ? 1    DG  C C2    1 
ATOM   303  N  N2    . DG  C 1 1 ? -5.426  6.675   -18.842 1.00 28.37 ? 1    DG  C N2    1 
ATOM   304  N  N3    . DG  C 1 1 ? -5.784  8.753   -17.904 1.00 30.71 ? 1    DG  C N3    1 
ATOM   305  C  C4    . DG  C 1 1 ? -5.362  9.558   -16.903 1.00 31.46 ? 1    DG  C C4    1 
ATOM   306  P  P     . DC  C 1 2 ? -10.691 13.253  -17.788 1.00 41.96 ? 2    DC  C P     1 
ATOM   307  O  OP1   . DC  C 1 2 ? -11.526 13.783  -18.897 1.00 42.64 ? 2    DC  C OP1   1 
ATOM   308  O  OP2   . DC  C 1 2 ? -10.782 13.867  -16.439 1.00 42.12 ? 2    DC  C OP2   1 
ATOM   309  O  "O5'" . DC  C 1 2 ? -10.974 11.692  -17.652 1.00 40.15 ? 2    DC  C "O5'" 1 
ATOM   310  C  "C5'" . DC  C 1 2 ? -10.948 10.848  -18.801 1.00 36.11 ? 2    DC  C "C5'" 1 
ATOM   311  C  "C4'" . DC  C 1 2 ? -10.949 9.395   -18.385 1.00 33.50 ? 2    DC  C "C4'" 1 
ATOM   312  O  "O4'" . DC  C 1 2 ? -9.712  9.076   -17.704 1.00 31.54 ? 2    DC  C "O4'" 1 
ATOM   313  C  "C3'" . DC  C 1 2 ? -12.077 8.996   -17.426 1.00 32.19 ? 2    DC  C "C3'" 1 
ATOM   314  O  "O3'" . DC  C 1 2 ? -12.725 7.817   -17.909 1.00 33.64 ? 2    DC  C "O3'" 1 
ATOM   315  C  "C2'" . DC  C 1 2 ? -11.355 8.688   -16.125 1.00 31.05 ? 2    DC  C "C2'" 1 
ATOM   316  C  "C1'" . DC  C 1 2 ? -10.022 8.200   -16.642 1.00 28.97 ? 2    DC  C "C1'" 1 
ATOM   317  N  N1    . DC  C 1 2 ? -8.916  8.237   -15.674 1.00 25.51 ? 2    DC  C N1    1 
ATOM   318  C  C2    . DC  C 1 2 ? -7.973  7.211   -15.710 1.00 24.30 ? 2    DC  C C2    1 
ATOM   319  O  O2    . DC  C 1 2 ? -8.087  6.328   -16.572 1.00 23.25 ? 2    DC  C O2    1 
ATOM   320  N  N3    . DC  C 1 2 ? -6.964  7.208   -14.810 1.00 23.26 ? 2    DC  C N3    1 
ATOM   321  C  C4    . DC  C 1 2 ? -6.874  8.184   -13.904 1.00 22.78 ? 2    DC  C C4    1 
ATOM   322  N  N4    . DC  C 1 2 ? -5.870  8.134   -13.029 1.00 23.80 ? 2    DC  C N4    1 
ATOM   323  C  C5    . DC  C 1 2 ? -7.814  9.256   -13.855 1.00 23.98 ? 2    DC  C C5    1 
ATOM   324  C  C6    . DC  C 1 2 ? -8.810  9.242   -14.752 1.00 23.63 ? 2    DC  C C6    1 
ATOM   325  P  P     . DG  C 1 3 ? -14.175 7.415   -17.344 1.00 36.14 ? 3    DG  C P     1 
ATOM   326  O  OP1   . DG  C 1 3 ? -14.740 6.362   -18.225 1.00 38.00 ? 3    DG  C OP1   1 
ATOM   327  O  OP2   . DG  C 1 3 ? -14.934 8.672   -17.116 1.00 37.19 ? 3    DG  C OP2   1 
ATOM   328  O  "O5'" . DG  C 1 3 ? -13.875 6.751   -15.929 1.00 35.83 ? 3    DG  C "O5'" 1 
ATOM   329  C  "C5'" . DG  C 1 3 ? -13.356 5.428   -15.846 1.00 32.59 ? 3    DG  C "C5'" 1 
ATOM   330  C  "C4'" . DG  C 1 3 ? -13.345 4.961   -14.411 1.00 30.71 ? 3    DG  C "C4'" 1 
ATOM   331  O  "O4'" . DG  C 1 3 ? -12.456 5.806   -13.646 1.00 28.72 ? 3    DG  C "O4'" 1 
ATOM   332  C  "C3'" . DG  C 1 3 ? -14.694 5.036   -13.701 1.00 30.81 ? 3    DG  C "C3'" 1 
ATOM   333  O  "O3'" . DG  C 1 3 ? -14.768 3.995   -12.730 1.00 33.31 ? 3    DG  C "O3'" 1 
ATOM   334  C  "C2'" . DG  C 1 3 ? -14.639 6.380   -13.004 1.00 29.42 ? 3    DG  C "C2'" 1 
ATOM   335  C  "C1'" . DG  C 1 3 ? -13.176 6.460   -12.610 1.00 27.36 ? 3    DG  C "C1'" 1 
ATOM   336  N  N9    . DG  C 1 3 ? -12.647 7.814   -12.504 1.00 25.58 ? 3    DG  C N9    1 
ATOM   337  C  C8    . DG  C 1 3 ? -13.178 8.965   -13.034 1.00 26.19 ? 3    DG  C C8    1 
ATOM   338  N  N7    . DG  C 1 3 ? -12.450 10.022  -12.796 1.00 25.02 ? 3    DG  C N7    1 
ATOM   339  C  C5    . DG  C 1 3 ? -11.379 9.536   -12.056 1.00 24.80 ? 3    DG  C C5    1 
ATOM   340  C  C6    . DG  C 1 3 ? -10.258 10.210  -11.516 1.00 24.67 ? 3    DG  C C6    1 
ATOM   341  O  O6    . DG  C 1 3 ? -9.972  11.409  -11.587 1.00 25.96 ? 3    DG  C O6    1 
ATOM   342  N  N1    . DG  C 1 3 ? -9.415  9.334   -10.833 1.00 24.54 ? 3    DG  C N1    1 
ATOM   343  C  C2    . DG  C 1 3 ? -9.623  7.985   -10.694 1.00 22.88 ? 3    DG  C C2    1 
ATOM   344  N  N2    . DG  C 1 3 ? -8.689  7.306   -10.001 1.00 22.97 ? 3    DG  C N2    1 
ATOM   345  N  N3    . DG  C 1 3 ? -10.663 7.344   -11.197 1.00 23.98 ? 3    DG  C N3    1 
ATOM   346  C  C4    . DG  C 1 3 ? -11.493 8.177   -11.862 1.00 25.12 ? 3    DG  C C4    1 
ATOM   347  P  P     . DA  C 1 4 ? -16.196 3.389   -12.324 1.00 35.62 ? 4    DA  C P     1 
ATOM   348  O  OP1   . DA  C 1 4 ? -16.882 2.950   -13.567 1.00 35.99 ? 4    DA  C OP1   1 
ATOM   349  O  OP2   . DA  C 1 4 ? -16.852 4.376   -11.432 1.00 34.19 ? 4    DA  C OP2   1 
ATOM   350  O  "O5'" . DA  C 1 4 ? -15.823 2.098   -11.470 1.00 34.86 ? 4    DA  C "O5'" 1 
ATOM   351  C  "C5'" . DA  C 1 4 ? -15.267 0.942   -12.095 1.00 33.90 ? 4    DA  C "C5'" 1 
ATOM   352  C  "C4'" . DA  C 1 4 ? -14.498 0.131   -11.080 1.00 34.38 ? 4    DA  C "C4'" 1 
ATOM   353  O  "O4'" . DA  C 1 4 ? -13.303 0.850   -10.715 1.00 32.34 ? 4    DA  C "O4'" 1 
ATOM   354  C  "C3'" . DA  C 1 4 ? -15.270 -0.088  -9.784  1.00 35.20 ? 4    DA  C "C3'" 1 
ATOM   355  O  "O3'" . DA  C 1 4 ? -15.914 -1.362  -9.821  1.00 39.22 ? 4    DA  C "O3'" 1 
ATOM   356  C  "C2'" . DA  C 1 4 ? -14.201 -0.053  -8.705  1.00 33.33 ? 4    DA  C "C2'" 1 
ATOM   357  C  "C1'" . DA  C 1 4 ? -13.062 0.751   -9.319  1.00 29.80 ? 4    DA  C "C1'" 1 
ATOM   358  N  N9    . DA  C 1 4 ? -12.896 2.108   -8.801  1.00 26.54 ? 4    DA  C N9    1 
ATOM   359  C  C8    . DA  C 1 4 ? -13.148 3.290   -9.453  1.00 24.46 ? 4    DA  C C8    1 
ATOM   360  N  N7    . DA  C 1 4 ? -12.839 4.355   -8.756  1.00 24.45 ? 4    DA  C N7    1 
ATOM   361  C  C5    . DA  C 1 4 ? -12.366 3.841   -7.557  1.00 22.97 ? 4    DA  C C5    1 
ATOM   362  C  C6    . DA  C 1 4 ? -11.865 4.454   -6.398  1.00 23.06 ? 4    DA  C C6    1 
ATOM   363  N  N6    . DA  C 1 4 ? -11.735 5.774   -6.253  1.00 23.14 ? 4    DA  C N6    1 
ATOM   364  N  N1    . DA  C 1 4 ? -11.487 3.653   -5.378  1.00 22.58 ? 4    DA  C N1    1 
ATOM   365  C  C2    . DA  C 1 4 ? -11.600 2.328   -5.528  1.00 22.87 ? 4    DA  C C2    1 
ATOM   366  N  N3    . DA  C 1 4 ? -12.043 1.634   -6.571  1.00 23.53 ? 4    DA  C N3    1 
ATOM   367  C  C4    . DA  C 1 4 ? -12.414 2.459   -7.564  1.00 23.96 ? 4    DA  C C4    1 
ATOM   368  P  P     . DA  C 1 5 ? -17.370 -1.536  -9.167  1.00 41.98 ? 5    DA  C P     1 
ATOM   369  O  OP1   . DA  C 1 5 ? -17.906 -2.862  -9.567  1.00 41.52 ? 5    DA  C OP1   1 
ATOM   370  O  OP2   . DA  C 1 5 ? -18.140 -0.306  -9.479  1.00 41.79 ? 5    DA  C OP2   1 
ATOM   371  O  "O5'" . DA  C 1 5 ? -17.079 -1.558  -7.604  1.00 40.43 ? 5    DA  C "O5'" 1 
ATOM   372  C  "C5'" . DA  C 1 5 ? -16.157 -2.489  -7.049  1.00 39.52 ? 5    DA  C "C5'" 1 
ATOM   373  C  "C4'" . DA  C 1 5 ? -15.892 -2.153  -5.602  1.00 38.37 ? 5    DA  C "C4'" 1 
ATOM   374  O  "O4'" . DA  C 1 5 ? -15.245 -0.860  -5.531  1.00 37.62 ? 5    DA  C "O4'" 1 
ATOM   375  C  "C3'" . DA  C 1 5 ? -17.155 -2.044  -4.748  1.00 38.72 ? 5    DA  C "C3'" 1 
ATOM   376  O  "O3'" . DA  C 1 5 ? -16.916 -2.589  -3.449  1.00 40.58 ? 5    DA  C "O3'" 1 
ATOM   377  C  "C2'" . DA  C 1 5 ? -17.407 -0.549  -4.673  1.00 36.96 ? 5    DA  C "C2'" 1 
ATOM   378  C  "C1'" . DA  C 1 5 ? -16.004 0.027   -4.723  1.00 35.49 ? 5    DA  C "C1'" 1 
ATOM   379  N  N9    . DA  C 1 5 ? -15.925 1.356   -5.328  1.00 31.66 ? 5    DA  C N9    1 
ATOM   380  C  C8    . DA  C 1 5 ? -16.439 1.765   -6.534  1.00 31.15 ? 5    DA  C C8    1 
ATOM   381  N  N7    . DA  C 1 5 ? -16.204 3.025   -6.809  1.00 29.56 ? 5    DA  C N7    1 
ATOM   382  C  C5    . DA  C 1 5 ? -15.488 3.477   -5.711  1.00 28.15 ? 5    DA  C C5    1 
ATOM   383  C  C6    . DA  C 1 5 ? -14.941 4.731   -5.390  1.00 28.16 ? 5    DA  C C6    1 
ATOM   384  N  N6    . DA  C 1 5 ? -15.035 5.802   -6.179  1.00 26.73 ? 5    DA  C N6    1 
ATOM   385  N  N1    . DA  C 1 5 ? -14.286 4.848   -4.215  1.00 26.84 ? 5    DA  C N1    1 
ATOM   386  C  C2    . DA  C 1 5 ? -14.190 3.771   -3.425  1.00 28.79 ? 5    DA  C C2    1 
ATOM   387  N  N3    . DA  C 1 5 ? -14.661 2.542   -3.616  1.00 28.14 ? 5    DA  C N3    1 
ATOM   388  C  C4    . DA  C 1 5 ? -15.308 2.460   -4.791  1.00 29.84 ? 5    DA  C C4    1 
ATOM   389  P  P     . DG  C 1 6 ? -18.121 -2.688  -2.392  1.00 42.45 ? 6    DG  C P     1 
ATOM   390  O  OP1   . DG  C 1 6 ? -17.879 -3.864  -1.519  1.00 43.08 ? 6    DG  C OP1   1 
ATOM   391  O  OP2   . DG  C 1 6 ? -19.393 -2.584  -3.153  1.00 42.59 ? 6    DG  C OP2   1 
ATOM   392  O  "O5'" . DG  C 1 6 ? -17.953 -1.371  -1.512  1.00 40.89 ? 6    DG  C "O5'" 1 
ATOM   393  C  "C5'" . DG  C 1 6 ? -16.755 -1.141  -0.774  1.00 40.48 ? 6    DG  C "C5'" 1 
ATOM   394  C  "C4'" . DG  C 1 6 ? -16.786 0.228   -0.135  1.00 40.02 ? 6    DG  C "C4'" 1 
ATOM   395  O  "O4'" . DG  C 1 6 ? -16.738 1.251   -1.156  1.00 38.95 ? 6    DG  C "O4'" 1 
ATOM   396  C  "C3'" . DG  C 1 6 ? -18.034 0.519   0.705   1.00 40.59 ? 6    DG  C "C3'" 1 
ATOM   397  O  "O3'" . DG  C 1 6 ? -17.643 1.059   1.969   1.00 42.01 ? 6    DG  C "O3'" 1 
ATOM   398  C  "C2'" . DG  C 1 6 ? -18.782 1.567   -0.102  1.00 38.94 ? 6    DG  C "C2'" 1 
ATOM   399  C  "C1'" . DG  C 1 6 ? -17.648 2.278   -0.813  1.00 37.39 ? 6    DG  C "C1'" 1 
ATOM   400  N  N9    . DG  C 1 6 ? -18.023 2.973   -2.040  1.00 34.10 ? 6    DG  C N9    1 
ATOM   401  C  C8    . DG  C 1 6 ? -18.840 2.512   -3.043  1.00 33.03 ? 6    DG  C C8    1 
ATOM   402  N  N7    . DG  C 1 6 ? -18.979 3.364   -4.021  1.00 31.32 ? 6    DG  C N7    1 
ATOM   403  C  C5    . DG  C 1 6 ? -18.210 4.454   -3.640  1.00 30.78 ? 6    DG  C C5    1 
ATOM   404  C  C6    . DG  C 1 6 ? -17.972 5.685   -4.303  1.00 28.60 ? 6    DG  C C6    1 
ATOM   405  O  O6    . DG  C 1 6 ? -18.405 6.066   -5.393  1.00 28.31 ? 6    DG  C O6    1 
ATOM   406  N  N1    . DG  C 1 6 ? -17.131 6.511   -3.560  1.00 27.85 ? 6    DG  C N1    1 
ATOM   407  C  C2    . DG  C 1 6 ? -16.584 6.191   -2.343  1.00 29.43 ? 6    DG  C C2    1 
ATOM   408  N  N2    . DG  C 1 6 ? -15.794 7.121   -1.785  1.00 29.78 ? 6    DG  C N2    1 
ATOM   409  N  N3    . DG  C 1 6 ? -16.797 5.044   -1.717  1.00 31.74 ? 6    DG  C N3    1 
ATOM   410  C  C4    . DG  C 1 6 ? -17.615 4.230   -2.419  1.00 31.38 ? 6    DG  C C4    1 
ATOM   411  P  P     . DC  C 1 7 ? -18.658 1.005   3.210   1.00 42.53 ? 7    DC  C P     1 
ATOM   412  O  OP1   . DC  C 1 7 ? -18.088 0.091   4.233   1.00 43.67 ? 7    DC  C OP1   1 
ATOM   413  O  OP2   . DC  C 1 7 ? -20.013 0.742   2.664   1.00 42.65 ? 7    DC  C OP2   1 
ATOM   414  O  "O5'" . DC  C 1 7 ? -18.620 2.488   3.789   1.00 41.74 ? 7    DC  C "O5'" 1 
ATOM   415  C  "C5'" . DC  C 1 7 ? -17.403 3.043   4.285   1.00 40.25 ? 7    DC  C "C5'" 1 
ATOM   416  C  "C4'" . DC  C 1 7 ? -17.348 4.526   3.999   1.00 38.90 ? 7    DC  C "C4'" 1 
ATOM   417  O  "O4'" . DC  C 1 7 ? -17.354 4.765   2.581   1.00 37.39 ? 7    DC  C "O4'" 1 
ATOM   418  C  "C3'" . DC  C 1 7 ? -18.533 5.332   4.509   1.00 38.47 ? 7    DC  C "C3'" 1 
ATOM   419  O  "O3'" . DC  C 1 7 ? -18.418 5.587   5.912   1.00 39.74 ? 7    DC  C "O3'" 1 
ATOM   420  C  "C2'" . DC  C 1 7 ? -18.479 6.579   3.642   1.00 36.98 ? 7    DC  C "C2'" 1 
ATOM   421  C  "C1'" . DC  C 1 7 ? -17.767 6.112   2.365   1.00 35.28 ? 7    DC  C "C1'" 1 
ATOM   422  N  N1    . DC  C 1 7 ? -18.603 6.142   1.155   1.00 31.93 ? 7    DC  C N1    1 
ATOM   423  C  C2    . DC  C 1 7 ? -18.543 7.266   0.326   1.00 29.52 ? 7    DC  C C2    1 
ATOM   424  O  O2    . DC  C 1 7 ? -17.794 8.205   0.639   1.00 27.46 ? 7    DC  C O2    1 
ATOM   425  N  N3    . DC  C 1 7 ? -19.302 7.303   -0.794  1.00 27.82 ? 7    DC  C N3    1 
ATOM   426  C  C4    . DC  C 1 7 ? -20.097 6.274   -1.096  1.00 28.25 ? 7    DC  C C4    1 
ATOM   427  N  N4    . DC  C 1 7 ? -20.823 6.351   -2.212  1.00 26.93 ? 7    DC  C N4    1 
ATOM   428  C  C5    . DC  C 1 7 ? -20.181 5.118   -0.263  1.00 28.95 ? 7    DC  C C5    1 
ATOM   429  C  C6    . DC  C 1 7 ? -19.424 5.096   0.840   1.00 30.41 ? 7    DC  C C6    1 
ATOM   430  O  "O5'" . DG  D 1 1 ? -20.196 16.035  -6.071  1.00 28.51 ? 1    DG  D "O5'" 1 
ATOM   431  C  "C5'" . DG  D 1 1 ? -18.966 15.841  -6.781  1.00 28.72 ? 1    DG  D "C5'" 1 
ATOM   432  C  "C4'" . DG  D 1 1 ? -17.783 15.836  -5.840  1.00 28.59 ? 1    DG  D "C4'" 1 
ATOM   433  O  "O4'" . DG  D 1 1 ? -17.994 14.811  -4.844  1.00 27.88 ? 1    DG  D "O4'" 1 
ATOM   434  C  "C3'" . DG  D 1 1 ? -16.447 15.488  -6.490  1.00 28.95 ? 1    DG  D "C3'" 1 
ATOM   435  O  "O3'" . DG  D 1 1 ? -15.372 16.037  -5.719  1.00 31.39 ? 1    DG  D "O3'" 1 
ATOM   436  C  "C2'" . DG  D 1 1 ? -16.430 13.973  -6.419  1.00 28.79 ? 1    DG  D "C2'" 1 
ATOM   437  C  "C1'" . DG  D 1 1 ? -17.163 13.686  -5.113  1.00 27.59 ? 1    DG  D "C1'" 1 
ATOM   438  N  N9    . DG  D 1 1 ? -18.016 12.501  -5.144  1.00 26.26 ? 1    DG  D N9    1 
ATOM   439  C  C8    . DG  D 1 1 ? -18.854 12.100  -6.157  1.00 24.46 ? 1    DG  D C8    1 
ATOM   440  N  N7    . DG  D 1 1 ? -19.494 10.995  -5.884  1.00 24.83 ? 1    DG  D N7    1 
ATOM   441  C  C5    . DG  D 1 1 ? -19.050 10.644  -4.617  1.00 24.21 ? 1    DG  D C5    1 
ATOM   442  C  C6    . DG  D 1 1 ? -19.391 9.535   -3.795  1.00 24.11 ? 1    DG  D C6    1 
ATOM   443  O  O6    . DG  D 1 1 ? -20.176 8.612   -4.032  1.00 25.06 ? 1    DG  D O6    1 
ATOM   444  N  N1    . DG  D 1 1 ? -18.707 9.568   -2.585  1.00 24.50 ? 1    DG  D N1    1 
ATOM   445  C  C2    . DG  D 1 1 ? -17.809 10.537  -2.212  1.00 25.37 ? 1    DG  D C2    1 
ATOM   446  N  N2    . DG  D 1 1 ? -17.251 10.392  -0.999  1.00 26.99 ? 1    DG  D N2    1 
ATOM   447  N  N3    . DG  D 1 1 ? -17.482 11.572  -2.967  1.00 25.68 ? 1    DG  D N3    1 
ATOM   448  C  C4    . DG  D 1 1 ? -18.136 11.562  -4.147  1.00 24.89 ? 1    DG  D C4    1 
ATOM   449  P  P     . DC  D 1 2 ? -13.853 15.844  -6.213  1.00 32.65 ? 2    DC  D P     1 
ATOM   450  O  OP1   . DC  D 1 2 ? -13.072 17.038  -5.801  1.00 31.46 ? 2    DC  D OP1   1 
ATOM   451  O  OP2   . DC  D 1 2 ? -13.897 15.451  -7.645  1.00 32.39 ? 2    DC  D OP2   1 
ATOM   452  O  "O5'" . DC  D 1 2 ? -13.332 14.594  -5.369  1.00 32.07 ? 2    DC  D "O5'" 1 
ATOM   453  C  "C5'" . DC  D 1 2 ? -13.120 14.701  -3.961  1.00 30.93 ? 2    DC  D "C5'" 1 
ATOM   454  C  "C4'" . DC  D 1 2 ? -12.736 13.359  -3.379  1.00 29.91 ? 2    DC  D "C4'" 1 
ATOM   455  O  "O4'" . DC  D 1 2 ? -13.827 12.423  -3.558  1.00 29.24 ? 2    DC  D "O4'" 1 
ATOM   456  C  "C3'" . DC  D 1 2 ? -11.503 12.695  -4.001  1.00 30.19 ? 2    DC  D "C3'" 1 
ATOM   457  O  "O3'" . DC  D 1 2 ? -10.719 12.082  -2.971  1.00 30.54 ? 2    DC  D "O3'" 1 
ATOM   458  C  "C2'" . DC  D 1 2 ? -12.099 11.619  -4.890  1.00 29.13 ? 2    DC  D "C2'" 1 
ATOM   459  C  "C1'" . DC  D 1 2 ? -13.312 11.213  -4.082  1.00 28.55 ? 2    DC  D "C1'" 1 
ATOM   460  N  N1    . DC  D 1 2 ? -14.379 10.552  -4.848  1.00 28.33 ? 2    DC  D N1    1 
ATOM   461  C  C2    . DC  D 1 2 ? -15.063 9.493   -4.254  1.00 28.47 ? 2    DC  D C2    1 
ATOM   462  O  O2    . DC  D 1 2 ? -14.761 9.166   -3.098  1.00 29.74 ? 2    DC  D O2    1 
ATOM   463  N  N3    . DC  D 1 2 ? -16.033 8.856   -4.948  1.00 27.25 ? 2    DC  D N3    1 
ATOM   464  C  C4    . DC  D 1 2 ? -16.331 9.248   -6.189  1.00 28.28 ? 2    DC  D C4    1 
ATOM   465  N  N4    . DC  D 1 2 ? -17.292 8.586   -6.839  1.00 28.25 ? 2    DC  D N4    1 
ATOM   466  C  C5    . DC  D 1 2 ? -15.654 10.334  -6.817  1.00 26.83 ? 2    DC  D C5    1 
ATOM   467  C  C6    . DC  D 1 2 ? -14.695 10.953  -6.116  1.00 27.43 ? 2    DC  D C6    1 
ATOM   468  P  P     . DG  D 1 3 ? -9.160  11.779  -3.223  1.00 31.65 ? 3    DG  D P     1 
ATOM   469  O  OP1   . DG  D 1 3 ? -8.549  11.489  -1.900  1.00 32.15 ? 3    DG  D OP1   1 
ATOM   470  O  OP2   . DG  D 1 3 ? -8.610  12.870  -4.062  1.00 30.55 ? 3    DG  D OP2   1 
ATOM   471  O  "O5'" . DG  D 1 3 ? -9.152  10.439  -4.083  1.00 29.57 ? 3    DG  D "O5'" 1 
ATOM   472  C  "C5'" . DG  D 1 3 ? -9.443  9.181   -3.477  1.00 26.08 ? 3    DG  D "C5'" 1 
ATOM   473  C  "C4'" . DG  D 1 3 ? -9.278  8.065   -4.482  1.00 24.62 ? 3    DG  D "C4'" 1 
ATOM   474  O  "O4'" . DG  D 1 3 ? -10.277 8.203   -5.519  1.00 23.77 ? 3    DG  D "O4'" 1 
ATOM   475  C  "C3'" . DG  D 1 3 ? -7.931  8.028   -5.203  1.00 23.49 ? 3    DG  D "C3'" 1 
ATOM   476  O  "O3'" . DG  D 1 3 ? -7.585  6.667   -5.487  1.00 22.81 ? 3    DG  D "O3'" 1 
ATOM   477  C  "C2'" . DG  D 1 3 ? -8.215  8.781   -6.490  1.00 21.99 ? 3    DG  D "C2'" 1 
ATOM   478  C  "C1'" . DG  D 1 3 ? -9.655  8.386   -6.783  1.00 23.23 ? 3    DG  D "C1'" 1 
ATOM   479  N  N9    . DG  D 1 3 ? -10.437 9.381   -7.511  1.00 23.34 ? 3    DG  D N9    1 
ATOM   480  C  C8    . DG  D 1 3 ? -10.159 10.719  -7.663  1.00 24.91 ? 3    DG  D C8    1 
ATOM   481  N  N7    . DG  D 1 3 ? -11.070 11.358  -8.346  1.00 23.41 ? 3    DG  D N7    1 
ATOM   482  C  C5    . DG  D 1 3 ? -12.004 10.381  -8.668  1.00 23.92 ? 3    DG  D C5    1 
ATOM   483  C  C6    . DG  D 1 3 ? -13.222 10.474  -9.394  1.00 25.45 ? 3    DG  D C6    1 
ATOM   484  O  O6    . DG  D 1 3 ? -13.741 11.473  -9.906  1.00 26.72 ? 3    DG  D O6    1 
ATOM   485  N  N1    . DG  D 1 3 ? -13.853 9.238   -9.493  1.00 24.68 ? 3    DG  D N1    1 
ATOM   486  C  C2    . DG  D 1 3 ? -13.379 8.065   -8.960  1.00 25.03 ? 3    DG  D C2    1 
ATOM   487  N  N2    . DG  D 1 3 ? -14.127 6.973   -9.173  1.00 25.33 ? 3    DG  D N2    1 
ATOM   488  N  N3    . DG  D 1 3 ? -12.254 7.968   -8.272  1.00 23.96 ? 3    DG  D N3    1 
ATOM   489  C  C4    . DG  D 1 3 ? -11.622 9.156   -8.167  1.00 24.27 ? 3    DG  D C4    1 
ATOM   490  P  P     . DA  D 1 4 ? -6.039  6.221   -5.541  1.00 22.15 ? 4    DA  D P     1 
ATOM   491  O  OP1   . DA  D 1 4 ? -5.379  6.602   -4.268  1.00 24.46 ? 4    DA  D OP1   1 
ATOM   492  O  OP2   . DA  D 1 4 ? -5.481  6.708   -6.829  1.00 24.24 ? 4    DA  D OP2   1 
ATOM   493  O  "O5'" . DA  D 1 4 ? -6.119  4.632   -5.608  1.00 21.94 ? 4    DA  D "O5'" 1 
ATOM   494  C  "C5'" . DA  D 1 4 ? -6.516  3.864   -4.471  1.00 21.86 ? 4    DA  D "C5'" 1 
ATOM   495  C  "C4'" . DA  D 1 4 ? -7.067  2.530   -4.916  1.00 21.62 ? 4    DA  D "C4'" 1 
ATOM   496  O  "O4'" . DA  D 1 4 ? -8.341  2.740   -5.555  1.00 20.49 ? 4    DA  D "O4'" 1 
ATOM   497  C  "C3'" . DA  D 1 4 ? -6.199  1.827   -5.954  1.00 21.66 ? 4    DA  D "C3'" 1 
ATOM   498  O  "O3'" . DA  D 1 4 ? -5.304  0.915   -5.311  1.00 22.09 ? 4    DA  D "O3'" 1 
ATOM   499  C  "C2'" . DA  D 1 4 ? -7.201  1.074   -6.811  1.00 21.27 ? 4    DA  D "C2'" 1 
ATOM   500  C  "C1'" . DA  D 1 4 ? -8.494  1.868   -6.664  1.00 20.36 ? 4    DA  D "C1'" 1 
ATOM   501  N  N9    . DA  D 1 4 ? -8.868  2.683   -7.820  1.00 20.23 ? 4    DA  D N9    1 
ATOM   502  C  C8    . DA  D 1 4 ? -8.872  4.052   -7.917  1.00 19.70 ? 4    DA  D C8    1 
ATOM   503  N  N7    . DA  D 1 4 ? -9.333  4.500   -9.059  1.00 19.98 ? 4    DA  D N7    1 
ATOM   504  C  C5    . DA  D 1 4 ? -9.635  3.350   -9.771  1.00 20.04 ? 4    DA  D C5    1 
ATOM   505  C  C6    . DA  D 1 4 ? -10.173 3.143   -11.052 1.00 20.99 ? 4    DA  D C6    1 
ATOM   506  N  N6    . DA  D 1 4 ? -10.539 4.133   -11.870 1.00 22.52 ? 4    DA  D N6    1 
ATOM   507  N  N1    . DA  D 1 4 ? -10.334 1.869   -11.467 1.00 22.22 ? 4    DA  D N1    1 
ATOM   508  C  C2    . DA  D 1 4 ? -9.987  0.876   -10.638 1.00 21.94 ? 4    DA  D C2    1 
ATOM   509  N  N3    . DA  D 1 4 ? -9.485  0.942   -9.407  1.00 21.55 ? 4    DA  D N3    1 
ATOM   510  C  C4    . DA  D 1 4 ? -9.331  2.222   -9.028  1.00 19.32 ? 4    DA  D C4    1 
ATOM   511  P  P     . DA  D 1 5 ? -3.847  0.661   -5.937  1.00 22.68 ? 5    DA  D P     1 
ATOM   512  O  OP1   . DA  D 1 5 ? -3.137  -0.304  -5.059  1.00 22.88 ? 5    DA  D OP1   1 
ATOM   513  O  OP2   . DA  D 1 5 ? -3.224  1.975   -6.241  1.00 22.58 ? 5    DA  D OP2   1 
ATOM   514  O  "O5'" . DA  D 1 5 ? -4.147  -0.050  -7.328  1.00 20.67 ? 5    DA  D "O5'" 1 
ATOM   515  C  "C5'" . DA  D 1 5 ? -4.786  -1.318  -7.371  1.00 18.07 ? 5    DA  D "C5'" 1 
ATOM   516  C  "C4'" . DA  D 1 5 ? -4.851  -1.809  -8.797  1.00 17.66 ? 5    DA  D "C4'" 1 
ATOM   517  O  "O4'" . DA  D 1 5 ? -5.718  -0.928  -9.554  1.00 18.16 ? 5    DA  D "O4'" 1 
ATOM   518  C  "C3'" . DA  D 1 5 ? -3.506  -1.812  -9.520  1.00 14.88 ? 5    DA  D "C3'" 1 
ATOM   519  O  "O3'" . DA  D 1 5 ? -3.394  -2.994  -10.316 1.00 15.63 ? 5    DA  D "O3'" 1 
ATOM   520  C  "C2'" . DA  D 1 5 ? -3.547  -0.557  -10.378 1.00 16.63 ? 5    DA  D "C2'" 1 
ATOM   521  C  "C1'" . DA  D 1 5 ? -5.029  -0.369  -10.659 1.00 17.31 ? 5    DA  D "C1'" 1 
ATOM   522  N  N9    . DA  D 1 5 ? -5.452  1.029   -10.780 1.00 17.93 ? 5    DA  D N9    1 
ATOM   523  C  C8    . DA  D 1 5 ? -5.140  2.074   -9.948  1.00 17.70 ? 5    DA  D C8    1 
ATOM   524  N  N7    . DA  D 1 5 ? -5.686  3.213   -10.300 1.00 18.51 ? 5    DA  D N7    1 
ATOM   525  C  C5    . DA  D 1 5 ? -6.404  2.901   -11.444 1.00 16.70 ? 5    DA  D C5    1 
ATOM   526  C  C6    . DA  D 1 5 ? -7.208  3.677   -12.297 1.00 17.92 ? 5    DA  D C6    1 
ATOM   527  N  N6    . DA  D 1 5 ? -7.429  4.982   -12.116 1.00 18.76 ? 5    DA  D N6    1 
ATOM   528  N  N1    . DA  D 1 5 ? -7.783  3.061   -13.352 1.00 17.42 ? 5    DA  D N1    1 
ATOM   529  C  C2    . DA  D 1 5 ? -7.558  1.753   -13.530 1.00 20.32 ? 5    DA  D C2    1 
ATOM   530  N  N3    . DA  D 1 5 ? -6.819  0.914   -12.799 1.00 20.86 ? 5    DA  D N3    1 
ATOM   531  C  C4    . DA  D 1 5 ? -6.264  1.559   -11.758 1.00 19.32 ? 5    DA  D C4    1 
ATOM   532  P  P     . DG  D 1 6 ? -2.020  -3.321  -11.069 1.00 17.50 ? 6    DG  D P     1 
ATOM   533  O  OP1   . DG  D 1 6 ? -1.950  -4.792  -11.283 1.00 19.18 ? 6    DG  D OP1   1 
ATOM   534  O  OP2   . DG  D 1 6 ? -0.898  -2.631  -10.378 1.00 19.58 ? 6    DG  D OP2   1 
ATOM   535  O  "O5'" . DG  D 1 6 ? -2.211  -2.625  -12.485 1.00 18.44 ? 6    DG  D "O5'" 1 
ATOM   536  C  "C5'" . DG  D 1 6 ? -3.196  -3.102  -13.393 1.00 19.64 ? 6    DG  D "C5'" 1 
ATOM   537  C  "C4'" . DG  D 1 6 ? -3.326  -2.149  -14.556 1.00 20.91 ? 6    DG  D "C4'" 1 
ATOM   538  O  "O4'" . DG  D 1 6 ? -3.864  -0.901  -14.094 1.00 21.32 ? 6    DG  D "O4'" 1 
ATOM   539  C  "C3'" . DG  D 1 6 ? -1.994  -1.777  -15.195 1.00 22.26 ? 6    DG  D "C3'" 1 
ATOM   540  O  "O3'" . DG  D 1 6 ? -1.716  -2.660  -16.278 1.00 23.88 ? 6    DG  D "O3'" 1 
ATOM   541  C  "C2'" . DG  D 1 6 ? -2.212  -0.355  -15.694 1.00 23.00 ? 6    DG  D "C2'" 1 
ATOM   542  C  "C1'" . DG  D 1 6 ? -3.525  0.087   -15.052 1.00 20.76 ? 6    DG  D "C1'" 1 
ATOM   543  N  N9    . DG  D 1 6 ? -3.464  1.374   -14.369 1.00 20.47 ? 6    DG  D N9    1 
ATOM   544  C  C8    . DG  D 1 6 ? -2.658  1.728   -13.314 1.00 18.63 ? 6    DG  D C8    1 
ATOM   545  N  N7    . DG  D 1 6 ? -2.843  2.959   -12.919 1.00 19.22 ? 6    DG  D N7    1 
ATOM   546  C  C5    . DG  D 1 6 ? -3.830  3.445   -13.767 1.00 18.75 ? 6    DG  D C5    1 
ATOM   547  C  C6    . DG  D 1 6 ? -4.447  4.718   -13.822 1.00 17.91 ? 6    DG  D C6    1 
ATOM   548  O  O6    . DG  D 1 6 ? -4.241  5.704   -13.108 1.00 18.15 ? 6    DG  D O6    1 
ATOM   549  N  N1    . DG  D 1 6 ? -5.397  4.783   -14.839 1.00 19.61 ? 6    DG  D N1    1 
ATOM   550  C  C2    . DG  D 1 6 ? -5.711  3.753   -15.692 1.00 19.67 ? 6    DG  D C2    1 
ATOM   551  N  N2    . DG  D 1 6 ? -6.652  4.005   -16.615 1.00 19.59 ? 6    DG  D N2    1 
ATOM   552  N  N3    . DG  D 1 6 ? -5.144  2.561   -15.648 1.00 21.52 ? 6    DG  D N3    1 
ATOM   553  C  C4    . DG  D 1 6 ? -4.220  2.479   -14.668 1.00 18.73 ? 6    DG  D C4    1 
ATOM   554  P  P     . DC  D 1 7 ? -0.334  -2.525  -17.077 1.00 23.60 ? 7    DC  D P     1 
ATOM   555  O  OP1   . DC  D 1 7 ? -0.077  -3.825  -17.752 1.00 25.60 ? 7    DC  D OP1   1 
ATOM   556  O  OP2   . DC  D 1 7 ? 0.680   -1.967  -16.140 1.00 24.22 ? 7    DC  D OP2   1 
ATOM   557  O  "O5'" . DC  D 1 7 ? -0.653  -1.433  -18.189 1.00 24.59 ? 7    DC  D "O5'" 1 
ATOM   558  C  "C5'" . DC  D 1 7 ? -1.590  -1.712  -19.227 1.00 26.03 ? 7    DC  D "C5'" 1 
ATOM   559  C  "C4'" . DC  D 1 7 ? -2.012  -0.433  -19.910 1.00 26.01 ? 7    DC  D "C4'" 1 
ATOM   560  O  "O4'" . DC  D 1 7 ? -2.684  0.433   -18.977 1.00 26.78 ? 7    DC  D "O4'" 1 
ATOM   561  C  "C3'" . DC  D 1 7 ? -0.879  0.426   -20.446 1.00 26.66 ? 7    DC  D "C3'" 1 
ATOM   562  O  "O3'" . DC  D 1 7 ? -0.329  -0.100  -21.659 1.00 28.32 ? 7    DC  D "O3'" 1 
ATOM   563  C  "C2'" . DC  D 1 7 ? -1.557  1.776   -20.595 1.00 26.73 ? 7    DC  D "C2'" 1 
ATOM   564  C  "C1'" . DC  D 1 7 ? -2.612  1.767   -19.479 1.00 26.38 ? 7    DC  D "C1'" 1 
ATOM   565  N  N1    . DC  D 1 7 ? -2.285  2.660   -18.358 1.00 24.54 ? 7    DC  D N1    1 
ATOM   566  C  C2    . DC  D 1 7 ? -3.015  3.841   -18.208 1.00 24.70 ? 7    DC  D C2    1 
ATOM   567  O  O2    . DC  D 1 7 ? -3.944  4.074   -18.998 1.00 26.24 ? 7    DC  D O2    1 
ATOM   568  N  N3    . DC  D 1 7 ? -2.694  4.693   -17.208 1.00 22.51 ? 7    DC  D N3    1 
ATOM   569  C  C4    . DC  D 1 7 ? -1.695  4.397   -16.371 1.00 23.01 ? 7    DC  D C4    1 
ATOM   570  N  N4    . DC  D 1 7 ? -1.397  5.276   -15.411 1.00 20.45 ? 7    DC  D N4    1 
ATOM   571  C  C5    . DC  D 1 7 ? -0.953  3.187   -16.487 1.00 22.71 ? 7    DC  D C5    1 
ATOM   572  C  C6    . DC  D 1 7 ? -1.277  2.357   -17.487 1.00 24.46 ? 7    DC  D C6    1 
ATOM   573  O  "O5'" . DG  E 1 1 ? -1.738  -12.039 23.419  1.00 13.50 ? 1    DG  E "O5'" 1 
ATOM   574  C  "C5'" . DG  E 1 1 ? -2.625  -13.143 23.572  1.00 12.84 ? 1    DG  E "C5'" 1 
ATOM   575  C  "C4'" . DG  E 1 1 ? -3.454  -13.347 22.325  1.00 13.28 ? 1    DG  E "C4'" 1 
ATOM   576  O  "O4'" . DG  E 1 1 ? -4.415  -12.276 22.178  1.00 13.60 ? 1    DG  E "O4'" 1 
ATOM   577  C  "C3'" . DG  E 1 1 ? -2.654  -13.373 21.028  1.00 13.12 ? 1    DG  E "C3'" 1 
ATOM   578  O  "O3'" . DG  E 1 1 ? -3.277  -14.297 20.131  1.00 14.70 ? 1    DG  E "O3'" 1 
ATOM   579  C  "C2'" . DG  E 1 1 ? -2.751  -11.937 20.531  1.00 14.89 ? 1    DG  E "C2'" 1 
ATOM   580  C  "C1'" . DG  E 1 1 ? -4.117  -11.479 21.036  1.00 13.45 ? 1    DG  E "C1'" 1 
ATOM   581  N  N9    . DG  E 1 1 ? -4.202  -10.080 21.449  1.00 13.84 ? 1    DG  E N9    1 
ATOM   582  C  C8    . DG  E 1 1 ? -3.395  -9.435  22.357  1.00 13.27 ? 1    DG  E C8    1 
ATOM   583  N  N7    . DG  E 1 1 ? -3.754  -8.196  22.573  1.00 14.30 ? 1    DG  E N7    1 
ATOM   584  C  C5    . DG  E 1 1 ? -4.853  -8.006  21.749  1.00 14.26 ? 1    DG  E C5    1 
ATOM   585  C  C6    . DG  E 1 1 ? -5.681  -6.859  21.566  1.00 15.01 ? 1    DG  E C6    1 
ATOM   586  O  O6    . DG  E 1 1 ? -5.606  -5.759  22.126  1.00 19.36 ? 1    DG  E O6    1 
ATOM   587  N  N1    . DG  E 1 1 ? -6.679  -7.095  20.626  1.00 15.44 ? 1    DG  E N1    1 
ATOM   588  C  C2    . DG  E 1 1 ? -6.868  -8.278  19.955  1.00 15.12 ? 1    DG  E C2    1 
ATOM   589  N  N2    . DG  E 1 1 ? -7.879  -8.308  19.078  1.00 17.09 ? 1    DG  E N2    1 
ATOM   590  N  N3    . DG  E 1 1 ? -6.115  -9.356  20.127  1.00 15.32 ? 1    DG  E N3    1 
ATOM   591  C  C4    . DG  E 1 1 ? -5.134  -9.149  21.033  1.00 13.98 ? 1    DG  E C4    1 
ATOM   592  P  P     . DC  E 1 2 ? -2.500  -14.799 18.819  1.00 15.14 ? 2    DC  E P     1 
ATOM   593  O  OP1   . DC  E 1 2 ? -3.129  -16.072 18.385  1.00 17.87 ? 2    DC  E OP1   1 
ATOM   594  O  OP2   . DC  E 1 2 ? -1.038  -14.751 19.066  1.00 16.07 ? 2    DC  E OP2   1 
ATOM   595  O  "O5'" . DC  E 1 2 ? -2.847  -13.680 17.741  1.00 14.27 ? 2    DC  E "O5'" 1 
ATOM   596  C  "C5'" . DC  E 1 2 ? -4.173  -13.558 17.238  1.00 15.07 ? 2    DC  E "C5'" 1 
ATOM   597  C  "C4'" . DC  E 1 2 ? -4.333  -12.260 16.484  1.00 13.82 ? 2    DC  E "C4'" 1 
ATOM   598  O  "O4'" . DC  E 1 2 ? -4.277  -11.138 17.391  1.00 15.73 ? 2    DC  E "O4'" 1 
ATOM   599  C  "C3'" . DC  E 1 2 ? -3.279  -11.986 15.403  1.00 15.06 ? 2    DC  E "C3'" 1 
ATOM   600  O  "O3'" . DC  E 1 2 ? -3.954  -11.728 14.167  1.00 17.77 ? 2    DC  E "O3'" 1 
ATOM   601  C  "C2'" . DC  E 1 2 ? -2.584  -10.722 15.887  1.00 14.92 ? 2    DC  E "C2'" 1 
ATOM   602  C  "C1'" . DC  E 1 2 ? -3.698  -10.074 16.678  1.00 15.02 ? 2    DC  E "C1'" 1 
ATOM   603  N  N1    . DC  E 1 2 ? -3.315  -9.031  17.636  1.00 14.25 ? 2    DC  E N1    1 
ATOM   604  C  C2    . DC  E 1 2 ? -4.115  -7.894  17.714  1.00 15.60 ? 2    DC  E C2    1 
ATOM   605  O  O2    . DC  E 1 2 ? -5.115  -7.817  16.981  1.00 16.88 ? 2    DC  E O2    1 
ATOM   606  N  N3    . DC  E 1 2 ? -3.788  -6.910  18.578  1.00 15.03 ? 2    DC  E N3    1 
ATOM   607  C  C4    . DC  E 1 2 ? -2.707  -7.036  19.351  1.00 15.03 ? 2    DC  E C4    1 
ATOM   608  N  N4    . DC  E 1 2 ? -2.421  -6.036  20.186  1.00 15.03 ? 2    DC  E N4    1 
ATOM   609  C  C5    . DC  E 1 2 ? -1.872  -8.191  19.298  1.00 13.94 ? 2    DC  E C5    1 
ATOM   610  C  C6    . DC  E 1 2 ? -2.211  -9.157  18.433  1.00 13.67 ? 2    DC  E C6    1 
ATOM   611  P  P     . DG  E 1 3 ? -3.164  -11.870 12.776  1.00 19.74 ? 3    DG  E P     1 
ATOM   612  O  OP1   . DG  E 1 3 ? -4.181  -12.000 11.700  1.00 21.73 ? 3    DG  E OP1   1 
ATOM   613  O  OP2   . DG  E 1 3 ? -2.115  -12.904 12.924  1.00 20.29 ? 3    DG  E OP2   1 
ATOM   614  O  "O5'" . DG  E 1 3 ? -2.442  -10.463 12.616  1.00 18.04 ? 3    DG  E "O5'" 1 
ATOM   615  C  "C5'" . DG  E 1 3 ? -3.206  -9.278  12.428  1.00 17.12 ? 3    DG  E "C5'" 1 
ATOM   616  C  "C4'" . DG  E 1 3 ? -2.285  -8.102  12.213  1.00 17.89 ? 3    DG  E "C4'" 1 
ATOM   617  O  "O4'" . DG  E 1 3 ? -1.547  -7.838  13.427  1.00 16.72 ? 3    DG  E "O4'" 1 
ATOM   618  C  "C3'" . DG  E 1 3 ? -1.234  -8.323  11.131  1.00 17.82 ? 3    DG  E "C3'" 1 
ATOM   619  O  "O3'" . DG  E 1 3 ? -0.939  -7.067  10.525  1.00 18.35 ? 3    DG  E "O3'" 1 
ATOM   620  C  "C2'" . DG  E 1 3 ? -0.037  -8.827  11.918  1.00 16.47 ? 3    DG  E "C2'" 1 
ATOM   621  C  "C1'" . DG  E 1 3 ? -0.155  -8.033  13.209  1.00 17.12 ? 3    DG  E "C1'" 1 
ATOM   622  N  N9    . DG  E 1 3 ? 0.379   -8.678  14.404  1.00 18.10 ? 3    DG  E N9    1 
ATOM   623  C  C8    . DG  E 1 3 ? 0.672   -10.008 14.584  1.00 16.87 ? 3    DG  E C8    1 
ATOM   624  N  N7    . DG  E 1 3 ? 1.095   -10.278 15.791  1.00 19.10 ? 3    DG  E N7    1 
ATOM   625  C  C5    . DG  E 1 3 ? 1.085   -9.051  16.440  1.00 18.82 ? 3    DG  E C5    1 
ATOM   626  C  C6    . DG  E 1 3 ? 1.434   -8.711  17.772  1.00 20.46 ? 3    DG  E C6    1 
ATOM   627  O  O6    . DG  E 1 3 ? 1.823   -9.457  18.682  1.00 21.98 ? 3    DG  E O6    1 
ATOM   628  N  N1    . DG  E 1 3 ? 1.290   -7.347  18.007  1.00 18.98 ? 3    DG  E N1    1 
ATOM   629  C  C2    . DG  E 1 3 ? 0.857   -6.428  17.083  1.00 18.81 ? 3    DG  E C2    1 
ATOM   630  N  N2    . DG  E 1 3 ? 0.780   -5.157  17.503  1.00 18.59 ? 3    DG  E N2    1 
ATOM   631  N  N3    . DG  E 1 3 ? 0.523   -6.732  15.842  1.00 17.62 ? 3    DG  E N3    1 
ATOM   632  C  C4    . DG  E 1 3 ? 0.660   -8.052  15.591  1.00 17.35 ? 3    DG  E C4    1 
ATOM   633  P  P     . DA  E 1 4 ? -0.515  -7.009  8.979   1.00 20.85 ? 4    DA  E P     1 
ATOM   634  O  OP1   . DA  E 1 4 ? -1.561  -7.702  8.186   1.00 19.60 ? 4    DA  E OP1   1 
ATOM   635  O  OP2   . DA  E 1 4 ? 0.894   -7.453  8.880   1.00 20.05 ? 4    DA  E OP2   1 
ATOM   636  O  "O5'" . DA  E 1 4 ? -0.573  -5.455  8.655   1.00 16.85 ? 4    DA  E "O5'" 1 
ATOM   637  C  "C5'" . DA  E 1 4 ? -1.817  -4.796  8.440   1.00 17.46 ? 4    DA  E "C5'" 1 
ATOM   638  C  "C4'" . DA  E 1 4 ? -1.627  -3.302  8.554   1.00 15.59 ? 4    DA  E "C4'" 1 
ATOM   639  O  "O4'" . DA  E 1 4 ? -1.423  -2.944  9.936   1.00 17.45 ? 4    DA  E "O4'" 1 
ATOM   640  C  "C3'" . DA  E 1 4 ? -0.396  -2.793  7.812   1.00 16.80 ? 4    DA  E "C3'" 1 
ATOM   641  O  "O3'" . DA  E 1 4 ? -0.791  -2.347  6.520   1.00 15.84 ? 4    DA  E "O3'" 1 
ATOM   642  C  "C2'" . DA  E 1 4 ? 0.067   -1.618  8.653   1.00 16.15 ? 4    DA  E "C2'" 1 
ATOM   643  C  "C1'" . DA  E 1 4 ? -0.396  -1.974  10.058  1.00 16.34 ? 4    DA  E "C1'" 1 
ATOM   644  N  N9    . DA  E 1 4 ? 0.633   -2.536  10.929  1.00 16.53 ? 4    DA  E N9    1 
ATOM   645  C  C8    . DA  E 1 4 ? 0.777   -3.845  11.311  1.00 17.59 ? 4    DA  E C8    1 
ATOM   646  N  N7    . DA  E 1 4 ? 1.742   -4.040  12.173  1.00 17.46 ? 4    DA  E N7    1 
ATOM   647  C  C5    . DA  E 1 4 ? 2.286   -2.780  12.355  1.00 15.34 ? 4    DA  E C5    1 
ATOM   648  C  C6    . DA  E 1 4 ? 3.332   -2.315  13.163  1.00 19.47 ? 4    DA  E C6    1 
ATOM   649  N  N6    . DA  E 1 4 ? 4.037   -3.102  13.984  1.00 19.43 ? 4    DA  E N6    1 
ATOM   650  N  N1    . DA  E 1 4 ? 3.631   -0.999  13.107  1.00 19.42 ? 4    DA  E N1    1 
ATOM   651  C  C2    . DA  E 1 4 ? 2.914   -0.214  12.290  1.00 19.45 ? 4    DA  E C2    1 
ATOM   652  N  N3    . DA  E 1 4 ? 1.899   -0.535  11.487  1.00 16.63 ? 4    DA  E N3    1 
ATOM   653  C  C4    . DA  E 1 4 ? 1.630   -1.846  11.573  1.00 16.16 ? 4    DA  E C4    1 
ATOM   654  P  P     . DA  E 1 5 ? 0.232   -2.456  5.292   1.00 16.50 ? 5    DA  E P     1 
ATOM   655  O  OP1   . DA  E 1 5 ? -0.545  -2.065  4.084   1.00 18.69 ? 5    DA  E OP1   1 
ATOM   656  O  OP2   . DA  E 1 5 ? 0.888   -3.785  5.347   1.00 18.03 ? 5    DA  E OP2   1 
ATOM   657  O  "O5'" . DA  E 1 5 ? 1.336   -1.344  5.584   1.00 16.34 ? 5    DA  E "O5'" 1 
ATOM   658  C  "C5'" . DA  E 1 5 ? 0.980   0.033   5.692   1.00 15.36 ? 5    DA  E "C5'" 1 
ATOM   659  C  "C4'" . DA  E 1 5 ? 2.181   0.859   6.090   1.00 14.41 ? 5    DA  E "C4'" 1 
ATOM   660  O  "O4'" . DA  E 1 5 ? 2.696   0.387   7.356   1.00 14.58 ? 5    DA  E "O4'" 1 
ATOM   661  C  "C3'" . DA  E 1 5 ? 3.365   0.837   5.125   1.00 16.28 ? 5    DA  E "C3'" 1 
ATOM   662  O  "O3'" . DA  E 1 5 ? 4.004   2.120   5.162   1.00 18.22 ? 5    DA  E "O3'" 1 
ATOM   663  C  "C2'" . DA  E 1 5 ? 4.266   -0.230  5.721   1.00 14.71 ? 5    DA  E "C2'" 1 
ATOM   664  C  "C1'" . DA  E 1 5 ? 4.040   -0.054  7.212   1.00 15.19 ? 5    DA  E "C1'" 1 
ATOM   665  N  N9    . DA  E 1 5 ? 4.183   -1.280  7.996   1.00 14.64 ? 5    DA  E N9    1 
ATOM   666  C  C8    . DA  E 1 5 ? 3.625   -2.505  7.737   1.00 15.30 ? 5    DA  E C8    1 
ATOM   667  N  N7    . DA  E 1 5 ? 3.901   -3.415  8.641   1.00 15.84 ? 5    DA  E N7    1 
ATOM   668  C  C5    . DA  E 1 5 ? 4.705   -2.746  9.552   1.00 14.43 ? 5    DA  E C5    1 
ATOM   669  C  C6    . DA  E 1 5 ? 5.325   -3.155  10.748  1.00 14.60 ? 5    DA  E C6    1 
ATOM   670  N  N6    . DA  E 1 5 ? 5.233   -4.389  11.249  1.00 17.22 ? 5    DA  E N6    1 
ATOM   671  N  N1    . DA  E 1 5 ? 6.051   -2.238  11.420  1.00 15.01 ? 5    DA  E N1    1 
ATOM   672  C  C2    . DA  E 1 5 ? 6.142   -0.997  10.920  1.00 16.49 ? 5    DA  E C2    1 
ATOM   673  N  N3    . DA  E 1 5 ? 5.606   -0.494  9.808   1.00 15.95 ? 5    DA  E N3    1 
ATOM   674  C  C4    . DA  E 1 5 ? 4.893   -1.431  9.164   1.00 14.35 ? 5    DA  E C4    1 
ATOM   675  P  P     . DG  E 1 6 ? 5.101   2.503   4.053   1.00 20.86 ? 6    DG  E P     1 
ATOM   676  O  OP1   . DG  E 1 6 ? 5.108   3.985   3.918   1.00 22.33 ? 6    DG  E OP1   1 
ATOM   677  O  OP2   . DG  E 1 6 ? 4.882   1.655   2.870   1.00 17.13 ? 6    DG  E OP2   1 
ATOM   678  O  "O5'" . DG  E 1 6 ? 6.477   2.073   4.721   1.00 18.40 ? 6    DG  E "O5'" 1 
ATOM   679  C  "C5'" . DG  E 1 6 ? 6.954   2.762   5.862   1.00 15.51 ? 6    DG  E "C5'" 1 
ATOM   680  C  "C4'" . DG  E 1 6 ? 8.092   1.996   6.486   1.00 13.91 ? 6    DG  E "C4'" 1 
ATOM   681  O  "O4'" . DG  E 1 6 ? 7.631   0.709   6.918   1.00 11.64 ? 6    DG  E "O4'" 1 
ATOM   682  C  "C3'" . DG  E 1 6 ? 9.280   1.723   5.563   1.00 13.32 ? 6    DG  E "C3'" 1 
ATOM   683  O  "O3'" . DG  E 1 6 ? 10.306  2.633   5.958   1.00 14.05 ? 6    DG  E "O3'" 1 
ATOM   684  C  "C2'" . DG  E 1 6 ? 9.637   0.262   5.832   1.00 12.63 ? 6    DG  E "C2'" 1 
ATOM   685  C  "C1'" . DG  E 1 6 ? 8.758   -0.122  7.017   1.00 12.54 ? 6    DG  E "C1'" 1 
ATOM   686  N  N9    . DG  E 1 6 ? 8.274   -1.497  7.067   1.00 11.37 ? 6    DG  E N9    1 
ATOM   687  C  C8    . DG  E 1 6 ? 7.623   -2.193  6.079   1.00 11.87 ? 6    DG  E C8    1 
ATOM   688  N  N7    . DG  E 1 6 ? 7.270   -3.398  6.447   1.00 11.70 ? 6    DG  E N7    1 
ATOM   689  C  C5    . DG  E 1 6 ? 7.726   -3.504  7.754   1.00 10.64 ? 6    DG  E C5    1 
ATOM   690  C  C6    . DG  E 1 6 ? 7.628   -4.577  8.681   1.00 10.37 ? 6    DG  E C6    1 
ATOM   691  O  O6    . DG  E 1 6 ? 7.089   -5.675  8.529   1.00 13.39 ? 6    DG  E O6    1 
ATOM   692  N  N1    . DG  E 1 6 ? 8.236   -4.264  9.892   1.00 11.97 ? 6    DG  E N1    1 
ATOM   693  C  C2    . DG  E 1 6 ? 8.852   -3.072  10.182  1.00 11.62 ? 6    DG  E C2    1 
ATOM   694  N  N2    . DG  E 1 6 ? 9.396   -2.969  11.407  1.00 14.33 ? 6    DG  E N2    1 
ATOM   695  N  N3    . DG  E 1 6 ? 8.935   -2.058  9.335   1.00 12.54 ? 6    DG  E N3    1 
ATOM   696  C  C4    . DG  E 1 6 ? 8.357   -2.344  8.148   1.00 10.13 ? 6    DG  E C4    1 
ATOM   697  P  P     . DC  E 1 7 ? 11.755  2.583   5.280   1.00 12.52 ? 7    DC  E P     1 
ATOM   698  O  OP1   . DC  E 1 7 ? 12.313  3.951   5.477   1.00 14.18 ? 7    DC  E OP1   1 
ATOM   699  O  OP2   . DC  E 1 7 ? 11.681  2.010   3.909   1.00 13.84 ? 7    DC  E OP2   1 
ATOM   700  O  "O5'" . DC  E 1 7 ? 12.559  1.603   6.241   1.00 14.18 ? 7    DC  E "O5'" 1 
ATOM   701  C  "C5'" . DC  E 1 7 ? 12.704  1.931   7.622   1.00 17.25 ? 7    DC  E "C5'" 1 
ATOM   702  C  "C4'" . DC  E 1 7 ? 13.075  0.707   8.429   1.00 17.30 ? 7    DC  E "C4'" 1 
ATOM   703  O  "O4'" . DC  E 1 7 ? 12.054  -0.298  8.348   1.00 19.18 ? 7    DC  E "O4'" 1 
ATOM   704  C  "C3'" . DC  E 1 7 ? 14.335  -0.027  7.996   1.00 19.79 ? 7    DC  E "C3'" 1 
ATOM   705  O  "O3'" . DC  E 1 7 ? 15.510  0.652   8.449   1.00 19.86 ? 7    DC  E "O3'" 1 
ATOM   706  C  "C2'" . DC  E 1 7 ? 14.150  -1.392  8.638   1.00 19.84 ? 7    DC  E "C2'" 1 
ATOM   707  C  "C1'" . DC  E 1 7 ? 12.631  -1.502  8.842   1.00 19.07 ? 7    DC  E "C1'" 1 
ATOM   708  N  N1    . DC  E 1 7 ? 12.004  -2.631  8.143   1.00 17.94 ? 7    DC  E N1    1 
ATOM   709  C  C2    . DC  E 1 7 ? 11.812  -3.826  8.842   1.00 15.73 ? 7    DC  E C2    1 
ATOM   710  O  O2    . DC  E 1 7 ? 12.188  -3.890  10.018  1.00 20.65 ? 7    DC  E O2    1 
ATOM   711  N  N3    . DC  E 1 7 ? 11.227  -4.871  8.222   1.00 16.09 ? 7    DC  E N3    1 
ATOM   712  C  C4    . DC  E 1 7 ? 10.837  -4.757  6.951   1.00 14.12 ? 7    DC  E C4    1 
ATOM   713  N  N4    . DC  E 1 7 ? 10.254  -5.813  6.380   1.00 15.80 ? 7    DC  E N4    1 
ATOM   714  C  C5    . DC  E 1 7 ? 11.025  -3.553  6.209   1.00 15.21 ? 7    DC  E C5    1 
ATOM   715  C  C6    . DC  E 1 7 ? 11.607  -2.525  6.839   1.00 15.44 ? 7    DC  E C6    1 
ATOM   716  O  "O5'" . DG  F 1 1 ? 11.761  -14.159 12.754  1.00 35.40 ? 1    DG  F "O5'" 1 
ATOM   717  C  "C5'" . DG  F 1 1 ? 10.565  -13.751 13.423  1.00 31.67 ? 1    DG  F "C5'" 1 
ATOM   718  C  "C4'" . DG  F 1 1 ? 10.847  -12.655 14.424  1.00 31.12 ? 1    DG  F "C4'" 1 
ATOM   719  O  "O4'" . DG  F 1 1 ? 11.198  -11.443 13.718  1.00 30.65 ? 1    DG  F "O4'" 1 
ATOM   720  C  "C3'" . DG  F 1 1 ? 9.659   -12.261 15.292  1.00 30.87 ? 1    DG  F "C3'" 1 
ATOM   721  O  "O3'" . DG  F 1 1 ? 10.143  -11.639 16.483  1.00 32.06 ? 1    DG  F "O3'" 1 
ATOM   722  C  "C2'" . DG  F 1 1 ? 8.941   -11.246 14.423  1.00 29.34 ? 1    DG  F "C2'" 1 
ATOM   723  C  "C1'" . DG  F 1 1 ? 10.094  -10.541 13.713  1.00 28.28 ? 1    DG  F "C1'" 1 
ATOM   724  N  N9    . DG  F 1 1 ? 9.819   -10.188 12.324  1.00 25.10 ? 1    DG  F N9    1 
ATOM   725  C  C8    . DG  F 1 1 ? 9.179   -10.956 11.383  1.00 24.94 ? 1    DG  F C8    1 
ATOM   726  N  N7    . DG  F 1 1 ? 9.109   -10.380 10.212  1.00 24.94 ? 1    DG  F N7    1 
ATOM   727  C  C5    . DG  F 1 1 ? 9.737   -9.155  10.395  1.00 23.13 ? 1    DG  F C5    1 
ATOM   728  C  C6    . DG  F 1 1 ? 9.979   -8.099  9.476   1.00 23.21 ? 1    DG  F C6    1 
ATOM   729  O  O6    . DG  F 1 1 ? 9.681   -8.036  8.280   1.00 25.00 ? 1    DG  F O6    1 
ATOM   730  N  N1    . DG  F 1 1 ? 10.646  -7.041  10.081  1.00 22.10 ? 1    DG  F N1    1 
ATOM   731  C  C2    . DG  F 1 1 ? 11.035  -6.999  11.396  1.00 23.39 ? 1    DG  F C2    1 
ATOM   732  N  N2    . DG  F 1 1 ? 11.671  -5.885  11.789  1.00 21.17 ? 1    DG  F N2    1 
ATOM   733  N  N3    . DG  F 1 1 ? 10.818  -7.977  12.262  1.00 21.70 ? 1    DG  F N3    1 
ATOM   734  C  C4    . DG  F 1 1 ? 10.171  -9.017  11.695  1.00 23.73 ? 1    DG  F C4    1 
ATOM   735  P  P     . DC  F 1 2 ? 9.106   -11.133 17.596  1.00 33.17 ? 2    DC  F P     1 
ATOM   736  O  OP1   . DC  F 1 2 ? 9.680   -11.456 18.927  1.00 34.77 ? 2    DC  F OP1   1 
ATOM   737  O  OP2   . DC  F 1 2 ? 7.764   -11.650 17.228  1.00 32.03 ? 2    DC  F OP2   1 
ATOM   738  O  "O5'" . DC  F 1 2 ? 9.122   -9.550  17.431  1.00 30.73 ? 2    DC  F "O5'" 1 
ATOM   739  C  "C5'" . DC  F 1 2 ? 10.319  -8.811  17.668  1.00 27.01 ? 2    DC  F "C5'" 1 
ATOM   740  C  "C4'" . DC  F 1 2 ? 10.137  -7.366  17.267  1.00 25.69 ? 2    DC  F "C4'" 1 
ATOM   741  O  "O4'" . DC  F 1 2 ? 9.902   -7.289  15.840  1.00 23.18 ? 2    DC  F "O4'" 1 
ATOM   742  C  "C3'" . DC  F 1 2 ? 8.957   -6.649  17.929  1.00 24.80 ? 2    DC  F "C3'" 1 
ATOM   743  O  "O3'" . DC  F 1 2 ? 9.369   -5.341  18.328  1.00 26.17 ? 2    DC  F "O3'" 1 
ATOM   744  C  "C2'" . DC  F 1 2 ? 7.928   -6.556  16.815  1.00 22.89 ? 2    DC  F "C2'" 1 
ATOM   745  C  "C1'" . DC  F 1 2 ? 8.822   -6.407  15.605  1.00 20.60 ? 2    DC  F "C1'" 1 
ATOM   746  N  N1    . DC  F 1 2 ? 8.212   -6.767  14.316  1.00 18.12 ? 2    DC  F N1    1 
ATOM   747  C  C2    . DC  F 1 2 ? 8.343   -5.874  13.253  1.00 18.56 ? 2    DC  F C2    1 
ATOM   748  O  O2    . DC  F 1 2 ? 8.969   -4.824  13.434  1.00 18.46 ? 2    DC  F O2    1 
ATOM   749  N  N3    . DC  F 1 2 ? 7.787   -6.179  12.060  1.00 16.15 ? 2    DC  F N3    1 
ATOM   750  C  C4    . DC  F 1 2 ? 7.123   -7.325  11.908  1.00 16.04 ? 2    DC  F C4    1 
ATOM   751  N  N4    . DC  F 1 2 ? 6.587   -7.582  10.713  1.00 16.27 ? 2    DC  F N4    1 
ATOM   752  C  C5    . DC  F 1 2 ? 6.978   -8.259  12.974  1.00 16.56 ? 2    DC  F C5    1 
ATOM   753  C  C6    . DC  F 1 2 ? 7.533   -7.942  14.153  1.00 16.83 ? 2    DC  F C6    1 
ATOM   754  P  P     . DG  F 1 3 ? 8.593   -4.585  19.513  1.00 32.45 ? 3    DG  F P     1 
ATOM   755  O  OP1   . DG  F 1 3 ? 9.371   -3.374  19.878  1.00 31.32 ? 3    DG  F OP1   1 
ATOM   756  O  OP2   . DG  F 1 3 ? 8.268   -5.594  20.552  1.00 31.51 ? 3    DG  F OP2   1 
ATOM   757  O  "O5'" . DG  F 1 3 ? 7.234   -4.098  18.839  1.00 29.55 ? 3    DG  F "O5'" 1 
ATOM   758  C  "C5'" . DG  F 1 3 ? 7.219   -2.968  17.972  1.00 25.86 ? 3    DG  F "C5'" 1 
ATOM   759  C  "C4'" . DG  F 1 3 ? 5.815   -2.702  17.487  1.00 24.23 ? 3    DG  F "C4'" 1 
ATOM   760  O  "O4'" . DG  F 1 3 ? 5.365   -3.832  16.707  1.00 22.42 ? 3    DG  F "O4'" 1 
ATOM   761  C  "C3'" . DG  F 1 3 ? 4.778   -2.536  18.596  1.00 24.35 ? 3    DG  F "C3'" 1 
ATOM   762  O  "O3'" . DG  F 1 3 ? 3.743   -1.663  18.136  1.00 27.63 ? 3    DG  F "O3'" 1 
ATOM   763  C  "C2'" . DG  F 1 3 ? 4.239   -3.943  18.764  1.00 23.17 ? 3    DG  F "C2'" 1 
ATOM   764  C  "C1'" . DG  F 1 3 ? 4.237   -4.435  17.327  1.00 21.54 ? 3    DG  F "C1'" 1 
ATOM   765  N  N9    . DG  F 1 3 ? 4.362   -5.879  17.156  1.00 18.41 ? 3    DG  F N9    1 
ATOM   766  C  C8    . DG  F 1 3 ? 4.777   -6.803  18.087  1.00 18.40 ? 3    DG  F C8    1 
ATOM   767  N  N7    . DG  F 1 3 ? 4.817   -8.021  17.615  1.00 18.18 ? 3    DG  F N7    1 
ATOM   768  C  C5    . DG  F 1 3 ? 4.396   -7.892  16.297  1.00 17.51 ? 3    DG  F C5    1 
ATOM   769  C  C6    . DG  F 1 3 ? 4.245   -8.870  15.280  1.00 17.15 ? 3    DG  F C6    1 
ATOM   770  O  O6    . DG  F 1 3 ? 4.468   -10.084 15.336  1.00 21.10 ? 3    DG  F O6    1 
ATOM   771  N  N1    . DG  F 1 3 ? 3.790   -8.307  14.093  1.00 16.60 ? 3    DG  F N1    1 
ATOM   772  C  C2    . DG  F 1 3 ? 3.524   -6.978  13.900  1.00 15.43 ? 3    DG  F C2    1 
ATOM   773  N  N2    . DG  F 1 3 ? 3.098   -6.635  12.672  1.00 16.40 ? 3    DG  F N2    1 
ATOM   774  N  N3    . DG  F 1 3 ? 3.667   -6.053  14.836  1.00 14.96 ? 3    DG  F N3    1 
ATOM   775  C  C4    . DG  F 1 3 ? 4.103   -6.578  16.002  1.00 17.46 ? 3    DG  F C4    1 
ATOM   776  P  P     . DA  F 1 4 ? 2.936   -0.757  19.186  1.00 29.54 ? 4    DA  F P     1 
ATOM   777  O  OP1   . DA  F 1 4 ? 3.922   -0.044  20.038  1.00 30.36 ? 4    DA  F OP1   1 
ATOM   778  O  OP2   . DA  F 1 4 ? 1.906   -1.620  19.822  1.00 29.52 ? 4    DA  F OP2   1 
ATOM   779  O  "O5'" . DA  F 1 4 ? 2.191   0.305   18.264  1.00 28.91 ? 4    DA  F "O5'" 1 
ATOM   780  C  "C5'" . DA  F 1 4 ? 2.912   1.344   17.605  1.00 28.43 ? 4    DA  F "C5'" 1 
ATOM   781  C  "C4'" . DA  F 1 4 ? 2.116   1.849   16.426  1.00 29.87 ? 4    DA  F "C4'" 1 
ATOM   782  O  "O4'" . DA  F 1 4 ? 2.131   0.849   15.387  1.00 28.76 ? 4    DA  F "O4'" 1 
ATOM   783  C  "C3'" . DA  F 1 4 ? 0.648   2.090   16.760  1.00 30.25 ? 4    DA  F "C3'" 1 
ATOM   784  O  "O3'" . DA  F 1 4 ? 0.440   3.475   17.048  1.00 33.58 ? 4    DA  F "O3'" 1 
ATOM   785  C  "C2'" . DA  F 1 4 ? -0.090  1.684   15.496  1.00 28.94 ? 4    DA  F "C2'" 1 
ATOM   786  C  "C1'" . DA  F 1 4 ? 0.844   0.696   14.808  1.00 26.52 ? 4    DA  F "C1'" 1 
ATOM   787  N  N9    . DA  F 1 4 ? 0.474   -0.715  14.916  1.00 23.16 ? 4    DA  F N9    1 
ATOM   788  C  C8    . DA  F 1 4 ? 1.078   -1.682  15.680  1.00 22.30 ? 4    DA  F C8    1 
ATOM   789  N  N7    . DA  F 1 4 ? 0.573   -2.880  15.514  1.00 19.88 ? 4    DA  F N7    1 
ATOM   790  C  C5    . DA  F 1 4 ? -0.442  -2.687  14.587  1.00 19.82 ? 4    DA  F C5    1 
ATOM   791  C  C6    . DA  F 1 4 ? -1.348  -3.573  13.976  1.00 18.68 ? 4    DA  F C6    1 
ATOM   792  N  N6    . DA  F 1 4 ? -1.365  -4.889  14.198  1.00 17.55 ? 4    DA  F N6    1 
ATOM   793  N  N1    . DA  F 1 4 ? -2.244  -3.054  13.108  1.00 22.08 ? 4    DA  F N1    1 
ATOM   794  C  C2    . DA  F 1 4 ? -2.217  -1.736  12.873  1.00 20.02 ? 4    DA  F C2    1 
ATOM   795  N  N3    . DA  F 1 4 ? -1.407  -0.806  13.373  1.00 18.70 ? 4    DA  F N3    1 
ATOM   796  C  C4    . DA  F 1 4 ? -0.531  -1.352  14.232  1.00 20.49 ? 4    DA  F C4    1 
ATOM   797  P  P     . DA  F 1 5 ? -0.692  3.904   18.105  1.00 34.50 ? 5    DA  F P     1 
ATOM   798  O  OP1   . DA  F 1 5 ? -0.602  5.373   18.307  1.00 36.45 ? 5    DA  F OP1   1 
ATOM   799  O  OP2   . DA  F 1 5 ? -0.576  2.992   19.271  1.00 35.46 ? 5    DA  F OP2   1 
ATOM   800  O  "O5'" . DA  F 1 5 ? -2.055  3.576   17.352  1.00 34.08 ? 5    DA  F "O5'" 1 
ATOM   801  C  "C5'" . DA  F 1 5 ? -2.346  4.157   16.084  1.00 32.40 ? 5    DA  F "C5'" 1 
ATOM   802  C  "C4'" . DA  F 1 5 ? -3.675  3.654   15.574  1.00 32.42 ? 5    DA  F "C4'" 1 
ATOM   803  O  "O4'" . DA  F 1 5 ? -3.578  2.234   15.304  1.00 31.30 ? 5    DA  F "O4'" 1 
ATOM   804  C  "C3'" . DA  F 1 5 ? -4.830  3.817   16.559  1.00 32.79 ? 5    DA  F "C3'" 1 
ATOM   805  O  "O3'" . DA  F 1 5 ? -6.033  4.122   15.848  1.00 34.33 ? 5    DA  F "O3'" 1 
ATOM   806  C  "C2'" . DA  F 1 5 ? -4.917  2.458   17.229  1.00 31.06 ? 5    DA  F "C2'" 1 
ATOM   807  C  "C1'" . DA  F 1 5 ? -4.495  1.511   16.117  1.00 29.35 ? 5    DA  F "C1'" 1 
ATOM   808  N  N9    . DA  F 1 5 ? -3.816  0.301   16.582  1.00 25.09 ? 5    DA  F N9    1 
ATOM   809  C  C8    . DA  F 1 5 ? -2.806  0.200   17.507  1.00 23.39 ? 5    DA  F C8    1 
ATOM   810  N  N7    . DA  F 1 5 ? -2.395  -1.028  17.707  1.00 21.98 ? 5    DA  F N7    1 
ATOM   811  C  C5    . DA  F 1 5 ? -3.186  -1.787  16.860  1.00 19.59 ? 5    DA  F C5    1 
ATOM   812  C  C6    . DA  F 1 5 ? -3.245  -3.167  16.603  1.00 18.60 ? 5    DA  F C6    1 
ATOM   813  N  N6    . DA  F 1 5 ? -2.464  -4.067  17.206  1.00 18.03 ? 5    DA  F N6    1 
ATOM   814  N  N1    . DA  F 1 5 ? -4.147  -3.599  15.695  1.00 18.89 ? 5    DA  F N1    1 
ATOM   815  C  C2    . DA  F 1 5 ? -4.936  -2.698  15.096  1.00 20.42 ? 5    DA  F C2    1 
ATOM   816  N  N3    . DA  F 1 5 ? -4.978  -1.379  15.256  1.00 20.91 ? 5    DA  F N3    1 
ATOM   817  C  C4    . DA  F 1 5 ? -4.067  -0.982  16.161  1.00 21.00 ? 5    DA  F C4    1 
ATOM   818  P  P     . DG  F 1 6 ? -7.365  4.505   16.660  1.00 37.67 ? 6    DG  F P     1 
ATOM   819  O  OP1   . DG  F 1 6 ? -8.137  5.485   15.850  1.00 37.38 ? 6    DG  F OP1   1 
ATOM   820  O  OP2   . DG  F 1 6 ? -6.964  4.851   18.049  1.00 37.22 ? 6    DG  F OP2   1 
ATOM   821  O  "O5'" . DG  F 1 6 ? -8.181  3.138   16.702  1.00 35.42 ? 6    DG  F "O5'" 1 
ATOM   822  C  "C5'" . DG  F 1 6 ? -8.567  2.487   15.495  1.00 32.71 ? 6    DG  F "C5'" 1 
ATOM   823  C  "C4'" . DG  F 1 6 ? -9.071  1.095   15.790  1.00 30.47 ? 6    DG  F "C4'" 1 
ATOM   824  O  "O4'" . DG  F 1 6 ? -7.990  0.276   16.281  1.00 29.21 ? 6    DG  F "O4'" 1 
ATOM   825  C  "C3'" . DG  F 1 6 ? -10.167 1.034   16.856  1.00 30.52 ? 6    DG  F "C3'" 1 
ATOM   826  O  "O3'" . DG  F 1 6 ? -11.392 0.631   16.245  1.00 31.31 ? 6    DG  F "O3'" 1 
ATOM   827  C  "C2'" . DG  F 1 6 ? -9.684  -0.012  17.855  1.00 28.86 ? 6    DG  F "C2'" 1 
ATOM   828  C  "C1'" . DG  F 1 6 ? -8.535  -0.704  17.140  1.00 26.47 ? 6    DG  F "C1'" 1 
ATOM   829  N  N9    . DG  F 1 6 ? -7.460  -1.176  18.008  1.00 23.37 ? 6    DG  F N9    1 
ATOM   830  C  C8    . DG  F 1 6 ? -6.765  -0.446  18.943  1.00 21.54 ? 6    DG  F C8    1 
ATOM   831  N  N7    . DG  F 1 6 ? -5.835  -1.137  19.544  1.00 20.72 ? 6    DG  F N7    1 
ATOM   832  C  C5    . DG  F 1 6 ? -5.922  -2.402  18.975  1.00 19.14 ? 6    DG  F C5    1 
ATOM   833  C  C6    . DG  F 1 6 ? -5.157  -3.577  19.216  1.00 16.44 ? 6    DG  F C6    1 
ATOM   834  O  O6    . DG  F 1 6 ? -4.210  -3.736  19.996  1.00 15.90 ? 6    DG  F O6    1 
ATOM   835  N  N1    . DG  F 1 6 ? -5.587  -4.636  18.426  1.00 16.86 ? 6    DG  F N1    1 
ATOM   836  C  C2    . DG  F 1 6 ? -6.612  -4.579  17.516  1.00 18.27 ? 6    DG  F C2    1 
ATOM   837  N  N2    . DG  F 1 6 ? -6.886  -5.718  16.856  1.00 18.90 ? 6    DG  F N2    1 
ATOM   838  N  N3    . DG  F 1 6 ? -7.323  -3.488  17.272  1.00 19.75 ? 6    DG  F N3    1 
ATOM   839  C  C4    . DG  F 1 6 ? -6.926  -2.446  18.033  1.00 19.41 ? 6    DG  F C4    1 
ATOM   840  P  P     . DC  F 1 7 ? -12.764 0.743   17.067  1.00 31.62 ? 7    DC  F P     1 
ATOM   841  O  OP1   . DC  F 1 7 ? -13.820 1.223   16.138  1.00 33.04 ? 7    DC  F OP1   1 
ATOM   842  O  OP2   . DC  F 1 7 ? -12.474 1.502   18.310  1.00 29.80 ? 7    DC  F OP2   1 
ATOM   843  O  "O5'" . DC  F 1 7 ? -13.089 -0.766  17.450  1.00 29.68 ? 7    DC  F "O5'" 1 
ATOM   844  C  "C5'" . DC  F 1 7 ? -13.394 -1.720  16.437  1.00 26.60 ? 7    DC  F "C5'" 1 
ATOM   845  C  "C4'" . DC  F 1 7 ? -13.130 -3.119  16.941  1.00 27.20 ? 7    DC  F "C4'" 1 
ATOM   846  O  "O4'" . DC  F 1 7 ? -11.736 -3.278  17.262  1.00 24.72 ? 7    DC  F "O4'" 1 
ATOM   847  C  "C3'" . DC  F 1 7 ? -13.841 -3.475  18.237  1.00 26.72 ? 7    DC  F "C3'" 1 
ATOM   848  O  "O3'" . DC  F 1 7 ? -15.210 -3.810  17.984  1.00 28.94 ? 7    DC  F "O3'" 1 
ATOM   849  C  "C2'" . DC  F 1 7 ? -12.999 -4.622  18.770  1.00 25.22 ? 7    DC  F "C2'" 1 
ATOM   850  C  "C1'" . DC  F 1 7 ? -11.624 -4.411  18.116  1.00 23.00 ? 7    DC  F "C1'" 1 
ATOM   851  N  N1    . DC  F 1 7 ? -10.537 -4.155  19.073  1.00 20.28 ? 7    DC  F N1    1 
ATOM   852  C  C2    . DC  F 1 7 ? -9.590  -5.161  19.291  1.00 17.05 ? 7    DC  F C2    1 
ATOM   853  O  O2    . DC  F 1 7 ? -9.682  -6.218  18.651  1.00 20.15 ? 7    DC  F O2    1 
ATOM   854  N  N3    . DC  F 1 7 ? -8.600  -4.952  20.185  1.00 16.21 ? 7    DC  F N3    1 
ATOM   855  C  C4    . DC  F 1 7 ? -8.529  -3.794  20.845  1.00 14.10 ? 7    DC  F C4    1 
ATOM   856  N  N4    . DC  F 1 7 ? -7.541  -3.636  21.728  1.00 15.69 ? 7    DC  F N4    1 
ATOM   857  C  C5    . DC  F 1 7 ? -9.472  -2.744  20.630  1.00 16.17 ? 7    DC  F C5    1 
ATOM   858  C  C6    . DC  F 1 7 ? -10.451 -2.968  19.743  1.00 17.98 ? 7    DC  F C6    1 
HETATM 859  CO CO    . NCO G 2 . ? -1.132  1.742   -2.388  1.00 16.82 ? 1401 NCO A CO    1 
HETATM 860  N  N1    . NCO G 2 . ? -2.284  0.163   -2.223  1.00 15.39 ? 1401 NCO A N1    1 
HETATM 861  N  N2    . NCO G 2 . ? -0.609  1.136   -4.165  1.00 17.48 ? 1401 NCO A N2    1 
HETATM 862  N  N3    . NCO G 2 . ? 0.333   0.725   -1.612  1.00 15.79 ? 1401 NCO A N3    1 
HETATM 863  N  N4    . NCO G 2 . ? -1.663  2.310   -0.616  1.00 18.88 ? 1401 NCO A N4    1 
HETATM 864  N  N5    . NCO G 2 . ? -2.619  2.726   -3.153  1.00 18.29 ? 1401 NCO A N5    1 
HETATM 865  N  N6    . NCO G 2 . ? 0.030   3.291   -2.550  1.00 16.46 ? 1401 NCO A N6    1 
HETATM 866  CO CO    . NCO H 2 . ? 13.427  4.976   1.552   1.00 12.00 ? 404  NCO B CO    1 
HETATM 867  N  N1    . NCO H 2 . ? 13.900  4.243   -0.207  1.00 15.69 ? 404  NCO B N1    1 
HETATM 868  N  N2    . NCO H 2 . ? 14.134  3.360   2.397   1.00 12.76 ? 404  NCO B N2    1 
HETATM 869  N  N3    . NCO H 2 . ? 11.674  4.133   1.413   1.00 13.46 ? 404  NCO B N3    1 
HETATM 870  N  N4    . NCO H 2 . ? 12.731  6.573   0.700   1.00 13.55 ? 404  NCO B N4    1 
HETATM 871  N  N5    . NCO H 2 . ? 15.178  5.809   1.647   1.00 14.86 ? 404  NCO B N5    1 
HETATM 872  N  N6    . NCO H 2 . ? 12.930  5.684   3.299   1.00 14.89 ? 404  NCO B N6    1 
HETATM 873  CO CO    . NCO I 2 . ? 20.961  -0.576  0.015   1.00 33.29 ? 406  NCO B CO    1 
HETATM 874  N  N1    . NCO I 2 . ? 21.281  -0.178  -1.878  1.00 36.19 ? 406  NCO B N1    1 
HETATM 875  N  N2    . NCO I 2 . ? 22.465  -1.817  -0.033  1.00 36.14 ? 406  NCO B N2    1 
HETATM 876  N  N3    . NCO I 2 . ? 19.759  -2.013  -0.518  1.00 35.83 ? 406  NCO B N3    1 
HETATM 877  N  N4    . NCO I 2 . ? 19.472  0.661   0.030   1.00 36.23 ? 406  NCO B N4    1 
HETATM 878  N  N5    . NCO I 2 . ? 22.164  0.865   0.507   1.00 35.88 ? 406  NCO B N5    1 
HETATM 879  N  N6    . NCO I 2 . ? 20.663  -1.012  1.891   1.00 35.11 ? 406  NCO B N6    1 
HETATM 880  CO CO    . NCO J 2 . ? -21.305 4.439   -7.416  1.00 60.80 ? 407  NCO C CO    1 
HETATM 881  N  N1    . NCO J 2 . ? -19.356 4.264   -7.512  1.00 60.61 ? 407  NCO C N1    1 
HETATM 882  N  N2    . NCO J 2 . ? -21.086 5.671   -5.923  1.00 60.44 ? 407  NCO C N2    1 
HETATM 883  N  N3    . NCO J 2 . ? -21.355 2.939   -6.178  1.00 60.68 ? 407  NCO C N3    1 
HETATM 884  N  N4    . NCO J 2 . ? -21.489 3.212   -8.901  1.00 60.41 ? 407  NCO C N4    1 
HETATM 885  N  N5    . NCO J 2 . ? -21.222 5.925   -8.656  1.00 60.40 ? 407  NCO C N5    1 
HETATM 886  N  N6    . NCO J 2 . ? -23.236 4.618   -7.282  1.00 60.68 ? 407  NCO C N6    1 
HETATM 887  CO CO    . NCO K 2 . ? -13.906 13.799  -13.118 1.00 59.57 ? 408  NCO C CO    1 
HETATM 888  N  N1    . NCO K 2 . ? -12.618 13.259  -11.743 1.00 58.69 ? 408  NCO C N1    1 
HETATM 889  N  N2    . NCO K 2 . ? -14.491 15.242  -11.944 1.00 58.16 ? 408  NCO C N2    1 
HETATM 890  N  N3    . NCO K 2 . ? -15.230 12.616  -12.321 1.00 58.05 ? 408  NCO C N3    1 
HETATM 891  N  N4    . NCO K 2 . ? -13.302 12.353  -14.258 1.00 58.40 ? 408  NCO C N4    1 
HETATM 892  N  N5    . NCO K 2 . ? -12.562 14.970  -13.885 1.00 58.51 ? 408  NCO C N5    1 
HETATM 893  N  N6    . NCO K 2 . ? -15.205 14.347  -14.456 1.00 59.03 ? 408  NCO C N6    1 
HETATM 894  CO CO    . NCO L 2 . ? -20.898 21.513  -7.898  1.00 23.59 ? 400  NCO D CO    1 
HETATM 895  N  N1    . NCO L 2 . ? -22.148 20.682  -6.646  1.00 23.60 ? 400  NCO D N1    1 
HETATM 896  N  N2    . NCO L 2 . ? -21.799 20.602  -9.362  1.00 23.24 ? 400  NCO D N2    1 
HETATM 897  N  N3    . NCO L 2 . ? -19.692 19.996  -7.708  1.00 23.53 ? 400  NCO D N3    1 
HETATM 898  N  N4    . NCO L 2 . ? -20.004 22.394  -6.422  1.00 24.76 ? 400  NCO D N4    1 
HETATM 899  N  N5    . NCO L 2 . ? -22.133 23.002  -8.066  1.00 21.37 ? 400  NCO D N5    1 
HETATM 900  N  N6    . NCO L 2 . ? -19.678 22.348  -9.166  1.00 24.76 ? 400  NCO D N6    1 
HETATM 901  CO CO    . NCO M 2 . ? -1.644  6.153   -10.372 1.00 20.00 ? 402  NCO D CO    1 
HETATM 902  N  N1    . NCO M 2 . ? -2.715  4.516   -10.422 1.00 21.79 ? 402  NCO D N1    1 
HETATM 903  N  N2    . NCO M 2 . ? -1.465  6.068   -12.315 1.00 22.87 ? 402  NCO D N2    1 
HETATM 904  N  N3    . NCO M 2 . ? -0.034  5.070   -10.157 1.00 21.66 ? 402  NCO D N3    1 
HETATM 905  N  N4    . NCO M 2 . ? -1.843  6.214   -8.442  1.00 21.07 ? 402  NCO D N4    1 
HETATM 906  N  N5    . NCO M 2 . ? -3.271  7.203   -10.569 1.00 21.34 ? 402  NCO D N5    1 
HETATM 907  N  N6    . NCO M 2 . ? -0.569  7.770   -10.340 1.00 20.82 ? 402  NCO D N6    1 
HETATM 908  CO CO    . NCO N 2 . ? 5.674   -7.046  5.053   1.00 15.05 ? 403  NCO E CO    1 
HETATM 909  N  N1    . NCO N 2 . ? 4.530   -8.513  5.639   1.00 18.81 ? 403  NCO E N1    1 
HETATM 910  N  N2    . NCO N 2 . ? 6.439   -8.231  3.706   1.00 16.96 ? 403  NCO E N2    1 
HETATM 911  N  N3    . NCO N 2 . ? 7.033   -7.612  6.332   1.00 16.44 ? 403  NCO E N3    1 
HETATM 912  N  N4    . NCO N 2 . ? 4.886   -5.886  6.396   1.00 15.64 ? 403  NCO E N4    1 
HETATM 913  N  N5    . NCO N 2 . ? 4.297   -6.526  3.790   1.00 14.93 ? 403  NCO E N5    1 
HETATM 914  N  N6    . NCO N 2 . ? 6.833   -5.610  4.430   1.00 17.53 ? 403  NCO E N6    1 
HETATM 915  CO CO    . NCO O 2 . ? 12.946  -12.548 4.086   1.00 30.88 ? 405  NCO F CO    1 
HETATM 916  N  N1    . NCO O 2 . ? 11.750  -13.899 4.858   1.00 31.39 ? 405  NCO F N1    1 
HETATM 917  N  N2    . NCO O 2 . ? 13.215  -13.720 2.554   1.00 31.18 ? 405  NCO F N2    1 
HETATM 918  N  N3    . NCO O 2 . ? 14.452  -13.388 4.993   1.00 30.54 ? 405  NCO F N3    1 
HETATM 919  N  N4    . NCO O 2 . ? 12.659  -11.407 5.629   1.00 30.72 ? 405  NCO F N4    1 
HETATM 920  N  N5    . NCO O 2 . ? 11.425  -11.733 3.197   1.00 30.80 ? 405  NCO F N5    1 
HETATM 921  N  N6    . NCO O 2 . ? 14.152  -11.236 3.297   1.00 30.71 ? 405  NCO F N6    1 
HETATM 922  O  O     . HOH P 3 . ? 8.169   3.076   1.485   1.00 13.52 ? 1402 HOH A O     1 
HETATM 923  O  O     . HOH P 3 . ? 7.076   -17.151 -7.022  1.00 25.07 ? 1403 HOH A O     1 
HETATM 924  O  O     . HOH P 3 . ? 6.559   1.294   0.065   1.00 10.78 ? 1404 HOH A O     1 
HETATM 925  O  O     . HOH P 3 . ? -1.077  4.414   -4.836  1.00 21.63 ? 1405 HOH A O     1 
HETATM 926  O  O     . HOH P 3 . ? 10.127  6.433   2.415   1.00 16.24 ? 1406 HOH A O     1 
HETATM 927  O  O     . HOH P 3 . ? 3.518   3.378   0.760   1.00 18.50 ? 1407 HOH A O     1 
HETATM 928  O  O     . HOH P 3 . ? 4.408   10.190  -3.766  1.00 17.21 ? 1408 HOH A O     1 
HETATM 929  O  O     . HOH P 3 . ? -2.564  6.741   -3.896  1.00 26.22 ? 1409 HOH A O     1 
HETATM 930  O  O     . HOH P 3 . ? 12.168  -6.628  -10.071 1.00 34.79 ? 1410 HOH A O     1 
HETATM 931  O  O     . HOH P 3 . ? 3.509   -9.252  -14.123 1.00 18.40 ? 1411 HOH A O     1 
HETATM 932  O  O     . HOH P 3 . ? 6.758   -3.985  -15.518 1.00 28.60 ? 1412 HOH A O     1 
HETATM 933  O  O     . HOH P 3 . ? -4.071  6.919   -0.127  1.00 32.00 ? 1413 HOH A O     1 
HETATM 934  O  O     . HOH P 3 . ? 12.870  -1.562  -10.523 1.00 36.51 ? 1414 HOH A O     1 
HETATM 935  O  O     . HOH P 3 . ? 8.632   -10.156 -5.905  1.00 40.57 ? 1415 HOH A O     1 
HETATM 936  O  O     . HOH P 3 . ? -1.843  5.070   1.936   1.00 41.13 ? 1416 HOH A O     1 
HETATM 937  O  O     . HOH P 3 . ? 9.580   -9.677  -8.209  1.00 27.07 ? 1417 HOH A O     1 
HETATM 938  O  O     . HOH P 3 . ? 1.906   2.203   -13.659 1.00 33.73 ? 1418 HOH A O     1 
HETATM 939  O  O     . HOH P 3 . ? 8.024   -5.882  -5.055  1.00 19.97 ? 1419 HOH A O     1 
HETATM 940  O  O     . HOH P 3 . ? 4.627   -2.172  -10.033 1.00 18.85 ? 1420 HOH A O     1 
HETATM 941  O  O     . HOH P 3 . ? 4.577   8.425   5.696   1.00 21.20 ? 1421 HOH A O     1 
HETATM 942  O  O     . HOH P 3 . ? -1.672  10.048  -0.646  1.00 24.64 ? 1422 HOH A O     1 
HETATM 943  O  O     . HOH P 3 . ? 7.326   -15.280 -5.069  1.00 25.84 ? 1423 HOH A O     1 
HETATM 944  O  O     . HOH P 3 . ? 6.682   4.710   -5.014  1.00 23.17 ? 1424 HOH A O     1 
HETATM 945  O  O     . HOH P 3 . ? 5.618   -13.073 -5.299  1.00 25.35 ? 1425 HOH A O     1 
HETATM 946  O  O     . HOH P 3 . ? 4.879   9.850   -6.389  1.00 33.28 ? 1426 HOH A O     1 
HETATM 947  O  O     . HOH P 3 . ? 6.012   -4.297  -4.966  1.00 28.49 ? 1427 HOH A O     1 
HETATM 948  O  O     . HOH P 3 . ? 10.770  -4.963  -4.844  1.00 23.57 ? 1428 HOH A O     1 
HETATM 949  O  O     . HOH P 3 . ? 2.419   9.491   -7.999  1.00 31.77 ? 1429 HOH A O     1 
HETATM 950  O  O     . HOH P 3 . ? 5.325   -1.434  -13.695 1.00 29.35 ? 1430 HOH A O     1 
HETATM 951  O  O     . HOH P 3 . ? 5.367   2.483   -15.444 1.00 34.45 ? 1431 HOH A O     1 
HETATM 952  O  O     . HOH P 3 . ? 12.139  -5.833  -2.643  1.00 29.00 ? 1432 HOH A O     1 
HETATM 953  O  O     . HOH P 3 . ? -0.994  -2.340  -2.917  1.00 19.98 ? 1433 HOH A O     1 
HETATM 954  O  O     . HOH P 3 . ? -5.214  1.627   -1.793  1.00 26.51 ? 1434 HOH A O     1 
HETATM 955  O  O     . HOH P 3 . ? 6.102   -0.578  -17.591 1.00 50.32 ? 1435 HOH A O     1 
HETATM 956  O  O     . HOH P 3 . ? 7.333   -19.801 -6.485  1.00 25.11 ? 1436 HOH A O     1 
HETATM 957  O  O     . HOH P 3 . ? 13.594  -14.445 -15.403 1.00 51.01 ? 1437 HOH A O     1 
HETATM 958  O  O     . HOH P 3 . ? 11.364  -11.593 -7.271  1.00 53.05 ? 1438 HOH A O     1 
HETATM 959  O  O     . HOH P 3 . ? 11.650  -15.125 -6.785  1.00 51.19 ? 1439 HOH A O     1 
HETATM 960  O  O     . HOH P 3 . ? 7.327   5.627   -11.330 1.00 37.97 ? 1440 HOH A O     1 
HETATM 961  O  O     . HOH P 3 . ? 0.814   2.171   1.745   1.00 40.31 ? 1441 HOH A O     1 
HETATM 962  O  O     . HOH P 3 . ? 4.991   5.307   -12.359 1.00 41.73 ? 1442 HOH A O     1 
HETATM 963  O  O     . HOH P 3 . ? -3.589  4.486   -0.929  1.00 29.74 ? 1443 HOH A O     1 
HETATM 964  O  O     . HOH P 3 . ? 0.239   3.877   3.720   1.00 37.08 ? 1444 HOH A O     1 
HETATM 965  O  O     . HOH P 3 . ? 11.748  -17.932 -6.802  1.00 47.52 ? 1445 HOH A O     1 
HETATM 966  O  O     . HOH P 3 . ? 12.536  1.815   -12.047 1.00 43.97 ? 1446 HOH A O     1 
HETATM 967  O  O     . HOH P 3 . ? -4.234  3.377   2.205   1.00 50.04 ? 1447 HOH A O     1 
HETATM 968  O  O     . HOH P 3 . ? 12.025  -9.242  -9.157  1.00 44.36 ? 1448 HOH A O     1 
HETATM 969  O  O     . HOH P 3 . ? 2.195   -0.146  -10.255 1.00 54.78 ? 1449 HOH A O     1 
HETATM 970  O  O     . HOH P 3 . ? -5.899  6.818   2.170   1.00 50.64 ? 1450 HOH A O     1 
HETATM 971  O  O     . HOH P 3 . ? 10.459  3.781   -15.144 1.00 49.09 ? 1451 HOH A O     1 
HETATM 972  O  O     . HOH P 3 . ? 6.039   -16.055 -2.771  1.00 55.50 ? 1452 HOH A O     1 
HETATM 973  O  O     . HOH P 3 . ? 6.180   6.422   -16.524 1.00 40.63 ? 1453 HOH A O     1 
HETATM 974  O  O     . HOH P 3 . ? 15.184  -2.428  -14.990 1.00 52.21 ? 1454 HOH A O     1 
HETATM 975  O  O     . HOH P 3 . ? 14.406  -2.021  -12.559 1.00 40.91 ? 1455 HOH A O     1 
HETATM 976  O  O     . HOH P 3 . ? -1.214  -0.411  0.499   1.00 45.10 ? 1456 HOH A O     1 
HETATM 977  O  O     . HOH P 3 . ? 10.376  -16.069 -15.517 1.00 51.22 ? 1457 HOH A O     1 
HETATM 978  O  O     . HOH P 3 . ? 16.131  -14.167 -13.880 1.00 50.04 ? 1458 HOH A O     1 
HETATM 979  O  O     . HOH P 3 . ? 8.556   5.838   -13.622 1.00 43.85 ? 1459 HOH A O     1 
HETATM 980  O  O     . HOH P 3 . ? 13.754  0.670   -14.201 1.00 51.64 ? 1460 HOH A O     1 
HETATM 981  O  O     . HOH P 3 . ? 11.547  -16.770 -13.203 1.00 50.66 ? 1461 HOH A O     1 
HETATM 982  O  O     . HOH P 3 . ? -7.153  3.841   -1.239  1.00 40.01 ? 1462 HOH A O     1 
HETATM 983  O  O     . HOH P 3 . ? 16.217  -16.730 -12.901 1.00 46.45 ? 1463 HOH A O     1 
HETATM 984  O  O     . HOH P 3 . ? 14.264  -3.586  -17.242 1.00 42.46 ? 1464 HOH A O     1 
HETATM 985  O  O     . HOH P 3 . ? 5.913   9.710   -16.728 1.00 47.26 ? 1465 HOH A O     1 
HETATM 986  O  O     . HOH Q 3 . ? 0.381   -7.880  -13.564 1.00 27.69 ? 11   HOH B O     1 
HETATM 987  O  O     . HOH Q 3 . ? 3.903   -9.787  -2.864  1.00 18.71 ? 25   HOH B O     1 
HETATM 988  O  O     . HOH Q 3 . ? 11.850  -5.099  0.004   1.00 16.55 ? 26   HOH B O     1 
HETATM 989  O  O     . HOH Q 3 . ? 14.756  8.767   0.391   1.00 11.93 ? 27   HOH B O     1 
HETATM 990  O  O     . HOH Q 3 . ? 18.002  -3.051  -3.567  1.00 27.47 ? 28   HOH B O     1 
HETATM 991  O  O     . HOH Q 3 . ? 15.826  -1.720  0.305   1.00 18.31 ? 29   HOH B O     1 
HETATM 992  O  O     . HOH Q 3 . ? -1.022  -8.653  -11.072 1.00 15.12 ? 30   HOH B O     1 
HETATM 993  O  O     . HOH Q 3 . ? -5.189  -7.993  -6.505  1.00 15.84 ? 32   HOH B O     1 
HETATM 994  O  O     . HOH Q 3 . ? 8.054   5.927   -7.053  1.00 17.37 ? 33   HOH B O     1 
HETATM 995  O  O     . HOH Q 3 . ? 1.703   -0.436  -7.723  1.00 16.82 ? 34   HOH B O     1 
HETATM 996  O  O     . HOH Q 3 . ? 4.080   -2.659  2.113   1.00 24.46 ? 35   HOH B O     1 
HETATM 997  O  O     . HOH Q 3 . ? 13.426  1.457   -0.079  1.00 13.99 ? 36   HOH B O     1 
HETATM 998  O  O     . HOH Q 3 . ? 0.796   -5.810  -10.638 1.00 15.62 ? 37   HOH B O     1 
HETATM 999  O  O     . HOH Q 3 . ? 10.570  2.610   -1.204  1.00 13.70 ? 40   HOH B O     1 
HETATM 1000 O  O     . HOH Q 3 . ? 6.994   8.279   -7.439  1.00 27.17 ? 41   HOH B O     1 
HETATM 1001 O  O     . HOH Q 3 . ? 2.085   -2.374  0.548   1.00 34.53 ? 43   HOH B O     1 
HETATM 1002 O  O     . HOH Q 3 . ? 14.171  0.434   -8.738  1.00 30.79 ? 44   HOH B O     1 
HETATM 1003 O  O     . HOH Q 3 . ? 7.559   13.392  -4.714  1.00 23.96 ? 45   HOH B O     1 
HETATM 1004 O  O     . HOH Q 3 . ? 14.125  5.415   -8.623  1.00 28.75 ? 47   HOH B O     1 
HETATM 1005 O  O     . HOH Q 3 . ? 10.024  17.074  -5.780  1.00 35.90 ? 48   HOH B O     1 
HETATM 1006 O  O     . HOH Q 3 . ? -5.243  -5.356  -7.369  1.00 24.10 ? 66   HOH B O     1 
HETATM 1007 O  O     . HOH Q 3 . ? 8.055   -1.124  2.923   1.00 17.23 ? 90   HOH B O     1 
HETATM 1008 O  O     . HOH Q 3 . ? 9.898   -2.933  2.845   1.00 19.62 ? 118  HOH B O     1 
HETATM 1009 O  O     . HOH Q 3 . ? 8.937   4.598   -9.401  1.00 21.82 ? 124  HOH B O     1 
HETATM 1010 O  O     . HOH Q 3 . ? 18.726  7.010   0.816   1.00 31.77 ? 125  HOH B O     1 
HETATM 1011 O  O     . HOH Q 3 . ? 11.688  9.266   -7.256  1.00 25.27 ? 126  HOH B O     1 
HETATM 1012 O  O     . HOH Q 3 . ? -1.132  -9.039  1.694   1.00 24.31 ? 130  HOH B O     1 
HETATM 1013 O  O     . HOH Q 3 . ? 6.085   8.180   -10.117 1.00 31.97 ? 134  HOH B O     1 
HETATM 1014 O  O     . HOH Q 3 . ? -3.356  -4.316  -5.901  1.00 27.97 ? 143  HOH B O     1 
HETATM 1015 O  O     . HOH Q 3 . ? 9.022   10.089  -7.246  1.00 26.21 ? 147  HOH B O     1 
HETATM 1016 O  O     . HOH Q 3 . ? 18.896  14.912  -5.431  1.00 41.25 ? 155  HOH B O     1 
HETATM 1017 O  O     . HOH Q 3 . ? 16.815  4.524   -0.592  1.00 31.69 ? 157  HOH B O     1 
HETATM 1018 O  O     . HOH Q 3 . ? 14.276  -3.811  -6.623  1.00 35.01 ? 186  HOH B O     1 
HETATM 1019 O  O     . HOH Q 3 . ? -3.534  -5.382  4.904   1.00 42.23 ? 196  HOH B O     1 
HETATM 1020 O  O     . HOH Q 3 . ? 16.624  -0.474  -7.678  1.00 41.29 ? 202  HOH B O     1 
HETATM 1021 O  O     . HOH Q 3 . ? -3.764  -9.335  2.443   1.00 31.64 ? 203  HOH B O     1 
HETATM 1022 O  O     . HOH Q 3 . ? 17.602  7.372   -2.208  1.00 32.64 ? 207  HOH B O     1 
HETATM 1023 O  O     . HOH Q 3 . ? -5.359  -7.342  3.327   1.00 43.83 ? 213  HOH B O     1 
HETATM 1024 O  O     . HOH Q 3 . ? 7.221   -9.438  0.131   1.00 35.14 ? 214  HOH B O     1 
HETATM 1025 O  O     . HOH Q 3 . ? 8.019   15.387  -6.436  1.00 36.92 ? 219  HOH B O     1 
HETATM 1026 O  O     . HOH Q 3 . ? 13.507  8.100   -9.267  1.00 39.39 ? 220  HOH B O     1 
HETATM 1027 O  O     . HOH Q 3 . ? 1.403   -5.783  3.526   1.00 29.33 ? 224  HOH B O     1 
HETATM 1028 O  O     . HOH Q 3 . ? -4.722  -3.837  6.776   1.00 54.84 ? 231  HOH B O     1 
HETATM 1029 O  O     . HOH Q 3 . ? 6.552   -9.448  -2.774  1.00 39.27 ? 241  HOH B O     1 
HETATM 1030 O  O     . HOH Q 3 . ? -6.421  -12.706 1.115   1.00 39.79 ? 280  HOH B O     1 
HETATM 1031 O  O     . HOH Q 3 . ? 19.400  4.704   -1.313  1.00 40.08 ? 287  HOH B O     1 
HETATM 1032 O  O     . HOH Q 3 . ? 20.661  8.668   -7.916  1.00 43.90 ? 294  HOH B O     1 
HETATM 1033 O  O     . HOH Q 3 . ? -7.750  -9.757  1.427   1.00 47.12 ? 298  HOH B O     1 
HETATM 1034 O  O     . HOH Q 3 . ? 12.008  8.725   -11.618 1.00 48.14 ? 299  HOH B O     1 
HETATM 1035 O  O     . HOH Q 3 . ? 20.469  2.496   -2.445  1.00 36.90 ? 303  HOH B O     1 
HETATM 1036 O  O     . HOH Q 3 . ? 7.021   10.834  -11.191 1.00 41.94 ? 320  HOH B O     1 
HETATM 1037 O  O     . HOH Q 3 . ? 19.703  10.557  -4.325  1.00 42.46 ? 323  HOH B O     1 
HETATM 1038 O  O     . HOH Q 3 . ? 21.640  11.423  -2.626  1.00 51.08 ? 327  HOH B O     1 
HETATM 1039 O  O     . HOH Q 3 . ? -2.292  -5.063  2.759   1.00 51.68 ? 334  HOH B O     1 
HETATM 1040 O  O     . HOH Q 3 . ? -5.630  -15.071 0.187   1.00 49.81 ? 338  HOH B O     1 
HETATM 1041 O  O     . HOH Q 3 . ? 17.060  -2.662  -6.205  1.00 47.71 ? 348  HOH B O     1 
HETATM 1042 O  O     . HOH Q 3 . ? 20.353  13.699  -3.499  1.00 51.25 ? 361  HOH B O     1 
HETATM 1043 O  O     . HOH Q 3 . ? 14.409  2.621   -10.288 1.00 48.29 ? 376  HOH B O     1 
HETATM 1044 O  O     . HOH Q 3 . ? 12.412  4.469   -10.905 1.00 50.02 ? 382  HOH B O     1 
HETATM 1045 O  O     . HOH Q 3 . ? 16.246  3.693   -8.833  1.00 45.14 ? 383  HOH B O     1 
HETATM 1046 O  O     . HOH Q 3 . ? 7.422   -11.818 -3.693  1.00 41.46 ? 391  HOH B O     1 
HETATM 1047 O  O     . HOH Q 3 . ? 15.823  6.793   -10.124 1.00 39.82 ? 401  HOH B O     1 
HETATM 1048 O  O     . HOH Q 3 . ? 1.195   -3.147  -1.621  1.00 22.09 ? 1184 HOH B O     1 
HETATM 1049 O  O     . HOH R 3 . ? -6.478  9.741   -10.029 1.00 19.42 ? 51   HOH C O     1 
HETATM 1050 O  O     . HOH R 3 . ? -22.599 4.321   -2.841  1.00 37.63 ? 52   HOH C O     1 
HETATM 1051 O  O     . HOH R 3 . ? -12.228 6.627   -3.373  1.00 37.84 ? 53   HOH C O     1 
HETATM 1052 O  O     . HOH R 3 . ? -16.513 4.987   -8.730  1.00 35.06 ? 54   HOH C O     1 
HETATM 1053 O  O     . HOH R 3 . ? -8.221  7.099   -19.334 1.00 34.32 ? 55   HOH C O     1 
HETATM 1054 O  O     . HOH R 3 . ? -10.079 4.234   -3.071  1.00 29.75 ? 148  HOH C O     1 
HETATM 1055 O  O     . HOH R 3 . ? -16.796 9.717   2.581   1.00 47.39 ? 168  HOH C O     1 
HETATM 1056 O  O     . HOH R 3 . ? -18.735 8.374   6.568   1.00 41.31 ? 171  HOH C O     1 
HETATM 1057 O  O     . HOH R 3 . ? -18.555 2.526   -9.654  1.00 42.67 ? 174  HOH C O     1 
HETATM 1058 O  O     . HOH R 3 . ? -11.758 -1.083  -6.557  1.00 36.06 ? 175  HOH C O     1 
HETATM 1059 O  O     . HOH R 3 . ? -15.659 10.238  -14.928 1.00 42.73 ? 194  HOH C O     1 
HETATM 1060 O  O     . HOH R 3 . ? -13.533 0.897   -1.719  1.00 45.10 ? 242  HOH C O     1 
HETATM 1061 O  O     . HOH R 3 . ? -19.455 2.034   -13.669 1.00 55.50 ? 244  HOH C O     1 
HETATM 1062 O  O     . HOH R 3 . ? -9.796  5.928   -13.865 1.00 35.98 ? 253  HOH C O     1 
HETATM 1063 O  O     . HOH R 3 . ? -2.611  9.064   -12.966 1.00 42.22 ? 254  HOH C O     1 
HETATM 1064 O  O     . HOH R 3 . ? -10.657 1.914   -1.821  1.00 45.76 ? 264  HOH C O     1 
HETATM 1065 O  O     . HOH R 3 . ? -17.223 12.392  2.243   1.00 42.93 ? 274  HOH C O     1 
HETATM 1066 O  O     . HOH R 3 . ? -14.781 -0.422  4.570   1.00 46.91 ? 281  HOH C O     1 
HETATM 1067 O  O     . HOH R 3 . ? -10.307 12.368  -14.274 1.00 41.13 ? 291  HOH C O     1 
HETATM 1068 O  O     . HOH R 3 . ? -13.230 1.963   0.735   1.00 47.78 ? 300  HOH C O     1 
HETATM 1069 O  O     . HOH R 3 . ? -13.916 6.483   1.061   1.00 45.88 ? 315  HOH C O     1 
HETATM 1070 O  O     . HOH R 3 . ? -14.235 9.005   1.829   1.00 45.95 ? 344  HOH C O     1 
HETATM 1071 O  O     . HOH R 3 . ? -21.552 -0.952  1.289   1.00 48.00 ? 366  HOH C O     1 
HETATM 1072 O  O     . HOH S 3 . ? 2.179   -3.428  -11.015 1.00 20.85 ? 10   HOH D O     1 
HETATM 1073 O  O     . HOH S 3 . ? 0.302   -2.775  -8.086  1.00 14.95 ? 57   HOH D O     1 
HETATM 1074 O  O     . HOH S 3 . ? -2.264  -6.476  -9.301  1.00 16.74 ? 58   HOH D O     1 
HETATM 1075 O  O     . HOH S 3 . ? -5.883  5.887   -9.615  1.00 18.48 ? 59   HOH D O     1 
HETATM 1076 O  O     . HOH S 3 . ? -7.370  -1.913  -12.995 1.00 31.82 ? 60   HOH D O     1 
HETATM 1077 O  O     . HOH S 3 . ? -5.726  -5.452  -10.159 1.00 32.24 ? 61   HOH D O     1 
HETATM 1078 O  O     . HOH S 3 . ? -3.890  -6.535  -12.314 1.00 23.14 ? 64   HOH D O     1 
HETATM 1079 O  O     . HOH S 3 . ? 0.899   4.631   -13.412 1.00 36.40 ? 65   HOH D O     1 
HETATM 1080 O  O     . HOH S 3 . ? -3.764  4.243   -7.717  1.00 26.27 ? 68   HOH D O     1 
HETATM 1081 O  O     . HOH S 3 . ? -3.699  8.626   -7.635  1.00 28.97 ? 69   HOH D O     1 
HETATM 1082 O  O     . HOH S 3 . ? -0.338  2.025   -7.456  1.00 27.82 ? 73   HOH D O     1 
HETATM 1083 O  O     . HOH S 3 . ? -6.381  0.490   -17.349 1.00 34.29 ? 75   HOH D O     1 
HETATM 1084 O  O     . HOH S 3 . ? -1.399  -2.503  -5.826  1.00 21.40 ? 121  HOH D O     1 
HETATM 1085 O  O     . HOH S 3 . ? -0.035  -0.012  -11.702 1.00 21.20 ? 136  HOH D O     1 
HETATM 1086 O  O     . HOH S 3 . ? -16.455 8.576   -10.589 1.00 32.37 ? 137  HOH D O     1 
HETATM 1087 O  O     . HOH S 3 . ? -9.924  3.656   -15.093 1.00 27.88 ? 153  HOH D O     1 
HETATM 1088 O  O     . HOH S 3 . ? -6.093  6.823   -1.821  1.00 35.67 ? 154  HOH D O     1 
HETATM 1089 O  O     . HOH S 3 . ? -5.294  -2.871  -18.003 1.00 41.93 ? 156  HOH D O     1 
HETATM 1090 O  O     . HOH S 3 . ? -23.173 8.776   -4.934  1.00 37.68 ? 159  HOH D O     1 
HETATM 1091 O  O     . HOH S 3 . ? -6.672  -3.458  -15.107 1.00 34.35 ? 160  HOH D O     1 
HETATM 1092 O  O     . HOH S 3 . ? -14.672 11.745  -0.980  1.00 31.06 ? 165  HOH D O     1 
HETATM 1093 O  O     . HOH S 3 . ? -11.541 1.542   -13.882 1.00 42.55 ? 166  HOH D O     1 
HETATM 1094 O  O     . HOH S 3 . ? -12.749 10.181  -0.232  1.00 52.94 ? 167  HOH D O     1 
HETATM 1095 O  O     . HOH S 3 . ? -11.254 14.120  -8.793  1.00 39.59 ? 184  HOH D O     1 
HETATM 1096 O  O     . HOH S 3 . ? -4.996  -1.896  -4.034  1.00 32.18 ? 189  HOH D O     1 
HETATM 1097 O  O     . HOH S 3 . ? 1.359   -2.191  -21.702 1.00 33.92 ? 199  HOH D O     1 
HETATM 1098 O  O     . HOH S 3 . ? -13.497 14.236  1.058   1.00 48.33 ? 201  HOH D O     1 
HETATM 1099 O  O     . HOH S 3 . ? -2.029  10.191  -10.247 1.00 43.22 ? 209  HOH D O     1 
HETATM 1100 O  O     . HOH S 3 . ? -1.601  8.123   -5.972  1.00 37.82 ? 210  HOH D O     1 
HETATM 1101 O  O     . HOH S 3 . ? 2.398   6.551   -11.582 1.00 37.91 ? 215  HOH D O     1 
HETATM 1102 O  O     . HOH S 3 . ? -11.114 11.830  1.483   1.00 41.46 ? 229  HOH D O     1 
HETATM 1103 O  O     . HOH S 3 . ? -3.449  -3.645  -2.700  1.00 45.76 ? 261  HOH D O     1 
HETATM 1104 O  O     . HOH S 3 . ? -13.036 16.088  -0.780  1.00 48.61 ? 289  HOH D O     1 
HETATM 1105 O  O     . HOH S 3 . ? -9.525  -1.377  -14.638 1.00 42.43 ? 295  HOH D O     1 
HETATM 1106 O  O     . HOH S 3 . ? -13.476 -0.095  -15.045 1.00 49.97 ? 316  HOH D O     1 
HETATM 1107 O  O     . HOH S 3 . ? -5.915  10.196  -2.199  1.00 47.22 ? 341  HOH D O     1 
HETATM 1108 O  O     . HOH S 3 . ? -0.682  2.113   -10.255 1.00 47.66 ? 377  HOH D O     1 
HETATM 1109 O  O     . HOH S 3 . ? 2.574   -1.603  -13.694 1.00 40.63 ? 393  HOH D O     1 
HETATM 1110 O  O     . HOH T 3 . ? 4.043   -9.523  2.106   1.00 19.33 ? 31   HOH E O     1 
HETATM 1111 O  O     . HOH T 3 . ? 9.575   -5.379  3.582   1.00 29.44 ? 39   HOH E O     1 
HETATM 1112 O  O     . HOH T 3 . ? 9.960   1.079   2.163   1.00 13.97 ? 81   HOH E O     1 
HETATM 1113 O  O     . HOH T 3 . ? -7.160  -10.402 17.289  1.00 24.90 ? 82   HOH E O     1 
HETATM 1114 O  O     . HOH T 3 . ? 0.017   -8.939  22.672  1.00 26.37 ? 83   HOH E O     1 
HETATM 1115 O  O     . HOH T 3 . ? 17.535  -0.728  9.863   1.00 25.39 ? 85   HOH E O     1 
HETATM 1116 O  O     . HOH T 3 . ? 5.555   -0.487  2.005   1.00 21.01 ? 86   HOH E O     1 
HETATM 1117 O  O     . HOH T 3 . ? 1.978   -6.331  6.429   1.00 19.29 ? 87   HOH E O     1 
HETATM 1118 O  O     . HOH T 3 . ? 16.454  2.617   7.087   1.00 27.25 ? 88   HOH E O     1 
HETATM 1119 O  O     . HOH T 3 . ? -3.070  -18.277 20.275  1.00 24.33 ? 89   HOH E O     1 
HETATM 1120 O  O     . HOH T 3 . ? 1.581   -5.717  20.385  1.00 22.36 ? 92   HOH E O     1 
HETATM 1121 O  O     . HOH T 3 . ? 9.348   -8.604  4.462   1.00 30.41 ? 93   HOH E O     1 
HETATM 1122 O  O     . HOH T 3 . ? 3.710   -3.609  4.667   1.00 22.54 ? 94   HOH E O     1 
HETATM 1123 O  O     . HOH T 3 . ? 3.281   -6.077  9.540   1.00 19.20 ? 95   HOH E O     1 
HETATM 1124 O  O     . HOH T 3 . ? -0.231  -6.345  22.161  1.00 23.20 ? 96   HOH E O     1 
HETATM 1125 O  O     . HOH T 3 . ? -6.737  -11.902 12.759  1.00 30.49 ? 97   HOH E O     1 
HETATM 1126 O  O     . HOH T 3 . ? 0.782   1.590   10.144  1.00 30.44 ? 98   HOH E O     1 
HETATM 1127 O  O     . HOH T 3 . ? -3.403  -5.077  23.539  1.00 38.54 ? 100  HOH E O     1 
HETATM 1128 O  O     . HOH T 3 . ? 9.679   0.388   10.482  1.00 34.11 ? 101  HOH E O     1 
HETATM 1129 O  O     . HOH T 3 . ? 7.013   -2.167  13.963  1.00 27.48 ? 128  HOH E O     1 
HETATM 1130 O  O     . HOH T 3 . ? -0.029  -16.198 21.279  1.00 18.01 ? 129  HOH E O     1 
HETATM 1131 O  O     . HOH T 3 . ? 1.055   -0.532  2.020   1.00 33.74 ? 131  HOH E O     1 
HETATM 1132 O  O     . HOH T 3 . ? 6.142   2.284   9.708   1.00 38.11 ? 138  HOH E O     1 
HETATM 1133 O  O     . HOH T 3 . ? 5.453   0.294   14.556  1.00 29.45 ? 141  HOH E O     1 
HETATM 1134 O  O     . HOH T 3 . ? 2.021   -10.075 21.295  1.00 36.45 ? 142  HOH E O     1 
HETATM 1135 O  O     . HOH T 3 . ? -1.669  -7.857  5.368   1.00 27.04 ? 146  HOH E O     1 
HETATM 1136 O  O     . HOH T 3 . ? 1.578   -9.900  8.069   1.00 33.99 ? 152  HOH E O     1 
HETATM 1137 O  O     . HOH T 3 . ? 1.326   -8.353  3.887   1.00 44.86 ? 158  HOH E O     1 
HETATM 1138 O  O     . HOH T 3 . ? 10.804  5.816   6.851   1.00 31.71 ? 169  HOH E O     1 
HETATM 1139 O  O     . HOH T 3 . ? 9.633   5.004   9.211   1.00 39.49 ? 170  HOH E O     1 
HETATM 1140 O  O     . HOH T 3 . ? 1.541   -11.543 10.647  1.00 45.00 ? 173  HOH E O     1 
HETATM 1141 O  O     . HOH T 3 . ? -7.254  -9.652  14.689  1.00 33.29 ? 177  HOH E O     1 
HETATM 1142 O  O     . HOH T 3 . ? -5.411  -19.689 19.850  1.00 30.98 ? 185  HOH E O     1 
HETATM 1143 O  O     . HOH T 3 . ? -2.371  -22.421 17.088  1.00 42.33 ? 192  HOH E O     1 
HETATM 1144 O  O     . HOH T 3 . ? 13.011  5.123   9.777   1.00 39.52 ? 204  HOH E O     1 
HETATM 1145 O  O     . HOH T 3 . ? -2.719  -0.149  4.988   1.00 38.42 ? 205  HOH E O     1 
HETATM 1146 O  O     . HOH T 3 . ? -3.575  -11.441 9.133   1.00 40.70 ? 211  HOH E O     1 
HETATM 1147 O  O     . HOH T 3 . ? -0.556  -18.751 18.584  1.00 43.07 ? 212  HOH E O     1 
HETATM 1148 O  O     . HOH T 3 . ? -4.106  -8.334  8.658   1.00 35.57 ? 217  HOH E O     1 
HETATM 1149 O  O     . HOH T 3 . ? 12.812  8.386   6.728   1.00 38.03 ? 218  HOH E O     1 
HETATM 1150 O  O     . HOH T 3 . ? 13.902  -3.120  11.997  1.00 33.82 ? 221  HOH E O     1 
HETATM 1151 O  O     . HOH T 3 . ? -7.102  -19.457 22.141  1.00 41.42 ? 222  HOH E O     1 
HETATM 1152 O  O     . HOH T 3 . ? 0.106   9.453   7.112   1.00 53.05 ? 230  HOH E O     1 
HETATM 1153 O  O     . HOH T 3 . ? 8.781   9.603   12.409  1.00 45.77 ? 232  HOH E O     1 
HETATM 1154 O  O     . HOH T 3 . ? 0.207   -11.597 19.098  1.00 34.85 ? 234  HOH E O     1 
HETATM 1155 O  O     . HOH T 3 . ? -1.595  -19.832 16.047  1.00 41.28 ? 237  HOH E O     1 
HETATM 1156 O  O     . HOH T 3 . ? 6.387   0.727   16.918  1.00 42.78 ? 239  HOH E O     1 
HETATM 1157 O  O     . HOH T 3 . ? 8.683   6.403   5.361   1.00 29.18 ? 245  HOH E O     1 
HETATM 1158 O  O     . HOH T 3 . ? 7.420   5.090   3.375   1.00 19.27 ? 246  HOH E O     1 
HETATM 1159 O  O     . HOH T 3 . ? 4.654   5.778   6.236   1.00 28.91 ? 247  HOH E O     1 
HETATM 1160 O  O     . HOH T 3 . ? 3.824   3.326   9.144   1.00 41.26 ? 256  HOH E O     1 
HETATM 1161 O  O     . HOH T 3 . ? -2.175  -7.142  24.773  1.00 40.55 ? 258  HOH E O     1 
HETATM 1162 O  O     . HOH T 3 . ? -0.897  -24.303 14.846  1.00 42.25 ? 265  HOH E O     1 
HETATM 1163 O  O     . HOH T 3 . ? 8.690   2.729   9.690   1.00 42.06 ? 269  HOH E O     1 
HETATM 1164 O  O     . HOH T 3 . ? -0.190  -4.694  24.265  1.00 35.72 ? 275  HOH E O     1 
HETATM 1165 O  O     . HOH T 3 . ? 1.323   -5.593  27.512  1.00 45.33 ? 278  HOH E O     1 
HETATM 1166 O  O     . HOH T 3 . ? 4.029   -6.273  21.889  1.00 36.56 ? 283  HOH E O     1 
HETATM 1167 O  O     . HOH T 3 . ? 15.543  -5.128  13.139  1.00 42.84 ? 285  HOH E O     1 
HETATM 1168 O  O     . HOH T 3 . ? -5.277  -16.146 14.347  1.00 42.28 ? 292  HOH E O     1 
HETATM 1169 O  O     . HOH T 3 . ? 0.460   -12.775 12.632  1.00 44.49 ? 293  HOH E O     1 
HETATM 1170 O  O     . HOH T 3 . ? 16.063  -0.593  12.268  1.00 47.46 ? 296  HOH E O     1 
HETATM 1171 O  O     . HOH T 3 . ? -4.873  -13.686 7.637   1.00 53.25 ? 301  HOH E O     1 
HETATM 1172 O  O     . HOH T 3 . ? -0.440  -11.688 8.859   1.00 45.20 ? 302  HOH E O     1 
HETATM 1173 O  O     . HOH T 3 . ? 3.662   -11.889 7.747   1.00 47.07 ? 308  HOH E O     1 
HETATM 1174 O  O     . HOH T 3 . ? 12.022  -1.632  13.200  1.00 52.36 ? 309  HOH E O     1 
HETATM 1175 O  O     . HOH T 3 . ? -2.953  -16.552 15.682  1.00 42.71 ? 310  HOH E O     1 
HETATM 1176 O  O     . HOH T 3 . ? 20.035  0.241   9.756   1.00 43.81 ? 321  HOH E O     1 
HETATM 1177 O  O     . HOH T 3 . ? -11.203 -16.666 20.223  1.00 47.39 ? 322  HOH E O     1 
HETATM 1178 O  O     . HOH T 3 . ? 10.166  7.338   12.408  1.00 44.13 ? 325  HOH E O     1 
HETATM 1179 O  O     . HOH T 3 . ? 0.356   6.668   8.723   1.00 51.30 ? 329  HOH E O     1 
HETATM 1180 O  O     . HOH T 3 . ? -8.173  -11.801 3.622   1.00 50.30 ? 332  HOH E O     1 
HETATM 1181 O  O     . HOH T 3 . ? 1.491   -27.010 14.248  1.00 44.49 ? 339  HOH E O     1 
HETATM 1182 O  O     . HOH T 3 . ? 2.768   -5.658  29.929  1.00 47.22 ? 340  HOH E O     1 
HETATM 1183 O  O     . HOH T 3 . ? -11.694 -14.194 21.253  1.00 47.81 ? 342  HOH E O     1 
HETATM 1184 O  O     . HOH T 3 . ? -3.139  8.599   7.741   1.00 42.44 ? 345  HOH E O     1 
HETATM 1185 O  O     . HOH T 3 . ? 2.908   -5.488  24.546  1.00 48.80 ? 347  HOH E O     1 
HETATM 1186 O  O     . HOH T 3 . ? -1.503  -17.622 11.632  1.00 49.00 ? 350  HOH E O     1 
HETATM 1187 O  O     . HOH T 3 . ? 1.684   -3.045  26.943  1.00 46.78 ? 351  HOH E O     1 
HETATM 1188 O  O     . HOH T 3 . ? 4.915   -4.809  26.162  1.00 46.35 ? 352  HOH E O     1 
HETATM 1189 O  O     . HOH T 3 . ? 0.313   -25.236 17.362  1.00 44.41 ? 353  HOH E O     1 
HETATM 1190 O  O     . HOH T 3 . ? 1.833   -27.417 16.933  1.00 45.15 ? 355  HOH E O     1 
HETATM 1191 O  O     . HOH T 3 . ? 6.856   5.230   8.016   1.00 45.89 ? 360  HOH E O     1 
HETATM 1192 O  O     . HOH T 3 . ? -1.697  -2.672  1.763   1.00 47.55 ? 362  HOH E O     1 
HETATM 1193 O  O     . HOH T 3 . ? -2.743  -15.543 13.131  1.00 50.98 ? 373  HOH E O     1 
HETATM 1194 O  O     . HOH T 3 . ? 1.990   5.390   6.907   1.00 42.87 ? 380  HOH E O     1 
HETATM 1195 O  O     . HOH T 3 . ? 1.254   3.605   8.581   1.00 47.08 ? 381  HOH E O     1 
HETATM 1196 O  O     . HOH T 3 . ? -0.098  -1.839  24.524  1.00 47.94 ? 395  HOH E O     1 
HETATM 1197 O  O     . HOH U 3 . ? 3.551   -9.502  11.426  1.00 16.56 ? 103  HOH F O     1 
HETATM 1198 O  O     . HOH U 3 . ? -4.452  -6.073  14.370  1.00 24.63 ? 104  HOH F O     1 
HETATM 1199 O  O     . HOH U 3 . ? -0.577  -2.789  19.127  1.00 27.51 ? 105  HOH F O     1 
HETATM 1200 O  O     . HOH U 3 . ? -4.145  -4.338  11.657  1.00 29.93 ? 106  HOH F O     1 
HETATM 1201 O  O     . HOH U 3 . ? -6.367  -0.068  13.159  1.00 36.14 ? 107  HOH F O     1 
HETATM 1202 O  O     . HOH U 3 . ? 4.653   -8.282  8.629   1.00 21.59 ? 110  HOH F O     1 
HETATM 1203 O  O     . HOH U 3 . ? 5.446   -10.839 18.467  1.00 29.20 ? 135  HOH F O     1 
HETATM 1204 O  O     . HOH U 3 . ? 12.106  -5.621  14.686  1.00 31.93 ? 140  HOH F O     1 
HETATM 1205 O  O     . HOH U 3 . ? -0.370  0.354   20.057  1.00 38.70 ? 149  HOH F O     1 
HETATM 1206 O  O     . HOH U 3 . ? 11.572  -14.464 10.160  1.00 38.75 ? 181  HOH F O     1 
HETATM 1207 O  O     . HOH U 3 . ? 11.365  -12.593 8.134   1.00 27.50 ? 187  HOH F O     1 
HETATM 1208 O  O     . HOH U 3 . ? -2.883  2.787   21.248  1.00 41.96 ? 195  HOH F O     1 
HETATM 1209 O  O     . HOH U 3 . ? -17.120 -2.052  17.550  1.00 46.82 ? 197  HOH F O     1 
HETATM 1210 O  O     . HOH U 3 . ? 11.530  -15.559 16.522  1.00 40.18 ? 208  HOH F O     1 
HETATM 1211 O  O     . HOH U 3 . ? 6.597   0.273   19.566  1.00 53.23 ? 216  HOH F O     1 
HETATM 1212 O  O     . HOH U 3 . ? -6.495  -2.312  28.181  1.00 38.95 ? 236  HOH F O     1 
HETATM 1213 O  O     . HOH U 3 . ? -6.847  2.711   20.276  1.00 44.84 ? 249  HOH F O     1 
HETATM 1214 O  O     . HOH U 3 . ? -6.644  -3.328  24.798  1.00 39.82 ? 259  HOH F O     1 
HETATM 1215 O  O     . HOH U 3 . ? -5.158  -1.047  26.158  1.00 41.49 ? 268  HOH F O     1 
HETATM 1216 O  O     . HOH U 3 . ? 5.652   -10.647 10.462  1.00 40.19 ? 273  HOH F O     1 
HETATM 1217 O  O     . HOH U 3 . ? 7.855   -16.553 19.516  1.00 44.72 ? 288  HOH F O     1 
HETATM 1218 O  O     . HOH U 3 . ? -2.048  1.812   12.366  1.00 35.30 ? 304  HOH F O     1 
HETATM 1219 O  O     . HOH U 3 . ? -9.125  -3.776  15.044  1.00 40.99 ? 305  HOH F O     1 
HETATM 1220 O  O     . HOH U 3 . ? -6.565  -0.155  30.535  1.00 50.90 ? 311  HOH F O     1 
HETATM 1221 O  O     . HOH U 3 . ? 5.428   -12.129 12.860  1.00 41.66 ? 324  HOH F O     1 
HETATM 1222 O  O     . HOH U 3 . ? 8.745   -15.361 16.732  1.00 45.41 ? 330  HOH F O     1 
HETATM 1223 O  O     . HOH U 3 . ? -8.854  -6.433  15.106  1.00 45.78 ? 365  HOH F O     1 
HETATM 1224 O  O     . HOH U 3 . ? -2.420  -6.767  15.722  1.00 40.40 ? 390  HOH F O     1 
HETATM 1225 O  O     . HOH U 3 . ? 5.985   -12.886 15.791  1.00 46.85 ? 394  HOH F O     1 
# 
